data_6E0Q
# 
_entry.id   6E0Q 
# 
_audit_conform.dict_name       mmcif_pdbx.dic 
_audit_conform.dict_version    5.379 
_audit_conform.dict_location   http://mmcif.pdb.org/dictionaries/ascii/mmcif_pdbx.dic 
# 
loop_
_database_2.database_id 
_database_2.database_code 
_database_2.pdbx_database_accession 
_database_2.pdbx_DOI 
PDB   6E0Q         pdb_00006e0q 10.2210/pdb6e0q/pdb 
WWPDB D_1000235497 ?            ?                   
# 
_pdbx_database_status.status_code                     REL 
_pdbx_database_status.status_code_sf                  REL 
_pdbx_database_status.status_code_mr                  ? 
_pdbx_database_status.entry_id                        6E0Q 
_pdbx_database_status.recvd_initial_deposition_date   2018-07-06 
_pdbx_database_status.SG_entry                        N 
_pdbx_database_status.deposit_site                    RCSB 
_pdbx_database_status.process_site                    RCSB 
_pdbx_database_status.status_code_cs                  ? 
_pdbx_database_status.methods_development_category    ? 
_pdbx_database_status.pdb_format_compatible           Y 
_pdbx_database_status.status_code_nmr_data            ? 
# 
loop_
_audit_author.name 
_audit_author.pdbx_ordinal 
_audit_author.identifier_ORCID 
'Dick, B.L.'     1 0000-0003-2024-7206 
'Morrison, C.N.' 2 0000-0002-4180-8407 
'Cohen, S.M.'    3 0000-0002-5233-2280 
# 
_citation.abstract                  ? 
_citation.abstract_id_CAS           ? 
_citation.book_id_ISBN              ? 
_citation.book_publisher            ? 
_citation.book_publisher_city       ? 
_citation.book_title                ? 
_citation.coordinate_linkage        ? 
_citation.country                   US 
_citation.database_id_Medline       ? 
_citation.details                   ? 
_citation.id                        primary 
_citation.journal_abbrev            'J. Med. Chem.' 
_citation.journal_id_ASTM           JMCMAR 
_citation.journal_id_CSD            0151 
_citation.journal_id_ISSN           1520-4804 
_citation.journal_full              ? 
_citation.journal_issue             ? 
_citation.journal_volume            61 
_citation.language                  ? 
_citation.page_first                10206 
_citation.page_last                 10217 
_citation.title                     'Structure-Activity Relationships in Metal-Binding Pharmacophores for Influenza Endonuclease.' 
_citation.year                      2018 
_citation.database_id_CSD           ? 
_citation.pdbx_database_id_DOI      10.1021/acs.jmedchem.8b01363 
_citation.pdbx_database_id_PubMed   30351002 
_citation.unpublished_flag          ? 
# 
loop_
_citation_author.citation_id 
_citation_author.name 
_citation_author.ordinal 
_citation_author.identifier_ORCID 
primary 'Credille, C.V.' 1 ? 
primary 'Dick, B.L.'     2 ? 
primary 'Morrison, C.N.' 3 ? 
primary 'Stokes, R.W.'   4 ? 
primary 'Adamek, R.N.'   5 ? 
primary 'Wu, N.C.'       6 ? 
primary 'Wilson, I.A.'   7 ? 
primary 'Cohen, S.M.'    8 ? 
# 
_cell.angle_alpha                  90.00 
_cell.angle_alpha_esd              ? 
_cell.angle_beta                   90.00 
_cell.angle_beta_esd               ? 
_cell.angle_gamma                  120.00 
_cell.angle_gamma_esd              ? 
_cell.entry_id                     6E0Q 
_cell.details                      ? 
_cell.formula_units_Z              ? 
_cell.length_a                     75.090 
_cell.length_a_esd                 ? 
_cell.length_b                     75.090 
_cell.length_b_esd                 ? 
_cell.length_c                     119.670 
_cell.length_c_esd                 ? 
_cell.volume                       ? 
_cell.volume_esd                   ? 
_cell.Z_PDB                        12 
_cell.reciprocal_angle_alpha       ? 
_cell.reciprocal_angle_beta        ? 
_cell.reciprocal_angle_gamma       ? 
_cell.reciprocal_angle_alpha_esd   ? 
_cell.reciprocal_angle_beta_esd    ? 
_cell.reciprocal_angle_gamma_esd   ? 
_cell.reciprocal_length_a          ? 
_cell.reciprocal_length_b          ? 
_cell.reciprocal_length_c          ? 
_cell.reciprocal_length_a_esd      ? 
_cell.reciprocal_length_b_esd      ? 
_cell.reciprocal_length_c_esd      ? 
_cell.pdbx_unique_axis             ? 
# 
_symmetry.entry_id                         6E0Q 
_symmetry.cell_setting                     ? 
_symmetry.Int_Tables_number                180 
_symmetry.space_group_name_Hall            ? 
_symmetry.space_group_name_H-M             'P 62 2 2' 
_symmetry.pdbx_full_space_group_name_H-M   ? 
# 
loop_
_entity.id 
_entity.type 
_entity.src_method 
_entity.pdbx_description 
_entity.formula_weight 
_entity.pdbx_number_of_molecules 
_entity.pdbx_ec 
_entity.pdbx_mutation 
_entity.pdbx_fragment 
_entity.details 
1 polymer     man 'Polymerase acidic protein'                                             22468.666 1 3.1.-.- ? 
'N-terminal domain (UNP residues 1-198)' ? 
2 non-polymer syn 'MANGANESE (II) ION'                                                    54.938    2 ?       ? ? ? 
3 non-polymer syn '4,6-dihydroxy-2-methyl-5-oxocyclohepta-1,3,6-triene-1-carboxylic acid' 196.157   1 ?       ? ? ? 
4 non-polymer syn 1,2-ETHANEDIOL                                                          62.068    2 ?       ? ? ? 
5 water       nat water                                                                   18.015    7 ?       ? ? ? 
# 
_entity_name_com.entity_id   1 
_entity_name_com.name        'RNA-directed RNA polymerase subunit P2' 
# 
_entity_poly.entity_id                      1 
_entity_poly.type                           'polypeptide(L)' 
_entity_poly.nstd_linkage                   no 
_entity_poly.nstd_monomer                   no 
_entity_poly.pdbx_seq_one_letter_code       
;MGSGMAMEDFVRQCFNPMIVELAEKAMKEYGEDPKIETNKFAAICTHLEVCFMYSDFGSGDPNALLKHRFEIIEGRDRIM
AWTVVNSICNTTGVEKPKFLPDLYDYKENRFIEIGVTRREVHIYYLEKANKIKSEKTHIHIFSFTGEEMATKADYTLDEE
SRARIKTRLFTIRQEMASRSLWDSFRQSERGE
;
_entity_poly.pdbx_seq_one_letter_code_can   
;MGSGMAMEDFVRQCFNPMIVELAEKAMKEYGEDPKIETNKFAAICTHLEVCFMYSDFGSGDPNALLKHRFEIIEGRDRIM
AWTVVNSICNTTGVEKPKFLPDLYDYKENRFIEIGVTRREVHIYYLEKANKIKSEKTHIHIFSFTGEEMATKADYTLDEE
SRARIKTRLFTIRQEMASRSLWDSFRQSERGE
;
_entity_poly.pdbx_strand_id                 A 
_entity_poly.pdbx_target_identifier         ? 
# 
loop_
_entity_poly_seq.entity_id 
_entity_poly_seq.num 
_entity_poly_seq.mon_id 
_entity_poly_seq.hetero 
1 1   MET n 
1 2   GLY n 
1 3   SER n 
1 4   GLY n 
1 5   MET n 
1 6   ALA n 
1 7   MET n 
1 8   GLU n 
1 9   ASP n 
1 10  PHE n 
1 11  VAL n 
1 12  ARG n 
1 13  GLN n 
1 14  CYS n 
1 15  PHE n 
1 16  ASN n 
1 17  PRO n 
1 18  MET n 
1 19  ILE n 
1 20  VAL n 
1 21  GLU n 
1 22  LEU n 
1 23  ALA n 
1 24  GLU n 
1 25  LYS n 
1 26  ALA n 
1 27  MET n 
1 28  LYS n 
1 29  GLU n 
1 30  TYR n 
1 31  GLY n 
1 32  GLU n 
1 33  ASP n 
1 34  PRO n 
1 35  LYS n 
1 36  ILE n 
1 37  GLU n 
1 38  THR n 
1 39  ASN n 
1 40  LYS n 
1 41  PHE n 
1 42  ALA n 
1 43  ALA n 
1 44  ILE n 
1 45  CYS n 
1 46  THR n 
1 47  HIS n 
1 48  LEU n 
1 49  GLU n 
1 50  VAL n 
1 51  CYS n 
1 52  PHE n 
1 53  MET n 
1 54  TYR n 
1 55  SER n 
1 56  ASP n 
1 57  PHE n 
1 58  GLY n 
1 59  SER n 
1 60  GLY n 
1 61  ASP n 
1 62  PRO n 
1 63  ASN n 
1 64  ALA n 
1 65  LEU n 
1 66  LEU n 
1 67  LYS n 
1 68  HIS n 
1 69  ARG n 
1 70  PHE n 
1 71  GLU n 
1 72  ILE n 
1 73  ILE n 
1 74  GLU n 
1 75  GLY n 
1 76  ARG n 
1 77  ASP n 
1 78  ARG n 
1 79  ILE n 
1 80  MET n 
1 81  ALA n 
1 82  TRP n 
1 83  THR n 
1 84  VAL n 
1 85  VAL n 
1 86  ASN n 
1 87  SER n 
1 88  ILE n 
1 89  CYS n 
1 90  ASN n 
1 91  THR n 
1 92  THR n 
1 93  GLY n 
1 94  VAL n 
1 95  GLU n 
1 96  LYS n 
1 97  PRO n 
1 98  LYS n 
1 99  PHE n 
1 100 LEU n 
1 101 PRO n 
1 102 ASP n 
1 103 LEU n 
1 104 TYR n 
1 105 ASP n 
1 106 TYR n 
1 107 LYS n 
1 108 GLU n 
1 109 ASN n 
1 110 ARG n 
1 111 PHE n 
1 112 ILE n 
1 113 GLU n 
1 114 ILE n 
1 115 GLY n 
1 116 VAL n 
1 117 THR n 
1 118 ARG n 
1 119 ARG n 
1 120 GLU n 
1 121 VAL n 
1 122 HIS n 
1 123 ILE n 
1 124 TYR n 
1 125 TYR n 
1 126 LEU n 
1 127 GLU n 
1 128 LYS n 
1 129 ALA n 
1 130 ASN n 
1 131 LYS n 
1 132 ILE n 
1 133 LYS n 
1 134 SER n 
1 135 GLU n 
1 136 LYS n 
1 137 THR n 
1 138 HIS n 
1 139 ILE n 
1 140 HIS n 
1 141 ILE n 
1 142 PHE n 
1 143 SER n 
1 144 PHE n 
1 145 THR n 
1 146 GLY n 
1 147 GLU n 
1 148 GLU n 
1 149 MET n 
1 150 ALA n 
1 151 THR n 
1 152 LYS n 
1 153 ALA n 
1 154 ASP n 
1 155 TYR n 
1 156 THR n 
1 157 LEU n 
1 158 ASP n 
1 159 GLU n 
1 160 GLU n 
1 161 SER n 
1 162 ARG n 
1 163 ALA n 
1 164 ARG n 
1 165 ILE n 
1 166 LYS n 
1 167 THR n 
1 168 ARG n 
1 169 LEU n 
1 170 PHE n 
1 171 THR n 
1 172 ILE n 
1 173 ARG n 
1 174 GLN n 
1 175 GLU n 
1 176 MET n 
1 177 ALA n 
1 178 SER n 
1 179 ARG n 
1 180 SER n 
1 181 LEU n 
1 182 TRP n 
1 183 ASP n 
1 184 SER n 
1 185 PHE n 
1 186 ARG n 
1 187 GLN n 
1 188 SER n 
1 189 GLU n 
1 190 ARG n 
1 191 GLY n 
1 192 GLU n 
# 
_entity_src_gen.entity_id                          1 
_entity_src_gen.pdbx_src_id                        1 
_entity_src_gen.pdbx_alt_source_flag               sample 
_entity_src_gen.pdbx_seq_type                      'Biological sequence' 
_entity_src_gen.pdbx_beg_seq_num                   1 
_entity_src_gen.pdbx_end_seq_num                   192 
_entity_src_gen.gene_src_common_name               ? 
_entity_src_gen.gene_src_genus                     ? 
_entity_src_gen.pdbx_gene_src_gene                 PA 
_entity_src_gen.gene_src_species                   ? 
_entity_src_gen.gene_src_strain                    'swl A/California/04/2009 H1N1' 
_entity_src_gen.gene_src_tissue                    ? 
_entity_src_gen.gene_src_tissue_fraction           ? 
_entity_src_gen.gene_src_details                   ? 
_entity_src_gen.pdbx_gene_src_fragment             ? 
_entity_src_gen.pdbx_gene_src_scientific_name      'Influenza A virus' 
_entity_src_gen.pdbx_gene_src_ncbi_taxonomy_id     641501 
_entity_src_gen.pdbx_gene_src_variant              ? 
_entity_src_gen.pdbx_gene_src_cell_line            ? 
_entity_src_gen.pdbx_gene_src_atcc                 ? 
_entity_src_gen.pdbx_gene_src_organ                ? 
_entity_src_gen.pdbx_gene_src_organelle            ? 
_entity_src_gen.pdbx_gene_src_cell                 ? 
_entity_src_gen.pdbx_gene_src_cellular_location    ? 
_entity_src_gen.host_org_common_name               ? 
_entity_src_gen.pdbx_host_org_scientific_name      'Escherichia coli' 
_entity_src_gen.pdbx_host_org_ncbi_taxonomy_id     562 
_entity_src_gen.host_org_genus                     ? 
_entity_src_gen.pdbx_host_org_gene                 ? 
_entity_src_gen.pdbx_host_org_organ                ? 
_entity_src_gen.host_org_species                   ? 
_entity_src_gen.pdbx_host_org_tissue               ? 
_entity_src_gen.pdbx_host_org_tissue_fraction      ? 
_entity_src_gen.pdbx_host_org_strain               ? 
_entity_src_gen.pdbx_host_org_variant              ? 
_entity_src_gen.pdbx_host_org_cell_line            ? 
_entity_src_gen.pdbx_host_org_atcc                 ? 
_entity_src_gen.pdbx_host_org_culture_collection   ? 
_entity_src_gen.pdbx_host_org_cell                 ? 
_entity_src_gen.pdbx_host_org_organelle            ? 
_entity_src_gen.pdbx_host_org_cellular_location    ? 
_entity_src_gen.pdbx_host_org_vector_type          ? 
_entity_src_gen.pdbx_host_org_vector               ? 
_entity_src_gen.host_org_details                   ? 
_entity_src_gen.expression_system_id               ? 
_entity_src_gen.plasmid_name                       ? 
_entity_src_gen.plasmid_details                    ? 
_entity_src_gen.pdbx_description                   ? 
# 
_struct_ref.id                         1 
_struct_ref.db_name                    UNP 
_struct_ref.db_code                    C3W5S0_I09A0 
_struct_ref.pdbx_db_accession          C3W5S0 
_struct_ref.pdbx_db_isoform            ? 
_struct_ref.entity_id                  1 
_struct_ref.pdbx_seq_one_letter_code   
;MEDFVRQCFNPMIVELAEKAMKEYGEDPKIETNKFAAICTHLEVCFMYSDFHFIDERGESIIVESGDPNALLKHRFEIIE
GRDRIMAWTVVNSICNTTGVEKPKFLPDLYDYKENRFIEIGVTRREVHIYYLEKANKIKSEKTHIHIFSFTGEEMATKAD
YTLDEESRARIKTRLFTIRQEMASRSLWDSFRQSERGE
;
_struct_ref.pdbx_align_begin           1 
# 
_struct_ref_seq.align_id                      1 
_struct_ref_seq.ref_id                        1 
_struct_ref_seq.pdbx_PDB_id_code              6E0Q 
_struct_ref_seq.pdbx_strand_id                A 
_struct_ref_seq.seq_align_beg                 7 
_struct_ref_seq.pdbx_seq_align_beg_ins_code   ? 
_struct_ref_seq.seq_align_end                 192 
_struct_ref_seq.pdbx_seq_align_end_ins_code   ? 
_struct_ref_seq.pdbx_db_accession             C3W5S0 
_struct_ref_seq.db_align_beg                  1 
_struct_ref_seq.pdbx_db_align_beg_ins_code    ? 
_struct_ref_seq.db_align_end                  198 
_struct_ref_seq.pdbx_db_align_end_ins_code    ? 
_struct_ref_seq.pdbx_auth_seq_align_beg       1 
_struct_ref_seq.pdbx_auth_seq_align_end       198 
# 
loop_
_struct_ref_seq_dif.align_id 
_struct_ref_seq_dif.pdbx_pdb_id_code 
_struct_ref_seq_dif.mon_id 
_struct_ref_seq_dif.pdbx_pdb_strand_id 
_struct_ref_seq_dif.seq_num 
_struct_ref_seq_dif.pdbx_pdb_ins_code 
_struct_ref_seq_dif.pdbx_seq_db_name 
_struct_ref_seq_dif.pdbx_seq_db_accession_code 
_struct_ref_seq_dif.db_mon_id 
_struct_ref_seq_dif.pdbx_seq_db_seq_num 
_struct_ref_seq_dif.details 
_struct_ref_seq_dif.pdbx_auth_seq_num 
_struct_ref_seq_dif.pdbx_ordinal 
1 6E0Q MET A 1  ? UNP C3W5S0 ?   ?  'expression tag' -5 1  
1 6E0Q GLY A 2  ? UNP C3W5S0 ?   ?  'expression tag' -4 2  
1 6E0Q SER A 3  ? UNP C3W5S0 ?   ?  'expression tag' -3 3  
1 6E0Q GLY A 4  ? UNP C3W5S0 ?   ?  'expression tag' -2 4  
1 6E0Q MET A 5  ? UNP C3W5S0 ?   ?  'expression tag' -1 5  
1 6E0Q ALA A 6  ? UNP C3W5S0 ?   ?  'expression tag' 0  6  
1 6E0Q GLY A 58 ? UNP C3W5S0 HIS 52 conflict         52 7  
1 6E0Q ?   A ?  ? UNP C3W5S0 PHE 53 deletion         ?  8  
1 6E0Q ?   A ?  ? UNP C3W5S0 ILE 54 deletion         ?  9  
1 6E0Q ?   A ?  ? UNP C3W5S0 ASP 55 deletion         ?  10 
1 6E0Q ?   A ?  ? UNP C3W5S0 GLU 56 deletion         ?  11 
1 6E0Q ?   A ?  ? UNP C3W5S0 ARG 57 deletion         ?  12 
1 6E0Q ?   A ?  ? UNP C3W5S0 GLY 58 deletion         ?  13 
1 6E0Q ?   A ?  ? UNP C3W5S0 GLU 59 deletion         ?  14 
1 6E0Q ?   A ?  ? UNP C3W5S0 SER 60 deletion         ?  15 
1 6E0Q ?   A ?  ? UNP C3W5S0 ILE 61 deletion         ?  16 
1 6E0Q ?   A ?  ? UNP C3W5S0 ILE 62 deletion         ?  17 
1 6E0Q ?   A ?  ? UNP C3W5S0 VAL 63 deletion         ?  18 
1 6E0Q ?   A ?  ? UNP C3W5S0 GLU 64 deletion         ?  19 
# 
loop_
_chem_comp.id 
_chem_comp.type 
_chem_comp.mon_nstd_flag 
_chem_comp.name 
_chem_comp.pdbx_synonyms 
_chem_comp.formula 
_chem_comp.formula_weight 
ALA 'L-peptide linking' y ALANINE                                                                 ?                 'C3 H7 N O2' 
89.093  
ARG 'L-peptide linking' y ARGININE                                                                ?                 
'C6 H15 N4 O2 1' 175.209 
ASN 'L-peptide linking' y ASPARAGINE                                                              ?                 'C4 H8 N2 O3' 
132.118 
ASP 'L-peptide linking' y 'ASPARTIC ACID'                                                         ?                 'C4 H7 N O4' 
133.103 
CYS 'L-peptide linking' y CYSTEINE                                                                ?                 'C3 H7 N O2 S' 
121.158 
EDO non-polymer         . 1,2-ETHANEDIOL                                                          'ETHYLENE GLYCOL' 'C2 H6 O2' 
62.068  
GLN 'L-peptide linking' y GLUTAMINE                                                               ?                 'C5 H10 N2 O3' 
146.144 
GLU 'L-peptide linking' y 'GLUTAMIC ACID'                                                         ?                 'C5 H9 N O4' 
147.129 
GLY 'peptide linking'   y GLYCINE                                                                 ?                 'C2 H5 N O2' 
75.067  
HIS 'L-peptide linking' y HISTIDINE                                                               ?                 
'C6 H10 N3 O2 1' 156.162 
HKD non-polymer         . '4,6-dihydroxy-2-methyl-5-oxocyclohepta-1,3,6-triene-1-carboxylic acid' ?                 'C9 H8 O5' 
196.157 
HOH non-polymer         . WATER                                                                   ?                 'H2 O' 18.015  
ILE 'L-peptide linking' y ISOLEUCINE                                                              ?                 'C6 H13 N O2' 
131.173 
LEU 'L-peptide linking' y LEUCINE                                                                 ?                 'C6 H13 N O2' 
131.173 
LYS 'L-peptide linking' y LYSINE                                                                  ?                 
'C6 H15 N2 O2 1' 147.195 
MET 'L-peptide linking' y METHIONINE                                                              ?                 
'C5 H11 N O2 S'  149.211 
MN  non-polymer         . 'MANGANESE (II) ION'                                                    ?                 'Mn 2' 54.938  
PHE 'L-peptide linking' y PHENYLALANINE                                                           ?                 'C9 H11 N O2' 
165.189 
PRO 'L-peptide linking' y PROLINE                                                                 ?                 'C5 H9 N O2' 
115.130 
SER 'L-peptide linking' y SERINE                                                                  ?                 'C3 H7 N O3' 
105.093 
THR 'L-peptide linking' y THREONINE                                                               ?                 'C4 H9 N O3' 
119.119 
TRP 'L-peptide linking' y TRYPTOPHAN                                                              ?                 
'C11 H12 N2 O2'  204.225 
TYR 'L-peptide linking' y TYROSINE                                                                ?                 'C9 H11 N O3' 
181.189 
VAL 'L-peptide linking' y VALINE                                                                  ?                 'C5 H11 N O2' 
117.146 
# 
_exptl.absorpt_coefficient_mu     ? 
_exptl.absorpt_correction_T_max   ? 
_exptl.absorpt_correction_T_min   ? 
_exptl.absorpt_correction_type    ? 
_exptl.absorpt_process_details    ? 
_exptl.entry_id                   6E0Q 
_exptl.crystals_number            1 
_exptl.details                    ? 
_exptl.method                     'X-RAY DIFFRACTION' 
_exptl.method_details             ? 
# 
_exptl_crystal.colour                      ? 
_exptl_crystal.density_diffrn              ? 
_exptl_crystal.density_Matthews            2.31 
_exptl_crystal.density_method              ? 
_exptl_crystal.density_percent_sol         46.68 
_exptl_crystal.description                 Octahedron 
_exptl_crystal.F_000                       ? 
_exptl_crystal.id                          1 
_exptl_crystal.preparation                 ? 
_exptl_crystal.size_max                    ? 
_exptl_crystal.size_mid                    ? 
_exptl_crystal.size_min                    ? 
_exptl_crystal.size_rad                    ? 
_exptl_crystal.colour_lustre               ? 
_exptl_crystal.colour_modifier             ? 
_exptl_crystal.colour_primary              ? 
_exptl_crystal.density_meas                ? 
_exptl_crystal.density_meas_esd            ? 
_exptl_crystal.density_meas_gt             ? 
_exptl_crystal.density_meas_lt             ? 
_exptl_crystal.density_meas_temp           ? 
_exptl_crystal.density_meas_temp_esd       ? 
_exptl_crystal.density_meas_temp_gt        ? 
_exptl_crystal.density_meas_temp_lt        ? 
_exptl_crystal.pdbx_crystal_image_url      ? 
_exptl_crystal.pdbx_crystal_image_format   ? 
_exptl_crystal.pdbx_mosaicity              ? 
_exptl_crystal.pdbx_mosaicity_esd          ? 
# 
_exptl_crystal_grow.apparatus       ? 
_exptl_crystal_grow.atmosphere      ? 
_exptl_crystal_grow.crystal_id      1 
_exptl_crystal_grow.details         ? 
_exptl_crystal_grow.method          'VAPOR DIFFUSION, HANGING DROP' 
_exptl_crystal_grow.method_ref      ? 
_exptl_crystal_grow.pH              7.5 
_exptl_crystal_grow.pressure        ? 
_exptl_crystal_grow.pressure_esd    ? 
_exptl_crystal_grow.seeding         ? 
_exptl_crystal_grow.seeding_ref     ? 
_exptl_crystal_grow.temp            306 
_exptl_crystal_grow.temp_details    ? 
_exptl_crystal_grow.temp_esd        ? 
_exptl_crystal_grow.time            ? 
_exptl_crystal_grow.pdbx_details    '0.5 mM inhibitor, 30-32% PEG4000, 100 mM Tris, pH 8.35, 200-220 mM sodium acetate' 
_exptl_crystal_grow.pdbx_pH_range   ? 
# 
_diffrn.ambient_environment    ? 
_diffrn.ambient_temp           100 
_diffrn.ambient_temp_details   ? 
_diffrn.ambient_temp_esd       ? 
_diffrn.crystal_id             1 
_diffrn.crystal_support        ? 
_diffrn.crystal_treatment      ? 
_diffrn.details                ? 
_diffrn.id                     1 
_diffrn.ambient_pressure       ? 
_diffrn.ambient_pressure_esd   ? 
_diffrn.ambient_pressure_gt    ? 
_diffrn.ambient_pressure_lt    ? 
_diffrn.ambient_temp_gt        ? 
_diffrn.ambient_temp_lt        ? 
# 
_diffrn_detector.details                      ? 
_diffrn_detector.detector                     PIXEL 
_diffrn_detector.diffrn_id                    1 
_diffrn_detector.type                         'DECTRIS PILATUS3 6M' 
_diffrn_detector.area_resol_mean              ? 
_diffrn_detector.dtime                        ? 
_diffrn_detector.pdbx_frames_total            ? 
_diffrn_detector.pdbx_collection_time_total   ? 
_diffrn_detector.pdbx_collection_date         2018-06-15 
# 
_diffrn_radiation.collimation                      ? 
_diffrn_radiation.diffrn_id                        1 
_diffrn_radiation.filter_edge                      ? 
_diffrn_radiation.inhomogeneity                    ? 
_diffrn_radiation.monochromator                    'single crystal, cylindrically bent, Si(220)' 
_diffrn_radiation.polarisn_norm                    ? 
_diffrn_radiation.polarisn_ratio                   ? 
_diffrn_radiation.probe                            ? 
_diffrn_radiation.type                             ? 
_diffrn_radiation.xray_symbol                      ? 
_diffrn_radiation.wavelength_id                    1 
_diffrn_radiation.pdbx_monochromatic_or_laue_m_l   M 
_diffrn_radiation.pdbx_wavelength_list             ? 
_diffrn_radiation.pdbx_wavelength                  ? 
_diffrn_radiation.pdbx_diffrn_protocol             'SINGLE WAVELENGTH' 
_diffrn_radiation.pdbx_analyzer                    ? 
_diffrn_radiation.pdbx_scattering_type             x-ray 
# 
_diffrn_radiation_wavelength.id           1 
_diffrn_radiation_wavelength.wavelength   0.97741 
_diffrn_radiation_wavelength.wt           1.0 
# 
_diffrn_source.current                     ? 
_diffrn_source.details                     ? 
_diffrn_source.diffrn_id                   1 
_diffrn_source.power                       ? 
_diffrn_source.size                        ? 
_diffrn_source.source                      SYNCHROTRON 
_diffrn_source.target                      ? 
_diffrn_source.type                        'ALS BEAMLINE 5.0.1' 
_diffrn_source.voltage                     ? 
_diffrn_source.take-off_angle              ? 
_diffrn_source.pdbx_wavelength_list        0.97741 
_diffrn_source.pdbx_wavelength             ? 
_diffrn_source.pdbx_synchrotron_beamline   5.0.1 
_diffrn_source.pdbx_synchrotron_site       ALS 
# 
_reflns.B_iso_Wilson_estimate            ? 
_reflns.entry_id                         6E0Q 
_reflns.data_reduction_details           ? 
_reflns.data_reduction_method            ? 
_reflns.d_resolution_high                2.35 
_reflns.d_resolution_low                 44.03 
_reflns.details                          ? 
_reflns.limit_h_max                      ? 
_reflns.limit_h_min                      ? 
_reflns.limit_k_max                      ? 
_reflns.limit_k_min                      ? 
_reflns.limit_l_max                      ? 
_reflns.limit_l_min                      ? 
_reflns.number_all                       ? 
_reflns.number_obs                       8874 
_reflns.observed_criterion               ? 
_reflns.observed_criterion_F_max         ? 
_reflns.observed_criterion_F_min         ? 
_reflns.observed_criterion_I_max         ? 
_reflns.observed_criterion_I_min         ? 
_reflns.observed_criterion_sigma_F       ? 
_reflns.observed_criterion_sigma_I       ? 
_reflns.percent_possible_obs             100.0 
_reflns.R_free_details                   ? 
_reflns.Rmerge_F_all                     ? 
_reflns.Rmerge_F_obs                     ? 
_reflns.Friedel_coverage                 ? 
_reflns.number_gt                        ? 
_reflns.threshold_expression             ? 
_reflns.pdbx_redundancy                  35.1 
_reflns.pdbx_Rmerge_I_obs                0.07 
_reflns.pdbx_Rmerge_I_all                ? 
_reflns.pdbx_Rsym_value                  ? 
_reflns.pdbx_netI_over_av_sigmaI         ? 
_reflns.pdbx_netI_over_sigmaI            40.3 
_reflns.pdbx_res_netI_over_av_sigmaI_2   ? 
_reflns.pdbx_res_netI_over_sigmaI_2      ? 
_reflns.pdbx_chi_squared                 ? 
_reflns.pdbx_scaling_rejects             ? 
_reflns.pdbx_d_res_high_opt              ? 
_reflns.pdbx_d_res_low_opt               ? 
_reflns.pdbx_d_res_opt_method            ? 
_reflns.phase_calculation_details        ? 
_reflns.pdbx_Rrim_I_all                  ? 
_reflns.pdbx_Rpim_I_all                  ? 
_reflns.pdbx_d_opt                       ? 
_reflns.pdbx_number_measured_all         ? 
_reflns.pdbx_diffrn_id                   1 
_reflns.pdbx_ordinal                     1 
_reflns.pdbx_CC_half                     ? 
_reflns.pdbx_R_split                     ? 
# 
_reflns_shell.d_res_high                  2.35 
_reflns_shell.d_res_low                   2.43 
_reflns_shell.meanI_over_sigI_all         ? 
_reflns_shell.meanI_over_sigI_obs         8.6 
_reflns_shell.number_measured_all         ? 
_reflns_shell.number_measured_obs         ? 
_reflns_shell.number_possible             ? 
_reflns_shell.number_unique_all           ? 
_reflns_shell.number_unique_obs           846 
_reflns_shell.percent_possible_all        100.0 
_reflns_shell.percent_possible_obs        ? 
_reflns_shell.Rmerge_F_all                ? 
_reflns_shell.Rmerge_F_obs                ? 
_reflns_shell.Rmerge_I_all                ? 
_reflns_shell.Rmerge_I_obs                0.517 
_reflns_shell.meanI_over_sigI_gt          ? 
_reflns_shell.meanI_over_uI_all           ? 
_reflns_shell.meanI_over_uI_gt            ? 
_reflns_shell.number_measured_gt          ? 
_reflns_shell.number_unique_gt            ? 
_reflns_shell.percent_possible_gt         ? 
_reflns_shell.Rmerge_F_gt                 ? 
_reflns_shell.Rmerge_I_gt                 ? 
_reflns_shell.pdbx_redundancy             36.8 
_reflns_shell.pdbx_Rsym_value             ? 
_reflns_shell.pdbx_chi_squared            ? 
_reflns_shell.pdbx_netI_over_sigmaI_all   ? 
_reflns_shell.pdbx_netI_over_sigmaI_obs   ? 
_reflns_shell.pdbx_Rrim_I_all             ? 
_reflns_shell.pdbx_Rpim_I_all             ? 
_reflns_shell.pdbx_rejects                ? 
_reflns_shell.pdbx_ordinal                1 
_reflns_shell.pdbx_diffrn_id              1 
_reflns_shell.pdbx_CC_half                ? 
_reflns_shell.pdbx_R_split                ? 
# 
_refine.aniso_B[1][1]                            -0.61 
_refine.aniso_B[1][2]                            -0.30 
_refine.aniso_B[1][3]                            0.00 
_refine.aniso_B[2][2]                            -0.61 
_refine.aniso_B[2][3]                            -0.00 
_refine.aniso_B[3][3]                            1.97 
_refine.B_iso_max                                ? 
_refine.B_iso_mean                               44.568 
_refine.B_iso_min                                ? 
_refine.correlation_coeff_Fo_to_Fc               0.943 
_refine.correlation_coeff_Fo_to_Fc_free          0.923 
_refine.details                                  'HYDROGENS HAVE BEEN ADDED IN THE RIDING POSITIONS' 
_refine.diff_density_max                         ? 
_refine.diff_density_max_esd                     ? 
_refine.diff_density_min                         ? 
_refine.diff_density_min_esd                     ? 
_refine.diff_density_rms                         ? 
_refine.diff_density_rms_esd                     ? 
_refine.entry_id                                 6E0Q 
_refine.pdbx_refine_id                           'X-RAY DIFFRACTION' 
_refine.ls_abs_structure_details                 ? 
_refine.ls_abs_structure_Flack                   ? 
_refine.ls_abs_structure_Flack_esd               ? 
_refine.ls_abs_structure_Rogers                  ? 
_refine.ls_abs_structure_Rogers_esd              ? 
_refine.ls_d_res_high                            2.35 
_refine.ls_d_res_low                             44.03 
_refine.ls_extinction_coef                       ? 
_refine.ls_extinction_coef_esd                   ? 
_refine.ls_extinction_expression                 ? 
_refine.ls_extinction_method                     ? 
_refine.ls_goodness_of_fit_all                   ? 
_refine.ls_goodness_of_fit_all_esd               ? 
_refine.ls_goodness_of_fit_obs                   ? 
_refine.ls_goodness_of_fit_obs_esd               ? 
_refine.ls_hydrogen_treatment                    ? 
_refine.ls_matrix_type                           ? 
_refine.ls_number_constraints                    ? 
_refine.ls_number_parameters                     ? 
_refine.ls_number_reflns_all                     ? 
_refine.ls_number_reflns_obs                     7962 
_refine.ls_number_reflns_R_free                  880 
_refine.ls_number_reflns_R_work                  ? 
_refine.ls_number_restraints                     ? 
_refine.ls_percent_reflns_obs                    99.98 
_refine.ls_percent_reflns_R_free                 10.0 
_refine.ls_R_factor_all                          ? 
_refine.ls_R_factor_obs                          0.20584 
_refine.ls_R_factor_R_free                       0.25788 
_refine.ls_R_factor_R_free_error                 ? 
_refine.ls_R_factor_R_free_error_details         ? 
_refine.ls_R_factor_R_work                       0.20015 
_refine.ls_R_Fsqd_factor_obs                     ? 
_refine.ls_R_I_factor_obs                        ? 
_refine.ls_redundancy_reflns_all                 ? 
_refine.ls_redundancy_reflns_obs                 ? 
_refine.ls_restrained_S_all                      ? 
_refine.ls_restrained_S_obs                      ? 
_refine.ls_shift_over_esd_max                    ? 
_refine.ls_shift_over_esd_mean                   ? 
_refine.ls_structure_factor_coef                 ? 
_refine.ls_weighting_details                     ? 
_refine.ls_weighting_scheme                      ? 
_refine.ls_wR_factor_all                         ? 
_refine.ls_wR_factor_obs                         ? 
_refine.ls_wR_factor_R_free                      ? 
_refine.ls_wR_factor_R_work                      ? 
_refine.occupancy_max                            ? 
_refine.occupancy_min                            ? 
_refine.solvent_model_details                    ? 
_refine.solvent_model_param_bsol                 ? 
_refine.solvent_model_param_ksol                 ? 
_refine.ls_R_factor_gt                           ? 
_refine.ls_goodness_of_fit_gt                    ? 
_refine.ls_goodness_of_fit_ref                   ? 
_refine.ls_shift_over_su_max                     ? 
_refine.ls_shift_over_su_max_lt                  ? 
_refine.ls_shift_over_su_mean                    ? 
_refine.ls_shift_over_su_mean_lt                 ? 
_refine.pdbx_ls_sigma_I                          ? 
_refine.pdbx_ls_sigma_F                          ? 
_refine.pdbx_ls_sigma_Fsqd                       ? 
_refine.pdbx_data_cutoff_high_absF               ? 
_refine.pdbx_data_cutoff_high_rms_absF           ? 
_refine.pdbx_data_cutoff_low_absF                ? 
_refine.pdbx_isotropic_thermal_model             ? 
_refine.pdbx_ls_cross_valid_method               THROUGHOUT 
_refine.pdbx_method_to_determine_struct          'MOLECULAR REPLACEMENT' 
_refine.pdbx_starting_model                      'PDB entry 4AWM' 
_refine.pdbx_stereochemistry_target_values       ? 
_refine.pdbx_R_Free_selection_details            RANDOM 
_refine.pdbx_stereochem_target_val_spec_case     ? 
_refine.pdbx_overall_ESU_R                       0.432 
_refine.pdbx_overall_ESU_R_Free                  0.273 
_refine.pdbx_solvent_vdw_probe_radii             1.20 
_refine.pdbx_solvent_ion_probe_radii             0.80 
_refine.pdbx_solvent_shrinkage_radii             0.80 
_refine.pdbx_real_space_R                        ? 
_refine.pdbx_density_correlation                 ? 
_refine.pdbx_pd_number_of_powder_patterns        ? 
_refine.pdbx_pd_number_of_points                 ? 
_refine.pdbx_pd_meas_number_of_points            ? 
_refine.pdbx_pd_proc_ls_prof_R_factor            ? 
_refine.pdbx_pd_proc_ls_prof_wR_factor           ? 
_refine.pdbx_pd_Marquardt_correlation_coeff      ? 
_refine.pdbx_pd_Fsqrd_R_factor                   ? 
_refine.pdbx_pd_ls_matrix_band_width             ? 
_refine.pdbx_overall_phase_error                 ? 
_refine.pdbx_overall_SU_R_free_Cruickshank_DPI   ? 
_refine.pdbx_overall_SU_R_free_Blow_DPI          ? 
_refine.pdbx_overall_SU_R_Blow_DPI               ? 
_refine.pdbx_TLS_residual_ADP_flag               ? 
_refine.pdbx_diffrn_id                           1 
_refine.overall_SU_B                             7.652 
_refine.overall_SU_ML                            0.180 
_refine.overall_SU_R_Cruickshank_DPI             ? 
_refine.overall_SU_R_free                        ? 
_refine.overall_FOM_free_R_set                   ? 
_refine.overall_FOM_work_R_set                   ? 
_refine.pdbx_average_fsc_overall                 ? 
_refine.pdbx_average_fsc_work                    ? 
_refine.pdbx_average_fsc_free                    ? 
# 
_refine_hist.pdbx_refine_id                   'X-RAY DIFFRACTION' 
_refine_hist.cycle_id                         1 
_refine_hist.pdbx_number_atoms_protein        1479 
_refine_hist.pdbx_number_atoms_nucleic_acid   0 
_refine_hist.pdbx_number_atoms_ligand         24 
_refine_hist.number_atoms_solvent             7 
_refine_hist.number_atoms_total               1510 
_refine_hist.d_res_high                       2.35 
_refine_hist.d_res_low                        44.03 
# 
loop_
_refine_ls_restr.pdbx_refine_id 
_refine_ls_restr.criterion 
_refine_ls_restr.dev_ideal 
_refine_ls_restr.dev_ideal_target 
_refine_ls_restr.number 
_refine_ls_restr.rejects 
_refine_ls_restr.type 
_refine_ls_restr.weight 
_refine_ls_restr.pdbx_restraint_function 
'X-RAY DIFFRACTION' ? 0.009  0.014  1529 ? r_bond_refined_d             ? ? 
'X-RAY DIFFRACTION' ? 0.001  0.018  1352 ? r_bond_other_d               ? ? 
'X-RAY DIFFRACTION' ? 1.400  1.678  2048 ? r_angle_refined_deg          ? ? 
'X-RAY DIFFRACTION' ? 0.961  1.652  3173 ? r_angle_other_deg            ? ? 
'X-RAY DIFFRACTION' ? 6.180  5.000  176  ? r_dihedral_angle_1_deg       ? ? 
'X-RAY DIFFRACTION' ? 34.836 21.277 94   ? r_dihedral_angle_2_deg       ? ? 
'X-RAY DIFFRACTION' ? 18.905 15.000 285  ? r_dihedral_angle_3_deg       ? ? 
'X-RAY DIFFRACTION' ? 23.199 15.000 14   ? r_dihedral_angle_4_deg       ? ? 
'X-RAY DIFFRACTION' ? 0.070  0.200  198  ? r_chiral_restr               ? ? 
'X-RAY DIFFRACTION' ? 0.006  0.020  1696 ? r_gen_planes_refined         ? ? 
'X-RAY DIFFRACTION' ? 0.001  0.020  298  ? r_gen_planes_other           ? ? 
'X-RAY DIFFRACTION' ? ?      ?      ?    ? r_nbd_refined                ? ? 
'X-RAY DIFFRACTION' ? ?      ?      ?    ? r_nbd_other                  ? ? 
'X-RAY DIFFRACTION' ? ?      ?      ?    ? r_nbtor_refined              ? ? 
'X-RAY DIFFRACTION' ? ?      ?      ?    ? r_nbtor_other                ? ? 
'X-RAY DIFFRACTION' ? ?      ?      ?    ? r_xyhbond_nbd_refined        ? ? 
'X-RAY DIFFRACTION' ? ?      ?      ?    ? r_xyhbond_nbd_other          ? ? 
'X-RAY DIFFRACTION' ? ?      ?      ?    ? r_metal_ion_refined          ? ? 
'X-RAY DIFFRACTION' ? ?      ?      ?    ? r_metal_ion_other            ? ? 
'X-RAY DIFFRACTION' ? ?      ?      ?    ? r_symmetry_vdw_refined       ? ? 
'X-RAY DIFFRACTION' ? ?      ?      ?    ? r_symmetry_vdw_other         ? ? 
'X-RAY DIFFRACTION' ? ?      ?      ?    ? r_symmetry_hbond_refined     ? ? 
'X-RAY DIFFRACTION' ? ?      ?      ?    ? r_symmetry_hbond_other       ? ? 
'X-RAY DIFFRACTION' ? ?      ?      ?    ? r_symmetry_metal_ion_refined ? ? 
'X-RAY DIFFRACTION' ? ?      ?      ?    ? r_symmetry_metal_ion_other   ? ? 
'X-RAY DIFFRACTION' ? 3.242  4.400  710  ? r_mcbond_it                  ? ? 
'X-RAY DIFFRACTION' ? 3.241  4.398  709  ? r_mcbond_other               ? ? 
'X-RAY DIFFRACTION' ? 4.590  6.594  884  ? r_mcangle_it                 ? ? 
'X-RAY DIFFRACTION' ? 4.588  6.597  885  ? r_mcangle_other              ? ? 
'X-RAY DIFFRACTION' ? 3.840  4.751  819  ? r_scbond_it                  ? ? 
'X-RAY DIFFRACTION' ? 3.838  4.752  820  ? r_scbond_other               ? ? 
'X-RAY DIFFRACTION' ? ?      ?      ?    ? r_scangle_it                 ? ? 
'X-RAY DIFFRACTION' ? 5.785  6.958  1165 ? r_scangle_other              ? ? 
'X-RAY DIFFRACTION' ? 7.219  48.893 1731 ? r_long_range_B_refined       ? ? 
'X-RAY DIFFRACTION' ? 7.217  48.909 1732 ? r_long_range_B_other         ? ? 
'X-RAY DIFFRACTION' ? ?      ?      ?    ? r_rigid_bond_restr           ? ? 
'X-RAY DIFFRACTION' ? ?      ?      ?    ? r_sphericity_free            ? ? 
'X-RAY DIFFRACTION' ? ?      ?      ?    ? r_sphericity_bonded          ? ? 
# 
_refine_ls_shell.pdbx_refine_id                   'X-RAY DIFFRACTION' 
_refine_ls_shell.d_res_high                       2.350 
_refine_ls_shell.d_res_low                        2.411 
_refine_ls_shell.number_reflns_all                ? 
_refine_ls_shell.number_reflns_obs                ? 
_refine_ls_shell.number_reflns_R_free             64 
_refine_ls_shell.number_reflns_R_work             570 
_refine_ls_shell.percent_reflns_obs               100.00 
_refine_ls_shell.percent_reflns_R_free            ? 
_refine_ls_shell.R_factor_all                     ? 
_refine_ls_shell.R_factor_obs                     ? 
_refine_ls_shell.R_factor_R_free                  0.286 
_refine_ls_shell.R_factor_R_free_error            ? 
_refine_ls_shell.R_factor_R_work                  0.193 
_refine_ls_shell.redundancy_reflns_all            ? 
_refine_ls_shell.redundancy_reflns_obs            ? 
_refine_ls_shell.wR_factor_all                    ? 
_refine_ls_shell.wR_factor_obs                    ? 
_refine_ls_shell.wR_factor_R_free                 ? 
_refine_ls_shell.wR_factor_R_work                 ? 
_refine_ls_shell.pdbx_total_number_of_bins_used   20 
_refine_ls_shell.pdbx_phase_error                 ? 
_refine_ls_shell.pdbx_fsc_work                    ? 
_refine_ls_shell.pdbx_fsc_free                    ? 
# 
_struct.entry_id                     6E0Q 
_struct.title                        
;The N-terminal domain of PA endonuclease from the influenza H1N1 virus in complex with 4,6-dihydroxy-2-methyl-5-oxocyclohepta-1,3,6-triene-1-carboxylic acid
;
_struct.pdbx_model_details           ? 
_struct.pdbx_formula_weight          ? 
_struct.pdbx_formula_weight_method   ? 
_struct.pdbx_model_type_details      ? 
_struct.pdbx_CASP_flag               N 
# 
_struct_keywords.entry_id        6E0Q 
_struct_keywords.text            
'Inhibitor, Endonuclease, Influenza, PA domain, HYDROLASE-HYDROLASE INHIBITOR complex, VIRAL PROTEIN' 
_struct_keywords.pdbx_keywords   'HYDROLASE/HYDROLASE INHIBITOR' 
# 
loop_
_struct_asym.id 
_struct_asym.pdbx_blank_PDB_chainid_flag 
_struct_asym.pdbx_modified 
_struct_asym.entity_id 
_struct_asym.details 
A N N 1 ? 
B N N 2 ? 
C N N 2 ? 
D N N 3 ? 
E N N 4 ? 
F N N 4 ? 
G N N 5 ? 
# 
loop_
_struct_conf.conf_type_id 
_struct_conf.id 
_struct_conf.pdbx_PDB_helix_id 
_struct_conf.beg_label_comp_id 
_struct_conf.beg_label_asym_id 
_struct_conf.beg_label_seq_id 
_struct_conf.pdbx_beg_PDB_ins_code 
_struct_conf.end_label_comp_id 
_struct_conf.end_label_asym_id 
_struct_conf.end_label_seq_id 
_struct_conf.pdbx_end_PDB_ins_code 
_struct_conf.beg_auth_comp_id 
_struct_conf.beg_auth_asym_id 
_struct_conf.beg_auth_seq_id 
_struct_conf.end_auth_comp_id 
_struct_conf.end_auth_asym_id 
_struct_conf.end_auth_seq_id 
_struct_conf.pdbx_PDB_helix_class 
_struct_conf.details 
_struct_conf.pdbx_PDB_helix_length 
HELX_P HELX_P1 AA1 ALA A 6   ? PHE A 15  ? ALA A 0   PHE A 9   1 ? 10 
HELX_P HELX_P2 AA2 ASN A 16  ? TYR A 30  ? ASN A 10  TYR A 24  1 ? 15 
HELX_P HELX_P3 AA3 GLU A 37  ? PHE A 57  ? GLU A 31  PHE A 51  1 ? 21 
HELX_P HELX_P4 AA4 ASP A 77  ? GLY A 93  ? ASP A 83  GLY A 99  1 ? 17 
HELX_P HELX_P5 AA5 GLU A 120 ? ILE A 132 ? GLU A 126 ILE A 138 1 ? 13 
HELX_P HELX_P6 AA6 LYS A 152 ? ASP A 154 ? LYS A 158 ASP A 160 5 ? 3  
HELX_P HELX_P7 AA7 ASP A 158 ? ARG A 179 ? ASP A 164 ARG A 185 1 ? 22 
HELX_P HELX_P8 AA8 LEU A 181 ? SER A 188 ? LEU A 187 SER A 194 1 ? 8  
# 
_struct_conf_type.id          HELX_P 
_struct_conf_type.criteria    ? 
_struct_conf_type.reference   ? 
# 
loop_
_struct_conn.id 
_struct_conn.conn_type_id 
_struct_conn.pdbx_leaving_atom_flag 
_struct_conn.pdbx_PDB_id 
_struct_conn.ptnr1_label_asym_id 
_struct_conn.ptnr1_label_comp_id 
_struct_conn.ptnr1_label_seq_id 
_struct_conn.ptnr1_label_atom_id 
_struct_conn.pdbx_ptnr1_label_alt_id 
_struct_conn.pdbx_ptnr1_PDB_ins_code 
_struct_conn.pdbx_ptnr1_standard_comp_id 
_struct_conn.ptnr1_symmetry 
_struct_conn.ptnr2_label_asym_id 
_struct_conn.ptnr2_label_comp_id 
_struct_conn.ptnr2_label_seq_id 
_struct_conn.ptnr2_label_atom_id 
_struct_conn.pdbx_ptnr2_label_alt_id 
_struct_conn.pdbx_ptnr2_PDB_ins_code 
_struct_conn.ptnr1_auth_asym_id 
_struct_conn.ptnr1_auth_comp_id 
_struct_conn.ptnr1_auth_seq_id 
_struct_conn.ptnr2_auth_asym_id 
_struct_conn.ptnr2_auth_comp_id 
_struct_conn.ptnr2_auth_seq_id 
_struct_conn.ptnr2_symmetry 
_struct_conn.pdbx_ptnr3_label_atom_id 
_struct_conn.pdbx_ptnr3_label_seq_id 
_struct_conn.pdbx_ptnr3_label_comp_id 
_struct_conn.pdbx_ptnr3_label_asym_id 
_struct_conn.pdbx_ptnr3_label_alt_id 
_struct_conn.pdbx_ptnr3_PDB_ins_code 
_struct_conn.details 
_struct_conn.pdbx_dist_value 
_struct_conn.pdbx_value_order 
_struct_conn.pdbx_role 
metalc1  metalc ? ? A HIS 47  NE2 ? ? ? 1_555 B MN  . MN  ? ? A HIS 41  A MN  201 1_555 ? ? ? ? ? ? ? 2.341 ? ? 
metalc2  metalc ? ? A GLU 74  OE2 ? ? ? 1_555 C MN  . MN  ? ? A GLU 80  A MN  202 1_555 ? ? ? ? ? ? ? 2.018 ? ? 
metalc3  metalc ? ? A ASP 102 OD2 ? ? ? 1_555 B MN  . MN  ? ? A ASP 108 A MN  201 1_555 ? ? ? ? ? ? ? 2.239 ? ? 
metalc4  metalc ? ? A ASP 102 OD1 ? ? ? 1_555 C MN  . MN  ? ? A ASP 108 A MN  202 1_555 ? ? ? ? ? ? ? 2.089 ? ? 
metalc5  metalc ? ? A GLU 113 OE2 ? ? ? 1_555 B MN  . MN  ? ? A GLU 119 A MN  201 1_555 ? ? ? ? ? ? ? 2.146 ? ? 
metalc6  metalc ? ? A ILE 114 O   ? ? ? 1_555 B MN  . MN  ? ? A ILE 120 A MN  201 1_555 ? ? ? ? ? ? ? 2.157 ? ? 
metalc7  metalc ? ? B MN  .   MN  ? ? ? 1_555 D HKD . OAM ? ? A MN  201 A HKD 203 1_555 ? ? ? ? ? ? ? 2.090 ? ? 
metalc8  metalc ? ? B MN  .   MN  ? ? ? 1_555 D HKD . OAN ? ? A MN  201 A HKD 203 1_555 ? ? ? ? ? ? ? 2.082 ? ? 
metalc9  metalc ? ? C MN  .   MN  ? ? ? 1_555 D HKD . OAI ? ? A MN  202 A HKD 203 1_555 ? ? ? ? ? ? ? 2.147 ? ? 
metalc10 metalc ? ? C MN  .   MN  ? ? ? 1_555 D HKD . OAM ? ? A MN  202 A HKD 203 1_555 ? ? ? ? ? ? ? 2.164 ? ? 
metalc11 metalc ? ? C MN  .   MN  ? ? ? 1_555 G HOH . O   ? ? A MN  202 A HOH 301 1_555 ? ? ? ? ? ? ? 2.294 ? ? 
metalc12 metalc ? ? C MN  .   MN  ? ? ? 1_555 G HOH . O   ? ? A MN  202 A HOH 305 1_555 ? ? ? ? ? ? ? 2.356 ? ? 
# 
_struct_conn_type.id          metalc 
_struct_conn_type.criteria    ? 
_struct_conn_type.reference   ? 
# 
_struct_sheet.id               AA1 
_struct_sheet.type             ? 
_struct_sheet.number_strands   5 
_struct_sheet.details          ? 
# 
loop_
_struct_sheet_order.sheet_id 
_struct_sheet_order.range_id_1 
_struct_sheet_order.range_id_2 
_struct_sheet_order.offset 
_struct_sheet_order.sense 
AA1 1 2 ? anti-parallel 
AA1 2 3 ? anti-parallel 
AA1 3 4 ? parallel      
AA1 4 5 ? anti-parallel 
# 
loop_
_struct_sheet_range.sheet_id 
_struct_sheet_range.id 
_struct_sheet_range.beg_label_comp_id 
_struct_sheet_range.beg_label_asym_id 
_struct_sheet_range.beg_label_seq_id 
_struct_sheet_range.pdbx_beg_PDB_ins_code 
_struct_sheet_range.end_label_comp_id 
_struct_sheet_range.end_label_asym_id 
_struct_sheet_range.end_label_seq_id 
_struct_sheet_range.pdbx_end_PDB_ins_code 
_struct_sheet_range.beg_auth_comp_id 
_struct_sheet_range.beg_auth_asym_id 
_struct_sheet_range.beg_auth_seq_id 
_struct_sheet_range.end_auth_comp_id 
_struct_sheet_range.end_auth_asym_id 
_struct_sheet_range.end_auth_seq_id 
AA1 1 PHE A 70  ? ILE A 72  ? PHE A 76  ILE A 78  
AA1 2 LEU A 103 ? ASP A 105 ? LEU A 109 ASP A 111 
AA1 3 ARG A 110 ? THR A 117 ? ARG A 116 THR A 123 
AA1 4 HIS A 138 ? SER A 143 ? HIS A 144 SER A 149 
AA1 5 GLU A 148 ? ALA A 150 ? GLU A 154 ALA A 156 
# 
loop_
_pdbx_struct_sheet_hbond.sheet_id 
_pdbx_struct_sheet_hbond.range_id_1 
_pdbx_struct_sheet_hbond.range_id_2 
_pdbx_struct_sheet_hbond.range_1_label_atom_id 
_pdbx_struct_sheet_hbond.range_1_label_comp_id 
_pdbx_struct_sheet_hbond.range_1_label_asym_id 
_pdbx_struct_sheet_hbond.range_1_label_seq_id 
_pdbx_struct_sheet_hbond.range_1_PDB_ins_code 
_pdbx_struct_sheet_hbond.range_1_auth_atom_id 
_pdbx_struct_sheet_hbond.range_1_auth_comp_id 
_pdbx_struct_sheet_hbond.range_1_auth_asym_id 
_pdbx_struct_sheet_hbond.range_1_auth_seq_id 
_pdbx_struct_sheet_hbond.range_2_label_atom_id 
_pdbx_struct_sheet_hbond.range_2_label_comp_id 
_pdbx_struct_sheet_hbond.range_2_label_asym_id 
_pdbx_struct_sheet_hbond.range_2_label_seq_id 
_pdbx_struct_sheet_hbond.range_2_PDB_ins_code 
_pdbx_struct_sheet_hbond.range_2_auth_atom_id 
_pdbx_struct_sheet_hbond.range_2_auth_comp_id 
_pdbx_struct_sheet_hbond.range_2_auth_asym_id 
_pdbx_struct_sheet_hbond.range_2_auth_seq_id 
AA1 1 2 N GLU A 71  ? N GLU A 77  O TYR A 104 ? O TYR A 110 
AA1 2 3 N LEU A 103 ? N LEU A 109 O ILE A 112 ? O ILE A 118 
AA1 3 4 N GLY A 115 ? N GLY A 121 O PHE A 142 ? O PHE A 148 
AA1 4 5 N ILE A 141 ? N ILE A 147 O MET A 149 ? O MET A 155 
# 
loop_
_struct_site.id 
_struct_site.pdbx_evidence_code 
_struct_site.pdbx_auth_asym_id 
_struct_site.pdbx_auth_comp_id 
_struct_site.pdbx_auth_seq_id 
_struct_site.pdbx_auth_ins_code 
_struct_site.pdbx_num_residues 
_struct_site.details 
AC1 Software A MN  201 ? 5  'binding site for residue MN A 201'  
AC2 Software A MN  202 ? 5  'binding site for residue MN A 202'  
AC3 Software A HKD 203 ? 12 'binding site for residue HKD A 203' 
AC4 Software A EDO 204 ? 5  'binding site for residue EDO A 204' 
AC5 Software A EDO 205 ? 4  'binding site for residue EDO A 205' 
# 
loop_
_struct_site_gen.id 
_struct_site_gen.site_id 
_struct_site_gen.pdbx_num_res 
_struct_site_gen.label_comp_id 
_struct_site_gen.label_asym_id 
_struct_site_gen.label_seq_id 
_struct_site_gen.pdbx_auth_ins_code 
_struct_site_gen.auth_comp_id 
_struct_site_gen.auth_asym_id 
_struct_site_gen.auth_seq_id 
_struct_site_gen.label_atom_id 
_struct_site_gen.label_alt_id 
_struct_site_gen.symmetry 
_struct_site_gen.details 
1  AC1 5  HIS A 47  ? HIS A 41  . ? 1_555 ? 
2  AC1 5  ASP A 102 ? ASP A 108 . ? 1_555 ? 
3  AC1 5  GLU A 113 ? GLU A 119 . ? 1_555 ? 
4  AC1 5  ILE A 114 ? ILE A 120 . ? 1_555 ? 
5  AC1 5  HKD D .   ? HKD A 203 . ? 1_555 ? 
6  AC2 5  GLU A 74  ? GLU A 80  . ? 1_555 ? 
7  AC2 5  ASP A 102 ? ASP A 108 . ? 1_555 ? 
8  AC2 5  HKD D .   ? HKD A 203 . ? 1_555 ? 
9  AC2 5  HOH G .   ? HOH A 301 . ? 1_555 ? 
10 AC2 5  HOH G .   ? HOH A 305 . ? 1_555 ? 
11 AC3 12 HIS A 47  ? HIS A 41  . ? 1_555 ? 
12 AC3 12 GLU A 74  ? GLU A 80  . ? 1_555 ? 
13 AC3 12 ASP A 102 ? ASP A 108 . ? 1_555 ? 
14 AC3 12 GLU A 113 ? GLU A 119 . ? 1_555 ? 
15 AC3 12 ILE A 114 ? ILE A 120 . ? 1_555 ? 
16 AC3 12 LYS A 128 ? LYS A 134 . ? 1_555 ? 
17 AC3 12 GLU A 192 ? GLU A 198 . ? 1_555 ? 
18 AC3 12 MN  B .   ? MN  A 201 . ? 1_555 ? 
19 AC3 12 MN  C .   ? MN  A 202 . ? 1_555 ? 
20 AC3 12 EDO E .   ? EDO A 204 . ? 1_555 ? 
21 AC3 12 EDO F .   ? EDO A 205 . ? 1_555 ? 
22 AC3 12 HOH G .   ? HOH A 303 . ? 1_555 ? 
23 AC4 5  HIS A 47  ? HIS A 41  . ? 1_555 ? 
24 AC4 5  GLU A 74  ? GLU A 80  . ? 1_555 ? 
25 AC4 5  GLY A 191 ? GLY A 197 . ? 1_555 ? 
26 AC4 5  HKD D .   ? HKD A 203 . ? 1_555 ? 
27 AC4 5  EDO F .   ? EDO A 205 . ? 1_555 ? 
28 AC5 4  GLU A 74  ? GLU A 80  . ? 1_555 ? 
29 AC5 4  HKD D .   ? HKD A 203 . ? 1_555 ? 
30 AC5 4  EDO E .   ? EDO A 204 . ? 1_555 ? 
31 AC5 4  HOH G .   ? HOH A 305 . ? 1_555 ? 
# 
_atom_sites.entry_id                    6E0Q 
_atom_sites.fract_transf_matrix[1][1]   -0.00115726 
_atom_sites.fract_transf_matrix[1][2]   0.00069497 
_atom_sites.fract_transf_matrix[1][3]   0.01531799 
_atom_sites.fract_transf_matrix[2][1]   0.00867829 
_atom_sites.fract_transf_matrix[2][2]   -0.00915971 
_atom_sites.fract_transf_matrix[2][3]   0.00879033 
_atom_sites.fract_transf_matrix[3][1]   0.00597427 
_atom_sites.fract_transf_matrix[3][2]   0.00583918 
_atom_sites.fract_transf_matrix[3][3]   0.00018643 
_atom_sites.fract_transf_vector[1]      -0.188455 
_atom_sites.fract_transf_vector[2]      0.222066 
_atom_sites.fract_transf_vector[3]      0.080163 
# 
loop_
_atom_type.symbol 
C  
MN 
N  
O  
S  
# 
loop_
_atom_site.group_PDB 
_atom_site.id 
_atom_site.type_symbol 
_atom_site.label_atom_id 
_atom_site.label_alt_id 
_atom_site.label_comp_id 
_atom_site.label_asym_id 
_atom_site.label_entity_id 
_atom_site.label_seq_id 
_atom_site.pdbx_PDB_ins_code 
_atom_site.Cartn_x 
_atom_site.Cartn_y 
_atom_site.Cartn_z 
_atom_site.occupancy 
_atom_site.B_iso_or_equiv 
_atom_site.pdbx_formal_charge 
_atom_site.auth_seq_id 
_atom_site.auth_comp_id 
_atom_site.auth_asym_id 
_atom_site.auth_atom_id 
_atom_site.pdbx_PDB_model_num 
ATOM   1    N  N   . ALA A 1 6   ? 13.654  4.722   -18.285 1.00 48.10 ? 0   ALA A N   1 
ATOM   2    C  CA  . ALA A 1 6   ? 12.681  3.641   -18.707 1.00 47.92 ? 0   ALA A CA  1 
ATOM   3    C  C   . ALA A 1 6   ? 11.694  3.386   -17.564 1.00 47.55 ? 0   ALA A C   1 
ATOM   4    O  O   . ALA A 1 6   ? 10.484  3.384   -17.775 1.00 52.28 ? 0   ALA A O   1 
ATOM   5    C  CB  . ALA A 1 6   ? 13.404  2.376   -19.104 1.00 49.62 ? 0   ALA A CB  1 
ATOM   6    N  N   . MET A 1 7   ? 12.222  3.221   -16.350 1.00 47.06 ? 1   MET A N   1 
ATOM   7    C  CA  . MET A 1 7   ? 11.397  2.980   -15.167 1.00 48.02 ? 1   MET A CA  1 
ATOM   8    C  C   . MET A 1 7   ? 10.521  4.210   -14.921 1.00 45.59 ? 1   MET A C   1 
ATOM   9    O  O   . MET A 1 7   ? 9.335   4.061   -14.582 1.00 44.03 ? 1   MET A O   1 
ATOM   10   C  CB  . MET A 1 7   ? 12.223  2.634   -13.916 1.00 43.52 ? 1   MET A CB  1 
ATOM   11   C  CG  . MET A 1 7   ? 11.391  2.437   -12.633 1.00 42.97 ? 1   MET A CG  1 
ATOM   12   S  SD  . MET A 1 7   ? 10.067  1.187   -12.812 1.00 41.88 ? 1   MET A SD  1 
ATOM   13   C  CE  . MET A 1 7   ? 10.994  -0.305  -12.470 1.00 38.58 ? 1   MET A CE  1 
ATOM   14   N  N   . GLU A 1 8   ? 11.074  5.406   -15.130 1.00 46.15 ? 2   GLU A N   1 
ATOM   15   C  CA  . GLU A 1 8   ? 10.259  6.614   -14.908 1.00 48.09 ? 2   GLU A CA  1 
ATOM   16   C  C   . GLU A 1 8   ? 9.128   6.682   -15.939 1.00 43.86 ? 2   GLU A C   1 
ATOM   17   O  O   . GLU A 1 8   ? 8.010   6.968   -15.575 1.00 48.02 ? 2   GLU A O   1 
ATOM   18   C  CB  . GLU A 1 8   ? 11.078  7.902   -14.939 1.00 51.48 ? 2   GLU A CB  1 
ATOM   19   C  CG  . GLU A 1 8   ? 10.193  9.145   -14.873 1.00 55.07 ? 2   GLU A CG  1 
ATOM   20   C  CD  . GLU A 1 8   ? 10.926  10.465  -15.029 1.00 54.69 ? 2   GLU A CD  1 
ATOM   21   O  OE1 . GLU A 1 8   ? 12.171  10.449  -14.990 1.00 50.27 ? 2   GLU A OE1 1 
ATOM   22   O  OE2 . GLU A 1 8   ? 10.250  11.507  -15.174 1.00 57.23 ? 2   GLU A OE2 1 
ATOM   23   N  N   . ASP A 1 9   ? 9.423   6.415   -17.216 1.00 49.31 ? 3   ASP A N   1 
ATOM   24   C  CA  . ASP A 1 9   ? 8.376   6.343   -18.272 1.00 49.47 ? 3   ASP A CA  1 
ATOM   25   C  C   . ASP A 1 9   ? 7.344   5.281   -17.885 1.00 49.76 ? 3   ASP A C   1 
ATOM   26   O  O   . ASP A 1 9   ? 6.125   5.534   -17.882 1.00 47.11 ? 3   ASP A O   1 
ATOM   27   C  CB  . ASP A 1 9   ? 8.940   5.969   -19.645 1.00 51.11 ? 3   ASP A CB  1 
ATOM   28   C  CG  . ASP A 1 9   ? 9.906   6.983   -20.231 1.00 49.61 ? 3   ASP A CG  1 
ATOM   29   O  OD1 . ASP A 1 9   ? 9.899   8.126   -19.774 1.00 50.94 ? 3   ASP A OD1 1 
ATOM   30   O  OD2 . ASP A 1 9   ? 10.667  6.607   -21.128 1.00 51.85 ? 3   ASP A OD2 1 
ATOM   31   N  N   . PHE A 1 10  ? 7.844   4.096   -17.522 1.00 44.84 ? 4   PHE A N   1 
ATOM   32   C  CA  . PHE A 1 10  ? 6.959   3.020   -17.160 1.00 45.88 ? 4   PHE A CA  1 
ATOM   33   C  C   . PHE A 1 10  ? 5.924   3.524   -16.154 1.00 39.04 ? 4   PHE A C   1 
ATOM   34   O  O   . PHE A 1 10  ? 4.732   3.267   -16.355 1.00 38.28 ? 4   PHE A O   1 
ATOM   35   C  CB  . PHE A 1 10  ? 7.680   1.803   -16.579 1.00 45.96 ? 4   PHE A CB  1 
ATOM   36   C  CG  . PHE A 1 10  ? 6.718   0.912   -15.836 1.00 43.48 ? 4   PHE A CG  1 
ATOM   37   C  CD1 . PHE A 1 10  ? 5.788   0.151   -16.528 1.00 42.26 ? 4   PHE A CD1 1 
ATOM   38   C  CD2 . PHE A 1 10  ? 6.678   0.905   -14.458 1.00 40.79 ? 4   PHE A CD2 1 
ATOM   39   C  CE1 . PHE A 1 10  ? 4.872   -0.643  -15.853 1.00 40.79 ? 4   PHE A CE1 1 
ATOM   40   C  CE2 . PHE A 1 10  ? 5.754   0.112   -13.790 1.00 46.23 ? 4   PHE A CE2 1 
ATOM   41   C  CZ  . PHE A 1 10  ? 4.846   -0.652  -14.488 1.00 41.81 ? 4   PHE A CZ  1 
ATOM   42   N  N   . VAL A 1 11  ? 6.354   4.240   -15.106 1.00 38.77 ? 5   VAL A N   1 
ATOM   43   C  CA  . VAL A 1 11  ? 5.361   4.620   -14.066 1.00 39.93 ? 5   VAL A CA  1 
ATOM   44   C  C   . VAL A 1 11  ? 4.432   5.716   -14.598 1.00 42.21 ? 5   VAL A C   1 
ATOM   45   O  O   . VAL A 1 11  ? 3.240   5.724   -14.281 1.00 42.51 ? 5   VAL A O   1 
ATOM   46   C  CB  . VAL A 1 11  ? 5.938   4.968   -12.678 1.00 39.85 ? 5   VAL A CB  1 
ATOM   47   C  CG1 . VAL A 1 11  ? 7.438   4.887   -12.589 1.00 46.15 ? 5   VAL A CG1 1 
ATOM   48   C  CG2 . VAL A 1 11  ? 5.441   6.293   -12.142 1.00 42.33 ? 5   VAL A CG2 1 
ATOM   49   N  N   . ARG A 1 12  ? 4.937   6.634   -15.427 1.00 50.03 ? 6   ARG A N   1 
ATOM   50   C  CA  . ARG A 1 12  ? 4.055   7.734   -15.890 1.00 52.67 ? 6   ARG A CA  1 
ATOM   51   C  C   . ARG A 1 12  ? 2.987   7.161   -16.833 1.00 51.38 ? 6   ARG A C   1 
ATOM   52   O  O   . ARG A 1 12  ? 1.928   7.750   -16.984 1.00 56.63 ? 6   ARG A O   1 
ATOM   53   C  CB  . ARG A 1 12  ? 4.826   8.888   -16.544 1.00 52.27 ? 6   ARG A CB  1 
ATOM   54   C  CG  . ARG A 1 12  ? 6.121   9.272   -15.841 1.00 51.63 ? 6   ARG A CG  1 
ATOM   55   C  CD  . ARG A 1 12  ? 6.585   10.684  -16.127 1.00 49.67 ? 6   ARG A CD  1 
ATOM   56   N  NE  . ARG A 1 12  ? 6.034   11.550  -15.101 1.00 54.27 ? 6   ARG A NE  1 
ATOM   57   C  CZ  . ARG A 1 12  ? 6.668   11.873  -13.981 1.00 55.33 ? 6   ARG A CZ  1 
ATOM   58   N  NH1 . ARG A 1 12  ? 7.962   11.619  -13.856 1.00 52.33 ? 6   ARG A NH1 1 
ATOM   59   N  NH2 . ARG A 1 12  ? 6.006   12.450  -12.993 1.00 51.19 ? 6   ARG A NH2 1 
ATOM   60   N  N   . GLN A 1 13  ? 3.253   5.984   -17.403 1.00 53.00 ? 7   GLN A N   1 
ATOM   61   C  CA  . GLN A 1 13  ? 2.405   5.383   -18.409 1.00 50.84 ? 7   GLN A CA  1 
ATOM   62   C  C   . GLN A 1 13  ? 1.457   4.332   -17.829 1.00 54.50 ? 7   GLN A C   1 
ATOM   63   O  O   . GLN A 1 13  ? 0.433   4.078   -18.448 1.00 58.40 ? 7   GLN A O   1 
ATOM   64   C  CB  . GLN A 1 13  ? 3.287   4.797   -19.506 1.00 58.76 ? 7   GLN A CB  1 
ATOM   65   C  CG  . GLN A 1 13  ? 3.863   5.882   -20.416 1.00 63.86 ? 7   GLN A CG  1 
ATOM   66   C  CD  . GLN A 1 13  ? 5.059   5.460   -21.232 1.00 65.38 ? 7   GLN A CD  1 
ATOM   67   O  OE1 . GLN A 1 13  ? 5.293   4.274   -21.475 1.00 64.30 ? 7   GLN A OE1 1 
ATOM   68   N  NE2 . GLN A 1 13  ? 5.825   6.448   -21.668 1.00 64.81 ? 7   GLN A NE2 1 
ATOM   69   N  N   . CYS A 1 14  ? 1.775   3.709   -16.683 1.00 54.04 ? 8   CYS A N   1 
ATOM   70   C  CA  . CYS A 1 14  ? 0.943   2.571   -16.207 1.00 53.18 ? 8   CYS A CA  1 
ATOM   71   C  C   . CYS A 1 14  ? 0.150   2.905   -14.931 1.00 55.39 ? 8   CYS A C   1 
ATOM   72   O  O   . CYS A 1 14  ? -0.617  2.067   -14.465 1.00 59.95 ? 8   CYS A O   1 
ATOM   73   C  CB  . CYS A 1 14  ? 1.750   1.292   -16.018 1.00 53.59 ? 8   CYS A CB  1 
ATOM   74   S  SG  . CYS A 1 14  ? 1.011   -0.107  -16.901 1.00 61.61 ? 8   CYS A SG  1 
ATOM   75   N  N   . PHE A 1 15  ? 0.316   4.109   -14.372 1.00 49.64 ? 9   PHE A N   1 
ATOM   76   C  CA  . PHE A 1 15  ? -0.485  4.550   -13.239 1.00 45.05 ? 9   PHE A CA  1 
ATOM   77   C  C   . PHE A 1 15  ? -1.152  5.862   -13.633 1.00 49.91 ? 9   PHE A C   1 
ATOM   78   O  O   . PHE A 1 15  ? -0.590  6.621   -14.440 1.00 48.70 ? 9   PHE A O   1 
ATOM   79   C  CB  . PHE A 1 15  ? 0.371   4.768   -11.994 1.00 41.72 ? 9   PHE A CB  1 
ATOM   80   C  CG  . PHE A 1 15  ? 1.020   3.527   -11.452 1.00 39.28 ? 9   PHE A CG  1 
ATOM   81   C  CD1 . PHE A 1 15  ? 0.297   2.632   -10.683 1.00 37.66 ? 9   PHE A CD1 1 
ATOM   82   C  CD2 . PHE A 1 15  ? 2.356   3.263   -11.701 1.00 40.29 ? 9   PHE A CD2 1 
ATOM   83   C  CE1 . PHE A 1 15  ? 0.894   1.477   -10.197 1.00 36.07 ? 9   PHE A CE1 1 
ATOM   84   C  CE2 . PHE A 1 15  ? 2.947   2.115   -11.201 1.00 38.24 ? 9   PHE A CE2 1 
ATOM   85   C  CZ  . PHE A 1 15  ? 2.213   1.231   -10.447 1.00 34.92 ? 9   PHE A CZ  1 
ATOM   86   N  N   . ASN A 1 16  ? -2.336  6.107   -13.071 1.00 47.95 ? 10  ASN A N   1 
ATOM   87   C  CA  . ASN A 1 16  ? -3.128  7.214   -13.493 1.00 51.30 ? 10  ASN A CA  1 
ATOM   88   C  C   . ASN A 1 16  ? -2.553  8.460   -12.840 1.00 54.25 ? 10  ASN A C   1 
ATOM   89   O  O   . ASN A 1 16  ? -2.056  8.417   -11.713 1.00 50.90 ? 10  ASN A O   1 
ATOM   90   C  CB  . ASN A 1 16  ? -4.627  7.006   -13.261 1.00 54.32 ? 10  ASN A CB  1 
ATOM   91   C  CG  . ASN A 1 16  ? -5.127  7.421   -11.899 1.00 58.69 ? 10  ASN A CG  1 
ATOM   92   O  OD1 . ASN A 1 16  ? -4.919  8.552   -11.462 1.00 63.30 ? 10  ASN A OD1 1 
ATOM   93   N  ND2 . ASN A 1 16  ? -5.851  6.524   -11.245 1.00 70.65 ? 10  ASN A ND2 1 
ATOM   94   N  N   . PRO A 1 17  ? -2.622  9.604   -13.559 1.00 53.81 ? 11  PRO A N   1 
ATOM   95   C  CA  . PRO A 1 17  ? -1.926  10.826  -13.158 1.00 48.93 ? 11  PRO A CA  1 
ATOM   96   C  C   . PRO A 1 17  ? -2.052  11.225  -11.677 1.00 45.63 ? 11  PRO A C   1 
ATOM   97   O  O   . PRO A 1 17  ? -1.127  11.837  -11.140 1.00 48.06 ? 11  PRO A O   1 
ATOM   98   C  CB  . PRO A 1 17  ? -2.568  11.903  -14.050 1.00 47.57 ? 11  PRO A CB  1 
ATOM   99   C  CG  . PRO A 1 17  ? -2.992  11.148  -15.289 1.00 52.83 ? 11  PRO A CG  1 
ATOM   100  C  CD  . PRO A 1 17  ? -3.360  9.752   -14.828 1.00 50.80 ? 11  PRO A CD  1 
ATOM   101  N  N   . MET A 1 18  ? -3.186  10.930  -11.038 1.00 44.47 ? 12  MET A N   1 
ATOM   102  C  CA  . MET A 1 18  ? -3.374  11.308  -9.632  1.00 47.90 ? 12  MET A CA  1 
ATOM   103  C  C   . MET A 1 18  ? -2.415  10.487  -8.759  1.00 44.86 ? 12  MET A C   1 
ATOM   104  O  O   . MET A 1 18  ? -1.800  11.024  -7.835  1.00 45.50 ? 12  MET A O   1 
ATOM   105  C  CB  . MET A 1 18  ? -4.807  11.075  -9.141  1.00 52.65 ? 12  MET A CB  1 
ATOM   106  C  CG  . MET A 1 18  ? -5.083  11.702  -7.776  1.00 60.92 ? 12  MET A CG  1 
ATOM   107  S  SD  . MET A 1 18  ? -6.579  11.061  -6.961  1.00 85.29 ? 12  MET A SD  1 
ATOM   108  C  CE  . MET A 1 18  ? -6.784  12.225  -5.610  1.00 78.38 ? 12  MET A CE  1 
ATOM   109  N  N   . ILE A 1 19  ? -2.297  9.186   -9.040  1.00 40.89 ? 13  ILE A N   1 
ATOM   110  C  CA  . ILE A 1 19  ? -1.379  8.355   -8.260  1.00 45.38 ? 13  ILE A CA  1 
ATOM   111  C  C   . ILE A 1 19  ? 0.056   8.858   -8.492  1.00 41.42 ? 13  ILE A C   1 
ATOM   112  O  O   . ILE A 1 19  ? 0.778   9.103   -7.539  1.00 37.96 ? 13  ILE A O   1 
ATOM   113  C  CB  . ILE A 1 19  ? -1.557  6.859   -8.577  1.00 49.25 ? 13  ILE A CB  1 
ATOM   114  C  CG1 . ILE A 1 19  ? -2.920  6.352   -8.093  1.00 48.69 ? 13  ILE A CG1 1 
ATOM   115  C  CG2 . ILE A 1 19  ? -0.401  6.060   -7.978  1.00 51.09 ? 13  ILE A CG2 1 
ATOM   116  C  CD1 . ILE A 1 19  ? -3.339  5.034   -8.706  1.00 50.29 ? 13  ILE A CD1 1 
ATOM   117  N  N   . VAL A 1 20  ? 0.434   9.084   -9.758  1.00 37.59 ? 14  VAL A N   1 
ATOM   118  C  CA  . VAL A 1 20  ? 1.790   9.560   -10.060 1.00 41.78 ? 14  VAL A CA  1 
ATOM   119  C  C   . VAL A 1 20  ? 2.072   10.875  -9.301  1.00 45.43 ? 14  VAL A C   1 
ATOM   120  O  O   . VAL A 1 20  ? 3.141   11.038  -8.694  1.00 45.51 ? 14  VAL A O   1 
ATOM   121  C  CB  . VAL A 1 20  ? 2.011   9.733   -11.574 1.00 41.36 ? 14  VAL A CB  1 
ATOM   122  C  CG1 . VAL A 1 20  ? 3.341   10.424  -11.860 1.00 39.44 ? 14  VAL A CG1 1 
ATOM   123  C  CG2 . VAL A 1 20  ? 1.895   8.411   -12.330 1.00 41.36 ? 14  VAL A CG2 1 
ATOM   124  N  N   . GLU A 1 21  ? 1.106   11.798  -9.304  1.00 40.36 ? 15  GLU A N   1 
ATOM   125  C  CA  . GLU A 1 21  ? 1.295   13.144  -8.752  1.00 44.46 ? 15  GLU A CA  1 
ATOM   126  C  C   . GLU A 1 21  ? 1.406   13.081  -7.220  1.00 41.67 ? 15  GLU A C   1 
ATOM   127  O  O   . GLU A 1 21  ? 2.282   13.744  -6.614  1.00 38.60 ? 15  GLU A O   1 
ATOM   128  C  CB  . GLU A 1 21  ? 0.161   14.053  -9.224  1.00 49.06 ? 15  GLU A CB  1 
ATOM   129  C  CG  . GLU A 1 21  ? 0.077   15.368  -8.473  1.00 56.93 ? 15  GLU A CG  1 
ATOM   130  C  CD  . GLU A 1 21  ? -0.854  16.387  -9.116  1.00 65.06 ? 15  GLU A CD  1 
ATOM   131  O  OE1 . GLU A 1 21  ? -1.192  17.382  -8.440  1.00 65.75 ? 15  GLU A OE1 1 
ATOM   132  O  OE2 . GLU A 1 21  ? -1.245  16.178  -10.290 1.00 68.17 ? 15  GLU A OE2 1 
ATOM   133  N  N   . LEU A 1 22  ? 0.536   12.281  -6.598  1.00 37.98 ? 16  LEU A N   1 
ATOM   134  C  CA  . LEU A 1 22  ? 0.577   12.055  -5.173  1.00 39.87 ? 16  LEU A CA  1 
ATOM   135  C  C   . LEU A 1 22  ? 1.936   11.443  -4.776  1.00 40.69 ? 16  LEU A C   1 
ATOM   136  O  O   . LEU A 1 22  ? 2.551   11.876  -3.773  1.00 35.58 ? 16  LEU A O   1 
ATOM   137  C  CB  . LEU A 1 22  ? -0.618  11.172  -4.781  1.00 40.28 ? 16  LEU A CB  1 
ATOM   138  C  CG  . LEU A 1 22  ? -1.965  11.908  -4.681  1.00 42.07 ? 16  LEU A CG  1 
ATOM   139  C  CD1 . LEU A 1 22  ? -3.139  10.953  -4.571  1.00 41.20 ? 16  LEU A CD1 1 
ATOM   140  C  CD2 . LEU A 1 22  ? -1.978  12.859  -3.495  1.00 44.02 ? 16  LEU A CD2 1 
ATOM   141  N  N   . ALA A 1 23  ? 2.438   10.493  -5.585  1.00 40.35 ? 17  ALA A N   1 
ATOM   142  C  CA  . ALA A 1 23  ? 3.699   9.782   -5.276  1.00 43.60 ? 17  ALA A CA  1 
ATOM   143  C  C   . ALA A 1 23  ? 4.875   10.736  -5.445  1.00 41.70 ? 17  ALA A C   1 
ATOM   144  O  O   . ALA A 1 23  ? 5.746   10.821  -4.580  1.00 45.52 ? 17  ALA A O   1 
ATOM   145  C  CB  . ALA A 1 23  ? 3.874   8.560   -6.150  1.00 44.30 ? 17  ALA A CB  1 
ATOM   146  N  N   . GLU A 1 24  ? 4.871   11.436  -6.579  1.00 42.24 ? 18  GLU A N   1 
ATOM   147  C  CA  . GLU A 1 24  ? 5.915   12.392  -6.946  1.00 47.02 ? 18  GLU A CA  1 
ATOM   148  C  C   . GLU A 1 24  ? 6.012   13.513  -5.897  1.00 45.57 ? 18  GLU A C   1 
ATOM   149  O  O   . GLU A 1 24  ? 7.129   13.905  -5.487  1.00 46.68 ? 18  GLU A O   1 
ATOM   150  C  CB  . GLU A 1 24  ? 5.613   12.950  -8.334  1.00 47.57 ? 18  GLU A CB  1 
ATOM   151  C  CG  . GLU A 1 24  ? 6.791   13.580  -9.031  1.00 50.36 ? 18  GLU A CG  1 
ATOM   152  C  CD  . GLU A 1 24  ? 6.585   13.595  -10.529 1.00 57.98 ? 18  GLU A CD  1 
ATOM   153  O  OE1 . GLU A 1 24  ? 5.393   13.713  -10.953 1.00 50.33 ? 18  GLU A OE1 1 
ATOM   154  O  OE2 . GLU A 1 24  ? 7.596   13.452  -11.268 1.00 57.86 ? 18  GLU A OE2 1 
ATOM   155  N  N   . LYS A 1 25  ? 4.854   14.012  -5.455  1.00 44.59 ? 19  LYS A N   1 
ATOM   156  C  CA  . LYS A 1 25  ? 4.793   15.075  -4.462  1.00 48.27 ? 19  LYS A CA  1 
ATOM   157  C  C   . LYS A 1 25  ? 5.394   14.556  -3.148  1.00 50.37 ? 19  LYS A C   1 
ATOM   158  O  O   . LYS A 1 25  ? 6.331   15.167  -2.591  1.00 51.83 ? 19  LYS A O   1 
ATOM   159  C  CB  . LYS A 1 25  ? 3.356   15.578  -4.313  1.00 55.05 ? 19  LYS A CB  1 
ATOM   160  C  CG  . LYS A 1 25  ? 3.141   16.641  -3.239  1.00 64.72 ? 19  LYS A CG  1 
ATOM   161  C  CD  . LYS A 1 25  ? 1.795   16.516  -2.527  1.00 69.06 ? 19  LYS A CD  1 
ATOM   162  C  CE  . LYS A 1 25  ? 1.544   17.574  -1.468  1.00 68.76 ? 19  LYS A CE  1 
ATOM   163  N  NZ  . LYS A 1 25  ? 0.090   17.806  -1.282  1.00 68.03 ? 19  LYS A NZ  1 
ATOM   164  N  N   . ALA A 1 26  ? 4.909   13.398  -2.678  1.00 50.62 ? 20  ALA A N   1 
ATOM   165  C  CA  . ALA A 1 26  ? 5.395   12.821  -1.433  1.00 45.78 ? 20  ALA A CA  1 
ATOM   166  C  C   . ALA A 1 26  ? 6.928   12.723  -1.478  1.00 48.85 ? 20  ALA A C   1 
ATOM   167  O  O   . ALA A 1 26  ? 7.608   13.105  -0.525  1.00 50.65 ? 20  ALA A O   1 
ATOM   168  C  CB  . ALA A 1 26  ? 4.747   11.481  -1.190  1.00 46.40 ? 20  ALA A CB  1 
ATOM   169  N  N   . MET A 1 27  ? 7.477   12.231  -2.597  1.00 47.26 ? 21  MET A N   1 
ATOM   170  C  CA  . MET A 1 27  ? 8.938   12.048  -2.719  1.00 48.16 ? 21  MET A CA  1 
ATOM   171  C  C   . MET A 1 27  ? 9.658   13.405  -2.646  1.00 50.69 ? 21  MET A C   1 
ATOM   172  O  O   . MET A 1 27  ? 10.640  13.559  -1.901  1.00 48.57 ? 21  MET A O   1 
ATOM   173  C  CB  . MET A 1 27  ? 9.313   11.317  -4.009  1.00 41.87 ? 21  MET A CB  1 
ATOM   174  C  CG  . MET A 1 27  ? 9.081   9.826   -3.917  1.00 40.58 ? 21  MET A CG  1 
ATOM   175  S  SD  . MET A 1 27  ? 9.443   8.976   -5.477  1.00 45.13 ? 21  MET A SD  1 
ATOM   176  C  CE  . MET A 1 27  ? 11.195  8.679   -5.258  1.00 38.84 ? 21  MET A CE  1 
ATOM   177  N  N   . LYS A 1 28  ? 9.153   14.390  -3.397  1.00 54.28 ? 22  LYS A N   1 
ATOM   178  C  CA  . LYS A 1 28  ? 9.854   15.668  -3.583  1.00 57.34 ? 22  LYS A CA  1 
ATOM   179  C  C   . LYS A 1 28  ? 9.812   16.504  -2.292  1.00 55.56 ? 22  LYS A C   1 
ATOM   180  O  O   . LYS A 1 28  ? 10.737  17.250  -2.026  1.00 63.33 ? 22  LYS A O   1 
ATOM   181  C  CB  . LYS A 1 28  ? 9.304   16.368  -4.830  1.00 61.43 ? 22  LYS A CB  1 
ATOM   182  C  CG  . LYS A 1 28  ? 9.806   15.768  -6.143  1.00 65.19 ? 22  LYS A CG  1 
ATOM   183  C  CD  . LYS A 1 28  ? 8.958   16.083  -7.354  1.00 69.43 ? 22  LYS A CD  1 
ATOM   184  C  CE  . LYS A 1 28  ? 8.600   17.548  -7.488  1.00 74.82 ? 22  LYS A CE  1 
ATOM   185  N  NZ  . LYS A 1 28  ? 7.782   17.799  -8.703  1.00 81.12 ? 22  LYS A NZ  1 
ATOM   186  N  N   . GLU A 1 29  ? 8.791   16.312  -1.456  1.00 54.56 ? 23  GLU A N   1 
ATOM   187  C  CA  . GLU A 1 29  ? 8.712   16.984  -0.152  1.00 57.48 ? 23  GLU A CA  1 
ATOM   188  C  C   . GLU A 1 29  ? 9.781   16.464  0.834   1.00 56.09 ? 23  GLU A C   1 
ATOM   189  O  O   . GLU A 1 29  ? 10.250  17.214  1.716   1.00 50.96 ? 23  GLU A O   1 
ATOM   190  C  CB  . GLU A 1 29  ? 7.294   16.839  0.406   1.00 59.76 ? 23  GLU A CB  1 
ATOM   191  C  CG  . GLU A 1 29  ? 6.293   17.719  -0.320  1.00 62.69 ? 23  GLU A CG  1 
ATOM   192  C  CD  . GLU A 1 29  ? 4.949   17.897  0.362   1.00 71.49 ? 23  GLU A CD  1 
ATOM   193  O  OE1 . GLU A 1 29  ? 4.123   18.670  -0.181  1.00 77.09 ? 23  GLU A OE1 1 
ATOM   194  O  OE2 . GLU A 1 29  ? 4.723   17.265  1.427   1.00 71.04 ? 23  GLU A OE2 1 
ATOM   195  N  N   . TYR A 1 30  ? 10.175  15.194  0.692   1.00 54.83 ? 24  TYR A N   1 
ATOM   196  C  CA  . TYR A 1 30  ? 11.166  14.559  1.586   1.00 58.88 ? 24  TYR A CA  1 
ATOM   197  C  C   . TYR A 1 30  ? 12.551  14.549  0.908   1.00 57.67 ? 24  TYR A C   1 
ATOM   198  O  O   . TYR A 1 30  ? 13.513  14.031  1.452   1.00 55.36 ? 24  TYR A O   1 
ATOM   199  C  CB  . TYR A 1 30  ? 10.633  13.196  2.049   1.00 58.98 ? 24  TYR A CB  1 
ATOM   200  C  CG  . TYR A 1 30  ? 9.356   13.323  2.849   1.00 68.37 ? 24  TYR A CG  1 
ATOM   201  C  CD1 . TYR A 1 30  ? 8.184   13.758  2.246   1.00 75.67 ? 24  TYR A CD1 1 
ATOM   202  C  CD2 . TYR A 1 30  ? 9.312   13.079  4.213   1.00 73.21 ? 24  TYR A CD2 1 
ATOM   203  C  CE1 . TYR A 1 30  ? 7.004   13.918  2.957   1.00 77.47 ? 24  TYR A CE1 1 
ATOM   204  C  CE2 . TYR A 1 30  ? 8.137   13.235  4.941   1.00 76.70 ? 24  TYR A CE2 1 
ATOM   205  C  CZ  . TYR A 1 30  ? 6.977   13.664  4.316   1.00 78.99 ? 24  TYR A CZ  1 
ATOM   206  O  OH  . TYR A 1 30  ? 5.806   13.837  5.003   1.00 76.00 ? 24  TYR A OH  1 
ATOM   207  N  N   . GLY A 1 31  ? 12.644  15.177  -0.271  1.00 58.68 ? 25  GLY A N   1 
ATOM   208  C  CA  . GLY A 1 31  ? 13.903  15.446  -0.945  1.00 57.78 ? 25  GLY A CA  1 
ATOM   209  C  C   . GLY A 1 31  ? 14.379  14.282  -1.802  1.00 58.57 ? 25  GLY A C   1 
ATOM   210  O  O   . GLY A 1 31  ? 15.570  14.183  -2.110  1.00 55.76 ? 25  GLY A O   1 
ATOM   211  N  N   . GLU A 1 32  ? 13.452  13.404  -2.200  1.00 59.80 ? 26  GLU A N   1 
ATOM   212  C  CA  . GLU A 1 32  ? 13.766  12.278  -3.080  1.00 57.10 ? 26  GLU A CA  1 
ATOM   213  C  C   . GLU A 1 32  ? 13.401  12.646  -4.520  1.00 48.65 ? 26  GLU A C   1 
ATOM   214  O  O   . GLU A 1 32  ? 12.269  12.995  -4.800  1.00 47.44 ? 26  GLU A O   1 
ATOM   215  C  CB  . GLU A 1 32  ? 13.006  11.031  -2.635  1.00 57.08 ? 26  GLU A CB  1 
ATOM   216  C  CG  . GLU A 1 32  ? 13.049  10.819  -1.141  1.00 61.61 ? 26  GLU A CG  1 
ATOM   217  C  CD  . GLU A 1 32  ? 13.157  9.373   -0.690  1.00 68.65 ? 26  GLU A CD  1 
ATOM   218  O  OE1 . GLU A 1 32  ? 13.979  8.607   -1.268  1.00 79.67 ? 26  GLU A OE1 1 
ATOM   219  O  OE2 . GLU A 1 32  ? 12.441  9.019   0.257   1.00 63.39 ? 26  GLU A OE2 1 
ATOM   220  N  N   . ASP A 1 33  ? 14.367  12.537  -5.433  1.00 44.98 ? 27  ASP A N   1 
ATOM   221  C  CA  . ASP A 1 33  ? 14.090  12.744  -6.857  1.00 47.05 ? 27  ASP A CA  1 
ATOM   222  C  C   . ASP A 1 33  ? 13.541  11.453  -7.481  1.00 44.28 ? 27  ASP A C   1 
ATOM   223  O  O   . ASP A 1 33  ? 14.221  10.433  -7.531  1.00 35.80 ? 27  ASP A O   1 
ATOM   224  C  CB  . ASP A 1 33  ? 15.332  13.230  -7.607  1.00 47.08 ? 27  ASP A CB  1 
ATOM   225  C  CG  . ASP A 1 33  ? 15.040  13.636  -9.039  1.00 47.97 ? 27  ASP A CG  1 
ATOM   226  O  OD1 . ASP A 1 33  ? 13.868  13.491  -9.476  1.00 48.36 ? 27  ASP A OD1 1 
ATOM   227  O  OD2 . ASP A 1 33  ? 15.986  14.064  -9.718  1.00 54.67 ? 27  ASP A OD2 1 
ATOM   228  N  N   . PRO A 1 34  ? 12.291  11.450  -7.993  1.00 44.18 ? 28  PRO A N   1 
ATOM   229  C  CA  . PRO A 1 34  ? 11.742  10.262  -8.643  1.00 42.48 ? 28  PRO A CA  1 
ATOM   230  C  C   . PRO A 1 34  ? 12.371  9.921   -9.999  1.00 43.87 ? 28  PRO A C   1 
ATOM   231  O  O   . PRO A 1 34  ? 12.048  8.892   -10.567 1.00 50.23 ? 28  PRO A O   1 
ATOM   232  C  CB  . PRO A 1 34  ? 10.247  10.549  -8.800  1.00 41.04 ? 28  PRO A CB  1 
ATOM   233  C  CG  . PRO A 1 34  ? 10.095  12.051  -8.625  1.00 42.52 ? 28  PRO A CG  1 
ATOM   234  C  CD  . PRO A 1 34  ? 11.324  12.552  -7.895  1.00 44.65 ? 28  PRO A CD  1 
ATOM   235  N  N   . LYS A 1 35  ? 13.298  10.748  -10.484 1.00 46.70 ? 29  LYS A N   1 
ATOM   236  C  CA  . LYS A 1 35  ? 14.046  10.410  -11.705 1.00 45.89 ? 29  LYS A CA  1 
ATOM   237  C  C   . LYS A 1 35  ? 15.274  9.554   -11.355 1.00 39.51 ? 29  LYS A C   1 
ATOM   238  O  O   . LYS A 1 35  ? 15.837  8.906   -12.221 1.00 41.20 ? 29  LYS A O   1 
ATOM   239  C  CB  . LYS A 1 35  ? 14.453  11.680  -12.462 1.00 51.08 ? 29  LYS A CB  1 
ATOM   240  C  CG  . LYS A 1 35  ? 13.364  12.740  -12.597 1.00 54.03 ? 29  LYS A CG  1 
ATOM   241  C  CD  . LYS A 1 35  ? 13.316  13.434  -13.949 1.00 60.33 ? 29  LYS A CD  1 
ATOM   242  C  CE  . LYS A 1 35  ? 12.187  14.441  -14.017 1.00 63.94 ? 29  LYS A CE  1 
ATOM   243  N  NZ  . LYS A 1 35  ? 11.454  14.360  -15.299 1.00 62.87 ? 29  LYS A NZ  1 
ATOM   244  N  N   . ILE A 1 36  ? 15.683  9.587   -10.086 1.00 41.92 ? 30  ILE A N   1 
ATOM   245  C  CA  . ILE A 1 36  ? 16.838  8.868   -9.518  1.00 44.61 ? 30  ILE A CA  1 
ATOM   246  C  C   . ILE A 1 36  ? 16.354  7.621   -8.768  1.00 42.60 ? 30  ILE A C   1 
ATOM   247  O  O   . ILE A 1 36  ? 16.910  6.523   -8.934  1.00 35.53 ? 30  ILE A O   1 
ATOM   248  C  CB  . ILE A 1 36  ? 17.626  9.780   -8.546  1.00 45.52 ? 30  ILE A CB  1 
ATOM   249  C  CG1 . ILE A 1 36  ? 18.251  10.994  -9.238  1.00 52.30 ? 30  ILE A CG1 1 
ATOM   250  C  CG2 . ILE A 1 36  ? 18.664  8.978   -7.768  1.00 45.17 ? 30  ILE A CG2 1 
ATOM   251  C  CD1 . ILE A 1 36  ? 18.722  12.087  -8.269  1.00 54.12 ? 30  ILE A CD1 1 
ATOM   252  N  N   . GLU A 1 37  ? 15.405  7.824   -7.838  1.00 40.47 ? 31  GLU A N   1 
ATOM   253  C  CA  . GLU A 1 37  ? 14.881  6.732   -7.012  1.00 40.18 ? 31  GLU A CA  1 
ATOM   254  C  C   . GLU A 1 37  ? 13.653  6.151   -7.717  1.00 37.46 ? 31  GLU A C   1 
ATOM   255  O  O   . GLU A 1 37  ? 12.535  6.227   -7.229  1.00 35.24 ? 31  GLU A O   1 
ATOM   256  C  CB  . GLU A 1 37  ? 14.637  7.230   -5.588  1.00 42.87 ? 31  GLU A CB  1 
ATOM   257  C  CG  . GLU A 1 37  ? 15.925  7.509   -4.822  1.00 48.05 ? 31  GLU A CG  1 
ATOM   258  C  CD  . GLU A 1 37  ? 16.882  6.322   -4.753  1.00 55.42 ? 31  GLU A CD  1 
ATOM   259  O  OE1 . GLU A 1 37  ? 18.042  6.489   -5.176  1.00 55.72 ? 31  GLU A OE1 1 
ATOM   260  O  OE2 . GLU A 1 37  ? 16.456  5.212   -4.311  1.00 55.06 ? 31  GLU A OE2 1 
ATOM   261  N  N   . THR A 1 38  ? 13.902  5.585   -8.900  1.00 38.70 ? 32  THR A N   1 
ATOM   262  C  CA  . THR A 1 38  ? 12.861  5.205   -9.836  1.00 38.90 ? 32  THR A CA  1 
ATOM   263  C  C   . THR A 1 38  ? 12.138  3.961   -9.322  1.00 38.81 ? 32  THR A C   1 
ATOM   264  O  O   . THR A 1 38  ? 10.914  3.890   -9.472  1.00 38.00 ? 32  THR A O   1 
ATOM   265  C  CB  . THR A 1 38  ? 13.430  4.995   -11.240 1.00 39.78 ? 32  THR A CB  1 
ATOM   266  O  OG1 . THR A 1 38  ? 14.446  4.036   -10.998 1.00 42.07 ? 32  THR A OG1 1 
ATOM   267  C  CG2 . THR A 1 38  ? 13.967  6.255   -11.888 1.00 37.54 ? 32  THR A CG2 1 
ATOM   268  N  N   . ASN A 1 39  ? 12.877  3.027   -8.694  1.00 36.14 ? 33  ASN A N   1 
ATOM   269  C  CA  . ASN A 1 39  ? 12.259  1.821   -8.079  1.00 39.21 ? 33  ASN A CA  1 
ATOM   270  C  C   . ASN A 1 39  ? 11.324  2.232   -6.935  1.00 39.19 ? 33  ASN A C   1 
ATOM   271  O  O   . ASN A 1 39  ? 10.185  1.717   -6.848  1.00 38.20 ? 33  ASN A O   1 
ATOM   272  C  CB  . ASN A 1 39  ? 13.279  0.753   -7.659  1.00 38.66 ? 33  ASN A CB  1 
ATOM   273  C  CG  . ASN A 1 39  ? 13.873  0.040   -8.858  1.00 38.62 ? 33  ASN A CG  1 
ATOM   274  O  OD1 . ASN A 1 39  ? 13.310  0.086   -9.946  1.00 37.01 ? 33  ASN A OD1 1 
ATOM   275  N  ND2 . ASN A 1 39  ? 15.019  -0.596  -8.693  1.00 38.07 ? 33  ASN A ND2 1 
ATOM   276  N  N   . LYS A 1 40  ? 11.778  3.169   -6.092  1.00 36.44 ? 34  LYS A N   1 
ATOM   277  C  CA  . LYS A 1 40  ? 10.956  3.720   -4.992  1.00 38.26 ? 34  LYS A CA  1 
ATOM   278  C  C   . LYS A 1 40  ? 9.655   4.353   -5.520  1.00 41.92 ? 34  LYS A C   1 
ATOM   279  O  O   . LYS A 1 40  ? 8.570   4.234   -4.931  1.00 36.85 ? 34  LYS A O   1 
ATOM   280  C  CB  . LYS A 1 40  ? 11.741  4.803   -4.254  1.00 41.74 ? 34  LYS A CB  1 
ATOM   281  C  CG  . LYS A 1 40  ? 11.175  5.176   -2.900  1.00 46.23 ? 34  LYS A CG  1 
ATOM   282  C  CD  . LYS A 1 40  ? 12.207  5.787   -2.007  1.00 52.15 ? 34  LYS A CD  1 
ATOM   283  C  CE  . LYS A 1 40  ? 12.069  5.357   -0.568  1.00 56.61 ? 34  LYS A CE  1 
ATOM   284  N  NZ  . LYS A 1 40  ? 12.923  6.207   0.292   1.00 63.46 ? 34  LYS A NZ  1 
ATOM   285  N  N   . PHE A 1 41  ? 9.794   5.055   -6.644  1.00 44.12 ? 35  PHE A N   1 
ATOM   286  C  CA  . PHE A 1 41  ? 8.720   5.763   -7.317  1.00 41.12 ? 35  PHE A CA  1 
ATOM   287  C  C   . PHE A 1 41  ? 7.636   4.752   -7.734  1.00 35.39 ? 35  PHE A C   1 
ATOM   288  O  O   . PHE A 1 41  ? 6.447   4.919   -7.410  1.00 34.13 ? 35  PHE A O   1 
ATOM   289  C  CB  . PHE A 1 41  ? 9.347   6.545   -8.480  1.00 38.95 ? 35  PHE A CB  1 
ATOM   290  C  CG  . PHE A 1 41  ? 8.438   7.479   -9.232  1.00 39.07 ? 35  PHE A CG  1 
ATOM   291  C  CD1 . PHE A 1 41  ? 7.364   8.100   -8.610  1.00 37.64 ? 35  PHE A CD1 1 
ATOM   292  C  CD2 . PHE A 1 41  ? 8.717   7.799   -10.558 1.00 37.66 ? 35  PHE A CD2 1 
ATOM   293  C  CE1 . PHE A 1 41  ? 6.547   8.970   -9.323  1.00 40.46 ? 35  PHE A CE1 1 
ATOM   294  C  CE2 . PHE A 1 41  ? 7.907   8.675   -11.264 1.00 38.30 ? 35  PHE A CE2 1 
ATOM   295  C  CZ  . PHE A 1 41  ? 6.824   9.260   -10.647 1.00 38.05 ? 35  PHE A CZ  1 
ATOM   296  N  N   . ALA A 1 42  ? 8.067   3.722   -8.469  1.00 32.84 ? 36  ALA A N   1 
ATOM   297  C  CA  . ALA A 1 42  ? 7.234   2.628   -8.902  1.00 31.51 ? 36  ALA A CA  1 
ATOM   298  C  C   . ALA A 1 42  ? 6.563   1.960   -7.696  1.00 32.66 ? 36  ALA A C   1 
ATOM   299  O  O   . ALA A 1 42  ? 5.396   1.653   -7.775  1.00 33.85 ? 36  ALA A O   1 
ATOM   300  C  CB  . ALA A 1 42  ? 8.042   1.628   -9.686  1.00 30.46 ? 36  ALA A CB  1 
ATOM   301  N  N   . ALA A 1 43  ? 7.297   1.774   -6.588  1.00 33.15 ? 37  ALA A N   1 
ATOM   302  C  CA  . ALA A 1 43  ? 6.749   1.098   -5.371  1.00 31.00 ? 37  ALA A CA  1 
ATOM   303  C  C   . ALA A 1 43  ? 5.690   1.956   -4.677  1.00 29.00 ? 37  ALA A C   1 
ATOM   304  O  O   . ALA A 1 43  ? 4.665   1.428   -4.214  1.00 25.10 ? 37  ALA A O   1 
ATOM   305  C  CB  . ALA A 1 43  ? 7.842   0.786   -4.391  1.00 31.43 ? 37  ALA A CB  1 
ATOM   306  N  N   . ILE A 1 44  ? 5.963   3.258   -4.551  1.00 30.26 ? 38  ILE A N   1 
ATOM   307  C  CA  . ILE A 1 44  ? 5.018   4.180   -3.901  1.00 33.23 ? 38  ILE A CA  1 
ATOM   308  C  C   . ILE A 1 44  ? 3.706   4.205   -4.703  1.00 37.33 ? 38  ILE A C   1 
ATOM   309  O  O   . ILE A 1 44  ? 2.633   4.014   -4.130  1.00 33.36 ? 38  ILE A O   1 
ATOM   310  C  CB  . ILE A 1 44  ? 5.638   5.575   -3.729  1.00 35.15 ? 38  ILE A CB  1 
ATOM   311  C  CG1 . ILE A 1 44  ? 6.681   5.565   -2.604  1.00 36.04 ? 38  ILE A CG1 1 
ATOM   312  C  CG2 . ILE A 1 44  ? 4.554   6.617   -3.480  1.00 32.31 ? 38  ILE A CG2 1 
ATOM   313  C  CD1 . ILE A 1 44  ? 7.690   6.695   -2.672  1.00 35.86 ? 38  ILE A CD1 1 
ATOM   314  N  N   . CYS A 1 45  ? 3.812   4.383   -6.030  1.00 37.59 ? 39  CYS A N   1 
ATOM   315  C  CA  . CYS A 1 45  ? 2.651   4.323   -6.942  1.00 38.16 ? 39  CYS A CA  1 
ATOM   316  C  C   . CYS A 1 45  ? 1.921   2.989   -6.760  1.00 37.15 ? 39  CYS A C   1 
ATOM   317  O  O   . CYS A 1 45  ? 0.682   2.996   -6.564  1.00 32.92 ? 39  CYS A O   1 
ATOM   318  C  CB  . CYS A 1 45  ? 3.035   4.498   -8.412  1.00 36.37 ? 39  CYS A CB  1 
ATOM   319  S  SG  . CYS A 1 45  ? 3.683   6.151   -8.787  1.00 37.16 ? 39  CYS A SG  1 
ATOM   320  N  N   . THR A 1 46  ? 2.684   1.873   -6.777  1.00 34.93 ? 40  THR A N   1 
ATOM   321  C  CA  . THR A 1 46  ? 2.071   0.534   -6.702  1.00 33.91 ? 40  THR A CA  1 
ATOM   322  C  C   . THR A 1 46  ? 1.255   0.434   -5.419  1.00 32.98 ? 40  THR A C   1 
ATOM   323  O  O   . THR A 1 46  ? 0.074   0.106   -5.476  1.00 31.98 ? 40  THR A O   1 
ATOM   324  C  CB  . THR A 1 46  ? 3.053   -0.637  -6.798  1.00 33.97 ? 40  THR A CB  1 
ATOM   325  O  OG1 . THR A 1 46  ? 3.645   -0.673  -8.095  1.00 33.40 ? 40  THR A OG1 1 
ATOM   326  C  CG2 . THR A 1 46  ? 2.384   -1.981  -6.593  1.00 37.27 ? 40  THR A CG2 1 
ATOM   327  N  N   . HIS A 1 47  ? 1.885   0.770   -4.290  1.00 32.29 ? 41  HIS A N   1 
ATOM   328  C  CA  . HIS A 1 47  ? 1.260   0.631   -2.976  1.00 33.72 ? 41  HIS A CA  1 
ATOM   329  C  C   . HIS A 1 47  ? 0.048   1.585   -2.863  1.00 34.71 ? 41  HIS A C   1 
ATOM   330  O  O   . HIS A 1 47  ? -0.984  1.247   -2.233  1.00 29.93 ? 41  HIS A O   1 
ATOM   331  C  CB  . HIS A 1 47  ? 2.304   0.844   -1.862  1.00 30.57 ? 41  HIS A CB  1 
ATOM   332  C  CG  . HIS A 1 47  ? 1.707   0.995   -0.500  1.00 33.10 ? 41  HIS A CG  1 
ATOM   333  N  ND1 . HIS A 1 47  ? 1.327   2.219   0.015   1.00 34.94 ? 41  HIS A ND1 1 
ATOM   334  C  CD2 . HIS A 1 47  ? 1.424   0.090   0.463   1.00 34.50 ? 41  HIS A CD2 1 
ATOM   335  C  CE1 . HIS A 1 47  ? 0.847   2.062   1.239   1.00 34.50 ? 41  HIS A CE1 1 
ATOM   336  N  NE2 . HIS A 1 47  ? 0.901   0.774   1.537   1.00 37.33 ? 41  HIS A NE2 1 
ATOM   337  N  N   . LEU A 1 48  ? 0.181   2.793   -3.425  1.00 32.85 ? 42  LEU A N   1 
ATOM   338  C  CA  . LEU A 1 48  ? -0.917  3.756   -3.395  1.00 34.92 ? 42  LEU A CA  1 
ATOM   339  C  C   . LEU A 1 48  ? -2.111  3.157   -4.142  1.00 33.28 ? 42  LEU A C   1 
ATOM   340  O  O   . LEU A 1 48  ? -3.247  3.159   -3.655  1.00 33.35 ? 42  LEU A O   1 
ATOM   341  C  CB  . LEU A 1 48  ? -0.513  5.084   -4.047  1.00 40.19 ? 42  LEU A CB  1 
ATOM   342  C  CG  . LEU A 1 48  ? -0.822  6.354   -3.247  1.00 43.66 ? 42  LEU A CG  1 
ATOM   343  C  CD1 . LEU A 1 48  ? -0.862  7.577   -4.161  1.00 45.07 ? 42  LEU A CD1 1 
ATOM   344  C  CD2 . LEU A 1 48  ? -2.123  6.241   -2.477  1.00 42.68 ? 42  LEU A CD2 1 
ATOM   345  N  N   . GLU A 1 49  ? -1.844  2.640   -5.336  1.00 31.59 ? 43  GLU A N   1 
ATOM   346  C  CA  . GLU A 1 49  ? -2.899  2.100   -6.149  1.00 33.52 ? 43  GLU A CA  1 
ATOM   347  C  C   . GLU A 1 49  ? -3.610  0.943   -5.445  1.00 33.72 ? 43  GLU A C   1 
ATOM   348  O  O   . GLU A 1 49  ? -4.850  0.757   -5.639  1.00 36.16 ? 43  GLU A O   1 
ATOM   349  C  CB  . GLU A 1 49  ? -2.360  1.598   -7.483  1.00 36.66 ? 43  GLU A CB  1 
ATOM   350  C  CG  . GLU A 1 49  ? -3.435  0.946   -8.323  1.00 38.95 ? 43  GLU A CG  1 
ATOM   351  C  CD  . GLU A 1 49  ? -3.201  1.026   -9.810  1.00 42.71 ? 43  GLU A CD  1 
ATOM   352  O  OE1 . GLU A 1 49  ? -2.081  0.758   -10.232 1.00 40.69 ? 43  GLU A OE1 1 
ATOM   353  O  OE2 . GLU A 1 49  ? -4.141  1.357   -10.536 1.00 53.28 ? 43  GLU A OE2 1 
ATOM   354  N  N   . VAL A 1 50  ? -2.842  0.113   -4.715  1.00 30.94 ? 44  VAL A N   1 
ATOM   355  C  CA  . VAL A 1 50  ? -3.425  -1.020  -4.024  1.00 28.85 ? 44  VAL A CA  1 
ATOM   356  C  C   . VAL A 1 50  ? -4.353  -0.490  -2.940  1.00 28.45 ? 44  VAL A C   1 
ATOM   357  O  O   . VAL A 1 50  ? -5.432  -1.014  -2.792  1.00 33.15 ? 44  VAL A O   1 
ATOM   358  C  CB  . VAL A 1 50  ? -2.390  -2.006  -3.444  1.00 28.99 ? 44  VAL A CB  1 
ATOM   359  C  CG1 . VAL A 1 50  ? -2.986  -2.883  -2.358  1.00 26.20 ? 44  VAL A CG1 1 
ATOM   360  C  CG2 . VAL A 1 50  ? -1.793  -2.876  -4.522  1.00 28.18 ? 44  VAL A CG2 1 
ATOM   361  N  N   . CYS A 1 51  ? -3.908  0.514   -2.177  1.00 29.57 ? 45  CYS A N   1 
ATOM   362  C  CA  . CYS A 1 51  ? -4.737  1.117   -1.122  1.00 31.22 ? 45  CYS A CA  1 
ATOM   363  C  C   . CYS A 1 51  ? -6.049  1.697   -1.686  1.00 33.98 ? 45  CYS A C   1 
ATOM   364  O  O   . CYS A 1 51  ? -7.100  1.553   -1.067  1.00 36.44 ? 45  CYS A O   1 
ATOM   365  C  CB  . CYS A 1 51  ? -3.974  2.203   -0.380  1.00 30.68 ? 45  CYS A CB  1 
ATOM   366  S  SG  . CYS A 1 51  ? -2.644  1.529   0.647   1.00 33.76 ? 45  CYS A SG  1 
ATOM   367  N  N   . PHE A 1 52  ? -5.981  2.358   -2.847  1.00 34.57 ? 46  PHE A N   1 
ATOM   368  C  CA  . PHE A 1 52  ? -7.154  2.944   -3.494  1.00 37.46 ? 46  PHE A CA  1 
ATOM   369  C  C   . PHE A 1 52  ? -8.082  1.832   -3.999  1.00 40.25 ? 46  PHE A C   1 
ATOM   370  O  O   . PHE A 1 52  ? -9.302  1.953   -3.887  1.00 38.68 ? 46  PHE A O   1 
ATOM   371  C  CB  . PHE A 1 52  ? -6.760  3.867   -4.652  1.00 37.33 ? 46  PHE A CB  1 
ATOM   372  C  CG  . PHE A 1 52  ? -6.144  5.187   -4.273  1.00 38.81 ? 46  PHE A CG  1 
ATOM   373  C  CD1 . PHE A 1 52  ? -5.988  5.571   -2.949  1.00 43.12 ? 46  PHE A CD1 1 
ATOM   374  C  CD2 . PHE A 1 52  ? -5.731  6.066   -5.257  1.00 43.13 ? 46  PHE A CD2 1 
ATOM   375  C  CE1 . PHE A 1 52  ? -5.402  6.788   -2.627  1.00 43.38 ? 46  PHE A CE1 1 
ATOM   376  C  CE2 . PHE A 1 52  ? -5.169  7.289   -4.933  1.00 36.49 ? 46  PHE A CE2 1 
ATOM   377  C  CZ  . PHE A 1 52  ? -5.003  7.645   -3.627  1.00 38.25 ? 46  PHE A CZ  1 
ATOM   378  N  N   . MET A 1 53  ? -7.500  0.750   -4.538  1.00 39.24 ? 47  MET A N   1 
ATOM   379  C  CA  . MET A 1 53  ? -8.293  -0.342  -5.061  1.00 37.20 ? 47  MET A CA  1 
ATOM   380  C  C   . MET A 1 53  ? -9.043  -1.035  -3.920  1.00 41.11 ? 47  MET A C   1 
ATOM   381  O  O   . MET A 1 53  ? -10.189 -1.475  -4.110  1.00 43.93 ? 47  MET A O   1 
ATOM   382  C  CB  . MET A 1 53  ? -7.432  -1.384  -5.772  1.00 39.35 ? 47  MET A CB  1 
ATOM   383  C  CG  . MET A 1 53  ? -7.176  -1.069  -7.217  1.00 40.33 ? 47  MET A CG  1 
ATOM   384  S  SD  . MET A 1 53  ? -5.971  -2.230  -7.897  1.00 40.30 ? 47  MET A SD  1 
ATOM   385  C  CE  . MET A 1 53  ? -7.098  -3.426  -8.608  1.00 41.55 ? 47  MET A CE  1 
ATOM   386  N  N   . TYR A 1 54  ? -8.387  -1.129  -2.757  1.00 37.73 ? 48  TYR A N   1 
ATOM   387  C  CA  . TYR A 1 54  ? -8.875  -1.861  -1.598  1.00 37.11 ? 48  TYR A CA  1 
ATOM   388  C  C   . TYR A 1 54  ? -10.080 -1.118  -1.008  1.00 39.80 ? 48  TYR A C   1 
ATOM   389  O  O   . TYR A 1 54  ? -11.083 -1.728  -0.614  1.00 37.05 ? 48  TYR A O   1 
ATOM   390  C  CB  . TYR A 1 54  ? -7.753  -1.967  -0.568  1.00 35.43 ? 48  TYR A CB  1 
ATOM   391  C  CG  . TYR A 1 54  ? -7.854  -3.048  0.476   1.00 37.17 ? 48  TYR A CG  1 
ATOM   392  C  CD1 . TYR A 1 54  ? -8.860  -3.079  1.431   1.00 35.77 ? 48  TYR A CD1 1 
ATOM   393  C  CD2 . TYR A 1 54  ? -6.861  -4.008  0.557   1.00 36.58 ? 48  TYR A CD2 1 
ATOM   394  C  CE1 . TYR A 1 54  ? -8.897  -4.060  2.414   1.00 35.11 ? 48  TYR A CE1 1 
ATOM   395  C  CE2 . TYR A 1 54  ? -6.882  -4.991  1.528   1.00 39.83 ? 48  TYR A CE2 1 
ATOM   396  C  CZ  . TYR A 1 54  ? -7.899  -5.023  2.466   1.00 37.03 ? 48  TYR A CZ  1 
ATOM   397  O  OH  . TYR A 1 54  ? -7.839  -6.007  3.419   1.00 30.80 ? 48  TYR A OH  1 
ATOM   398  N  N   . SER A 1 55  ? -9.937  0.204   -0.921  1.00 41.32 ? 49  SER A N   1 
ATOM   399  C  CA  . SER A 1 55  ? -10.988 1.105   -0.469  1.00 43.75 ? 49  SER A CA  1 
ATOM   400  C  C   . SER A 1 55  ? -12.205 1.042   -1.405  1.00 44.53 ? 49  SER A C   1 
ATOM   401  O  O   . SER A 1 55  ? -13.358 0.971   -0.962  1.00 50.00 ? 49  SER A O   1 
ATOM   402  C  CB  . SER A 1 55  ? -10.451 2.489   -0.392  1.00 45.76 ? 49  SER A CB  1 
ATOM   403  O  OG  . SER A 1 55  ? -11.434 3.346   0.138   1.00 58.09 ? 49  SER A OG  1 
ATOM   404  N  N   . ASP A 1 56  ? -11.938 1.068   -2.708  1.00 43.40 ? 50  ASP A N   1 
ATOM   405  C  CA  . ASP A 1 56  ? -12.975 1.115   -3.706  1.00 51.14 ? 50  ASP A CA  1 
ATOM   406  C  C   . ASP A 1 56  ? -13.817 -0.161  -3.667  1.00 53.75 ? 50  ASP A C   1 
ATOM   407  O  O   . ASP A 1 56  ? -14.957 -0.115  -4.062  1.00 58.73 ? 50  ASP A O   1 
ATOM   408  C  CB  . ASP A 1 56  ? -12.413 1.324   -5.112  1.00 51.72 ? 50  ASP A CB  1 
ATOM   409  C  CG  . ASP A 1 56  ? -11.877 2.721   -5.345  1.00 55.44 ? 50  ASP A CG  1 
ATOM   410  O  OD1 . ASP A 1 56  ? -12.227 3.638   -4.555  1.00 64.32 ? 50  ASP A OD1 1 
ATOM   411  O  OD2 . ASP A 1 56  ? -11.084 2.882   -6.294  1.00 62.94 ? 50  ASP A OD2 1 
ATOM   412  N  N   . PHE A 1 57  ? -13.273 -1.275  -3.170  1.00 59.68 ? 51  PHE A N   1 
ATOM   413  C  CA  . PHE A 1 57  ? -14.063 -2.508  -3.067  1.00 66.73 ? 51  PHE A CA  1 
ATOM   414  C  C   . PHE A 1 57  ? -14.843 -2.529  -1.743  1.00 72.10 ? 51  PHE A C   1 
ATOM   415  O  O   . PHE A 1 57  ? -15.014 -3.587  -1.136  1.00 77.29 ? 51  PHE A O   1 
ATOM   416  C  CB  . PHE A 1 57  ? -13.180 -3.744  -3.261  1.00 66.85 ? 51  PHE A CB  1 
ATOM   417  C  CG  . PHE A 1 57  ? -12.435 -3.796  -4.571  1.00 65.26 ? 51  PHE A CG  1 
ATOM   418  C  CD1 . PHE A 1 57  ? -13.036 -3.420  -5.764  1.00 70.36 ? 51  PHE A CD1 1 
ATOM   419  C  CD2 . PHE A 1 57  ? -11.121 -4.231  -4.617  1.00 68.74 ? 51  PHE A CD2 1 
ATOM   420  C  CE1 . PHE A 1 57  ? -12.333 -3.459  -6.963  1.00 69.67 ? 51  PHE A CE1 1 
ATOM   421  C  CE2 . PHE A 1 57  ? -10.427 -4.280  -5.818  1.00 66.54 ? 51  PHE A CE2 1 
ATOM   422  C  CZ  . PHE A 1 57  ? -11.028 -3.889  -6.988  1.00 63.82 ? 51  PHE A CZ  1 
ATOM   423  N  N   . GLY A 1 58  ? -15.368 -1.361  -1.342  1.00 71.59 ? 52  GLY A N   1 
ATOM   424  C  CA  . GLY A 1 58  ? -16.227 -1.224  -0.182  1.00 68.94 ? 52  GLY A CA  1 
ATOM   425  C  C   . GLY A 1 58  ? -16.456 0.237   0.160   1.00 73.16 ? 52  GLY A C   1 
ATOM   426  O  O   . GLY A 1 58  ? -17.479 0.808   -0.199  1.00 73.42 ? 52  GLY A O   1 
ATOM   427  N  N   . HIS A 1 68  ? -19.316 2.946   1.593   1.00 57.47 ? 74  HIS A N   1 
ATOM   428  C  CA  . HIS A 1 68  ? -18.298 3.603   2.402   1.00 58.05 ? 74  HIS A CA  1 
ATOM   429  C  C   . HIS A 1 68  ? -17.956 2.708   3.617   1.00 58.49 ? 74  HIS A C   1 
ATOM   430  O  O   . HIS A 1 68  ? -18.221 3.047   4.780   1.00 58.64 ? 74  HIS A O   1 
ATOM   431  C  CB  . HIS A 1 68  ? -18.768 5.037   2.722   1.00 66.12 ? 74  HIS A CB  1 
ATOM   432  C  CG  . HIS A 1 68  ? -17.743 5.914   3.378   1.00 73.73 ? 74  HIS A CG  1 
ATOM   433  N  ND1 . HIS A 1 68  ? -16.574 6.320   2.737   1.00 77.64 ? 74  HIS A ND1 1 
ATOM   434  C  CD2 . HIS A 1 68  ? -17.706 6.478   4.609   1.00 73.11 ? 74  HIS A CD2 1 
ATOM   435  C  CE1 . HIS A 1 68  ? -15.860 7.071   3.554   1.00 77.56 ? 74  HIS A CE1 1 
ATOM   436  N  NE2 . HIS A 1 68  ? -16.533 7.187   4.710   1.00 73.10 ? 74  HIS A NE2 1 
ATOM   437  N  N   . ARG A 1 69  ? -17.373 1.537   3.326   1.00 51.58 ? 75  ARG A N   1 
ATOM   438  C  CA  . ARG A 1 69  ? -16.888 0.573   4.329   1.00 49.14 ? 75  ARG A CA  1 
ATOM   439  C  C   . ARG A 1 69  ? -15.493 0.957   4.829   1.00 49.77 ? 75  ARG A C   1 
ATOM   440  O  O   . ARG A 1 69  ? -15.187 0.689   5.978   1.00 56.97 ? 75  ARG A O   1 
ATOM   441  C  CB  . ARG A 1 69  ? -16.784 -0.851  3.766   1.00 46.76 ? 75  ARG A CB  1 
ATOM   442  C  CG  . ARG A 1 69  ? -15.967 -1.795  4.633   1.00 45.75 ? 75  ARG A CG  1 
ATOM   443  C  CD  . ARG A 1 69  ? -15.989 -3.248  4.212   1.00 42.25 ? 75  ARG A CD  1 
ATOM   444  N  NE  . ARG A 1 69  ? -15.219 -3.998  5.185   1.00 39.06 ? 75  ARG A NE  1 
ATOM   445  C  CZ  . ARG A 1 69  ? -15.147 -5.321  5.264   1.00 42.85 ? 75  ARG A CZ  1 
ATOM   446  N  NH1 . ARG A 1 69  ? -15.699 -6.085  4.338   1.00 47.33 ? 75  ARG A NH1 1 
ATOM   447  N  NH2 . ARG A 1 69  ? -14.528 -5.881  6.286   1.00 44.34 ? 75  ARG A NH2 1 
ATOM   448  N  N   . PHE A 1 70  ? -14.660 1.523   3.939   1.00 51.29 ? 76  PHE A N   1 
ATOM   449  C  CA  . PHE A 1 70  ? -13.273 1.854   4.224   1.00 45.20 ? 76  PHE A CA  1 
ATOM   450  C  C   . PHE A 1 70  ? -13.053 3.361   4.176   1.00 49.05 ? 76  PHE A C   1 
ATOM   451  O  O   . PHE A 1 70  ? -13.598 4.051   3.326   1.00 53.70 ? 76  PHE A O   1 
ATOM   452  C  CB  . PHE A 1 70  ? -12.331 1.179   3.230   1.00 42.91 ? 76  PHE A CB  1 
ATOM   453  C  CG  . PHE A 1 70  ? -12.395 -0.322  3.298   1.00 42.33 ? 76  PHE A CG  1 
ATOM   454  C  CD1 . PHE A 1 70  ? -11.879 -0.997  4.393   1.00 41.78 ? 76  PHE A CD1 1 
ATOM   455  C  CD2 . PHE A 1 70  ? -12.986 -1.058  2.283   1.00 45.26 ? 76  PHE A CD2 1 
ATOM   456  C  CE1 . PHE A 1 70  ? -11.947 -2.378  4.474   1.00 44.49 ? 76  PHE A CE1 1 
ATOM   457  C  CE2 . PHE A 1 70  ? -13.053 -2.442  2.362   1.00 47.22 ? 76  PHE A CE2 1 
ATOM   458  C  CZ  . PHE A 1 70  ? -12.529 -3.099  3.453   1.00 50.22 ? 76  PHE A CZ  1 
ATOM   459  N  N   . GLU A 1 71  ? -12.226 3.845   5.103   1.00 49.77 ? 77  GLU A N   1 
ATOM   460  C  CA  . GLU A 1 71  ? -11.732 5.213   5.100   1.00 52.36 ? 77  GLU A CA  1 
ATOM   461  C  C   . GLU A 1 71  ? -10.284 5.210   4.591   1.00 48.84 ? 77  GLU A C   1 
ATOM   462  O  O   . GLU A 1 71  ? -9.434  4.554   5.163   1.00 51.94 ? 77  GLU A O   1 
ATOM   463  C  CB  . GLU A 1 71  ? -11.774 5.798   6.514   1.00 55.75 ? 77  GLU A CB  1 
ATOM   464  C  CG  . GLU A 1 71  ? -11.605 7.302   6.529   1.00 56.77 ? 77  GLU A CG  1 
ATOM   465  C  CD  . GLU A 1 71  ? -12.801 7.975   5.905   1.00 57.67 ? 77  GLU A CD  1 
ATOM   466  O  OE1 . GLU A 1 71  ? -13.935 7.547   6.226   1.00 56.15 ? 77  GLU A OE1 1 
ATOM   467  O  OE2 . GLU A 1 71  ? -12.592 8.846   5.056   1.00 65.09 ? 77  GLU A OE2 1 
ATOM   468  N  N   . ILE A 1 72  ? -10.011 5.970   3.532   1.00 43.31 ? 78  ILE A N   1 
ATOM   469  C  CA  . ILE A 1 72  ? -8.704  6.000   2.952   1.00 45.61 ? 78  ILE A CA  1 
ATOM   470  C  C   . ILE A 1 72  ? -7.844  6.971   3.764   1.00 47.66 ? 78  ILE A C   1 
ATOM   471  O  O   . ILE A 1 72  ? -8.148  8.151   3.834   1.00 44.05 ? 78  ILE A O   1 
ATOM   472  C  CB  . ILE A 1 72  ? -8.756  6.361   1.454   1.00 49.89 ? 78  ILE A CB  1 
ATOM   473  C  CG1 . ILE A 1 72  ? -7.353  6.351   0.850   1.00 53.92 ? 78  ILE A CG1 1 
ATOM   474  C  CG2 . ILE A 1 72  ? -9.467  7.681   1.189   1.00 55.41 ? 78  ILE A CG2 1 
ATOM   475  C  CD1 . ILE A 1 72  ? -6.786  4.963   0.663   1.00 55.54 ? 78  ILE A CD1 1 
ATOM   476  N  N   . ILE A 1 73  ? -6.775  6.453   4.383   1.00 44.71 ? 79  ILE A N   1 
ATOM   477  C  CA  . ILE A 1 73  ? -5.848  7.279   5.150   1.00 40.98 ? 79  ILE A CA  1 
ATOM   478  C  C   . ILE A 1 73  ? -4.595  7.523   4.310   1.00 39.14 ? 79  ILE A C   1 
ATOM   479  O  O   . ILE A 1 73  ? -4.096  8.659   4.207   1.00 39.16 ? 79  ILE A O   1 
ATOM   480  C  CB  . ILE A 1 73  ? -5.543  6.625   6.509   1.00 40.57 ? 79  ILE A CB  1 
ATOM   481  C  CG1 . ILE A 1 73  ? -6.809  6.533   7.362   1.00 41.12 ? 79  ILE A CG1 1 
ATOM   482  C  CG2 . ILE A 1 73  ? -4.434  7.360   7.245   1.00 39.36 ? 79  ILE A CG2 1 
ATOM   483  C  CD1 . ILE A 1 73  ? -6.772  5.421   8.354   1.00 43.56 ? 79  ILE A CD1 1 
ATOM   484  N  N   . GLU A 1 74  ? -4.074  6.458   3.704   1.00 35.67 ? 80  GLU A N   1 
ATOM   485  C  CA  . GLU A 1 74  ? -2.931  6.617   2.822   1.00 38.60 ? 80  GLU A CA  1 
ATOM   486  C  C   . GLU A 1 74  ? -3.333  7.554   1.676   1.00 39.69 ? 80  GLU A C   1 
ATOM   487  O  O   . GLU A 1 74  ? -4.470  7.483   1.174   1.00 40.13 ? 80  GLU A O   1 
ATOM   488  C  CB  . GLU A 1 74  ? -2.478  5.276   2.251   1.00 38.77 ? 80  GLU A CB  1 
ATOM   489  C  CG  . GLU A 1 74  ? -1.206  5.362   1.431   1.00 40.59 ? 80  GLU A CG  1 
ATOM   490  C  CD  . GLU A 1 74  ? 0.058   5.744   2.183   1.00 43.04 ? 80  GLU A CD  1 
ATOM   491  O  OE1 . GLU A 1 74  ? 0.604   6.840   1.879   1.00 47.74 ? 80  GLU A OE1 1 
ATOM   492  O  OE2 . GLU A 1 74  ? 0.542   4.925   3.019   1.00 36.33 ? 80  GLU A OE2 1 
ATOM   493  N  N   . GLY A 1 75  ? -2.400  8.423   1.275   1.00 36.99 ? 81  GLY A N   1 
ATOM   494  C  CA  . GLY A 1 75  ? -2.562  9.274   0.110   1.00 37.58 ? 81  GLY A CA  1 
ATOM   495  C  C   . GLY A 1 75  ? -2.841  10.713  0.484   1.00 35.43 ? 81  GLY A C   1 
ATOM   496  O  O   . GLY A 1 75  ? -2.707  11.591  -0.348  1.00 43.97 ? 81  GLY A O   1 
ATOM   497  N  N   . ARG A 1 76  ? -3.243  10.940  1.732   1.00 37.82 ? 82  ARG A N   1 
ATOM   498  C  CA  . ARG A 1 76  ? -3.530  12.263  2.283   1.00 39.39 ? 82  ARG A CA  1 
ATOM   499  C  C   . ARG A 1 76  ? -2.263  12.872  2.868   1.00 40.41 ? 82  ARG A C   1 
ATOM   500  O  O   . ARG A 1 76  ? -1.390  12.158  3.341   1.00 39.62 ? 82  ARG A O   1 
ATOM   501  C  CB  . ARG A 1 76  ? -4.536  12.168  3.430   1.00 43.35 ? 82  ARG A CB  1 
ATOM   502  C  CG  . ARG A 1 76  ? -5.911  11.684  3.011   1.00 47.71 ? 82  ARG A CG  1 
ATOM   503  C  CD  . ARG A 1 76  ? -6.755  11.345  4.216   1.00 49.68 ? 82  ARG A CD  1 
ATOM   504  N  NE  . ARG A 1 76  ? -7.964  10.659  3.783   1.00 54.34 ? 82  ARG A NE  1 
ATOM   505  C  CZ  . ARG A 1 76  ? -9.149  11.224  3.598   1.00 52.20 ? 82  ARG A CZ  1 
ATOM   506  N  NH1 . ARG A 1 76  ? -9.266  12.540  3.653   1.00 48.08 ? 82  ARG A NH1 1 
ATOM   507  N  NH2 . ARG A 1 76  ? -10.210 10.457  3.392   1.00 49.15 ? 82  ARG A NH2 1 
ATOM   508  N  N   . ASP A 1 77  ? -2.214  14.205  2.915   1.00 46.56 ? 83  ASP A N   1 
ATOM   509  C  CA  . ASP A 1 77  ? -1.168  14.892  3.668   1.00 46.04 ? 83  ASP A CA  1 
ATOM   510  C  C   . ASP A 1 77  ? -1.319  14.466  5.137   1.00 46.29 ? 83  ASP A C   1 
ATOM   511  O  O   . ASP A 1 77  ? -2.344  13.878  5.560   1.00 48.03 ? 83  ASP A O   1 
ATOM   512  C  CB  . ASP A 1 77  ? -1.217  16.412  3.469   1.00 47.83 ? 83  ASP A CB  1 
ATOM   513  C  CG  . ASP A 1 77  ? -2.437  17.042  4.114   1.00 47.51 ? 83  ASP A CG  1 
ATOM   514  O  OD1 . ASP A 1 77  ? -3.520  16.913  3.542   1.00 56.88 ? 83  ASP A OD1 1 
ATOM   515  O  OD2 . ASP A 1 77  ? -2.307  17.551  5.223   1.00 50.93 ? 83  ASP A OD2 1 
ATOM   516  N  N   . ARG A 1 78  ? -0.282  14.751  5.913   1.00 47.67 ? 84  ARG A N   1 
ATOM   517  C  CA  . ARG A 1 78  ? -0.166  14.226  7.258   1.00 48.57 ? 84  ARG A CA  1 
ATOM   518  C  C   . ARG A 1 78  ? -1.226  14.883  8.150   1.00 49.80 ? 84  ARG A C   1 
ATOM   519  O  O   . ARG A 1 78  ? -1.846  14.203  8.997   1.00 47.30 ? 84  ARG A O   1 
ATOM   520  C  CB  . ARG A 1 78  ? 1.283   14.364  7.743   1.00 47.73 ? 84  ARG A CB  1 
ATOM   521  C  CG  . ARG A 1 78  ? 2.034   13.043  7.701   1.00 47.77 ? 84  ARG A CG  1 
ATOM   522  C  CD  . ARG A 1 78  ? 3.506   13.122  7.349   1.00 51.49 ? 84  ARG A CD  1 
ATOM   523  N  NE  . ARG A 1 78  ? 4.057   11.821  7.708   1.00 56.37 ? 84  ARG A NE  1 
ATOM   524  C  CZ  . ARG A 1 78  ? 5.160   11.284  7.221   1.00 57.06 ? 84  ARG A CZ  1 
ATOM   525  N  NH1 . ARG A 1 78  ? 5.900   11.943  6.348   1.00 66.26 ? 84  ARG A NH1 1 
ATOM   526  N  NH2 . ARG A 1 78  ? 5.520   10.079  7.618   1.00 56.96 ? 84  ARG A NH2 1 
ATOM   527  N  N   . ILE A 1 79  ? -1.492  16.172  7.918   1.00 46.64 ? 85  ILE A N   1 
ATOM   528  C  CA  . ILE A 1 79  ? -2.493  16.878  8.721   1.00 48.57 ? 85  ILE A CA  1 
ATOM   529  C  C   . ILE A 1 79  ? -3.842  16.169  8.580   1.00 46.30 ? 85  ILE A C   1 
ATOM   530  O  O   . ILE A 1 79  ? -4.471  15.807  9.598   1.00 49.98 ? 85  ILE A O   1 
ATOM   531  C  CB  . ILE A 1 79  ? -2.585  18.363  8.338   1.00 47.42 ? 85  ILE A CB  1 
ATOM   532  C  CG1 . ILE A 1 79  ? -1.363  19.134  8.832   1.00 46.65 ? 85  ILE A CG1 1 
ATOM   533  C  CG2 . ILE A 1 79  ? -3.879  18.963  8.864   1.00 50.51 ? 85  ILE A CG2 1 
ATOM   534  C  CD1 . ILE A 1 79  ? -1.031  20.326  7.983   1.00 49.48 ? 85  ILE A CD1 1 
ATOM   535  N  N   . MET A 1 80  ? -4.263  15.956  7.329   1.00 49.06 ? 86  MET A N   1 
ATOM   536  C  CA  . MET A 1 80  ? -5.571  15.333  7.034   1.00 51.74 ? 86  MET A CA  1 
ATOM   537  C  C   . MET A 1 80  ? -5.613  13.872  7.516   1.00 48.31 ? 86  MET A C   1 
ATOM   538  O  O   . MET A 1 80  ? -6.628  13.423  8.071   1.00 47.38 ? 86  MET A O   1 
ATOM   539  C  CB  . MET A 1 80  ? -5.903  15.402  5.536   1.00 55.12 ? 86  MET A CB  1 
ATOM   540  C  CG  . MET A 1 80  ? -6.603  16.701  5.134   1.00 62.96 ? 86  MET A CG  1 
ATOM   541  S  SD  . MET A 1 80  ? -8.118  17.068  6.107   1.00 68.46 ? 86  MET A SD  1 
ATOM   542  C  CE  . MET A 1 80  ? -9.049  15.552  5.890   1.00 69.38 ? 86  MET A CE  1 
ATOM   543  N  N   . ALA A 1 81  ? -4.525  13.122  7.307   1.00 43.99 ? 87  ALA A N   1 
ATOM   544  C  CA  . ALA A 1 81  ? -4.480  11.708  7.750   1.00 45.59 ? 87  ALA A CA  1 
ATOM   545  C  C   . ALA A 1 81  ? -4.683  11.588  9.279   1.00 41.58 ? 87  ALA A C   1 
ATOM   546  O  O   . ALA A 1 81  ? -5.440  10.731  9.759   1.00 36.57 ? 87  ALA A O   1 
ATOM   547  C  CB  . ALA A 1 81  ? -3.182  11.088  7.298   1.00 43.91 ? 87  ALA A CB  1 
ATOM   548  N  N   . TRP A 1 82  ? -4.011  12.448  10.050  1.00 39.61 ? 88  TRP A N   1 
ATOM   549  C  CA  . TRP A 1 82  ? -4.143  12.427  11.517  1.00 44.16 ? 88  TRP A CA  1 
ATOM   550  C  C   . TRP A 1 82  ? -5.521  12.945  11.946  1.00 42.03 ? 88  TRP A C   1 
ATOM   551  O  O   . TRP A 1 82  ? -6.093  12.407  12.897  1.00 41.82 ? 88  TRP A O   1 
ATOM   552  C  CB  . TRP A 1 82  ? -2.990  13.176  12.206  1.00 43.43 ? 88  TRP A CB  1 
ATOM   553  C  CG  . TRP A 1 82  ? -1.751  12.337  12.249  1.00 44.05 ? 88  TRP A CG  1 
ATOM   554  C  CD1 . TRP A 1 82  ? -0.589  12.517  11.551  1.00 42.70 ? 88  TRP A CD1 1 
ATOM   555  C  CD2 . TRP A 1 82  ? -1.587  11.118  12.989  1.00 40.14 ? 88  TRP A CD2 1 
ATOM   556  N  NE1 . TRP A 1 82  ? 0.292   11.515  11.836  1.00 42.10 ? 88  TRP A NE1 1 
ATOM   557  C  CE2 . TRP A 1 82  ? -0.298  10.633  12.703  1.00 39.48 ? 88  TRP A CE2 1 
ATOM   558  C  CE3 . TRP A 1 82  ? -2.397  10.406  13.873  1.00 43.83 ? 88  TRP A CE3 1 
ATOM   559  C  CZ2 . TRP A 1 82  ? 0.202   9.473   13.281  1.00 36.64 ? 88  TRP A CZ2 1 
ATOM   560  C  CZ3 . TRP A 1 82  ? -1.909  9.250   14.432  1.00 40.12 ? 88  TRP A CZ3 1 
ATOM   561  C  CH2 . TRP A 1 82  ? -0.624  8.798   14.145  1.00 39.89 ? 88  TRP A CH2 1 
ATOM   562  N  N   . THR A 1 83  ? -6.069  13.927  11.215  1.00 41.65 ? 89  THR A N   1 
ATOM   563  C  CA  . THR A 1 83  ? -7.457  14.372  11.424  1.00 41.73 ? 89  THR A CA  1 
ATOM   564  C  C   . THR A 1 83  ? -8.433  13.217  11.197  1.00 40.65 ? 89  THR A C   1 
ATOM   565  O  O   . THR A 1 83  ? -9.372  13.014  11.979  1.00 41.13 ? 89  THR A O   1 
ATOM   566  C  CB  . THR A 1 83  ? -7.832  15.544  10.510  1.00 46.15 ? 89  THR A CB  1 
ATOM   567  O  OG1 . THR A 1 83  ? -6.837  16.537  10.729  1.00 41.79 ? 89  THR A OG1 1 
ATOM   568  C  CG2 . THR A 1 83  ? -9.209  16.116  10.790  1.00 45.22 ? 89  THR A CG2 1 
ATOM   569  N  N   . VAL A 1 84  ? -8.218  12.454  10.124  1.00 41.87 ? 90  VAL A N   1 
ATOM   570  C  CA  . VAL A 1 84  ? -9.084  11.302  9.843   1.00 40.86 ? 90  VAL A CA  1 
ATOM   571  C  C   . VAL A 1 84  ? -8.935  10.251  10.967  1.00 44.51 ? 90  VAL A C   1 
ATOM   572  O  O   . VAL A 1 84  ? -9.937  9.697   11.469  1.00 47.40 ? 90  VAL A O   1 
ATOM   573  C  CB  . VAL A 1 84  ? -8.813  10.727  8.438   1.00 36.91 ? 90  VAL A CB  1 
ATOM   574  C  CG1 . VAL A 1 84  ? -9.593  9.446   8.207   1.00 41.28 ? 90  VAL A CG1 1 
ATOM   575  C  CG2 . VAL A 1 84  ? -9.142  11.727  7.343   1.00 40.32 ? 90  VAL A CG2 1 
ATOM   576  N  N   . VAL A 1 85  ? -7.692  9.987   11.385  1.00 44.79 ? 91  VAL A N   1 
ATOM   577  C  CA  . VAL A 1 85  ? -7.403  8.984   12.427  1.00 46.47 ? 91  VAL A CA  1 
ATOM   578  C  C   . VAL A 1 85  ? -7.978  9.424   13.784  1.00 46.52 ? 91  VAL A C   1 
ATOM   579  O  O   . VAL A 1 85  ? -8.749  8.697   14.375  1.00 44.60 ? 91  VAL A O   1 
ATOM   580  C  CB  . VAL A 1 85  ? -5.892  8.693   12.515  1.00 45.91 ? 91  VAL A CB  1 
ATOM   581  C  CG1 . VAL A 1 85  ? -5.542  7.890   13.758  1.00 44.14 ? 91  VAL A CG1 1 
ATOM   582  C  CG2 . VAL A 1 85  ? -5.383  8.002   11.248  1.00 45.73 ? 91  VAL A CG2 1 
ATOM   583  N  N   . ASN A 1 86  ? -7.593  10.609  14.275  1.00 56.22 ? 92  ASN A N   1 
ATOM   584  C  CA  . ASN A 1 86  ? -8.019  11.087  15.610  1.00 59.77 ? 92  ASN A CA  1 
ATOM   585  C  C   . ASN A 1 86  ? -9.547  11.079  15.657  1.00 57.51 ? 92  ASN A C   1 
ATOM   586  O  O   . ASN A 1 86  ? -10.153 10.759  16.674  1.00 65.69 ? 92  ASN A O   1 
ATOM   587  C  CB  . ASN A 1 86  ? -7.504  12.492  15.949  1.00 68.81 ? 92  ASN A CB  1 
ATOM   588  C  CG  . ASN A 1 86  ? -6.013  12.573  16.246  1.00 77.20 ? 92  ASN A CG  1 
ATOM   589  O  OD1 . ASN A 1 86  ? -5.217  11.726  15.834  1.00 76.00 ? 92  ASN A OD1 1 
ATOM   590  N  ND2 . ASN A 1 86  ? -5.612  13.612  16.959  1.00 80.52 ? 92  ASN A ND2 1 
ATOM   591  N  N   . SER A 1 87  ? -10.151 11.410  14.517  1.00 52.93 ? 93  SER A N   1 
ATOM   592  C  CA  . SER A 1 87  ? -11.579 11.548  14.374  1.00 51.87 ? 93  SER A CA  1 
ATOM   593  C  C   . SER A 1 87  ? -12.274 10.173  14.373  1.00 50.27 ? 93  SER A C   1 
ATOM   594  O  O   . SER A 1 87  ? -13.336 9.986   14.970  1.00 53.59 ? 93  SER A O   1 
ATOM   595  C  CB  . SER A 1 87  ? -11.858 12.339  13.135  1.00 54.19 ? 93  SER A CB  1 
ATOM   596  O  OG  . SER A 1 87  ? -13.231 12.617  13.017  1.00 61.53 ? 93  SER A OG  1 
ATOM   597  N  N   . ILE A 1 88  ? -11.669 9.175   13.733  1.00 47.73 ? 94  ILE A N   1 
ATOM   598  C  CA  . ILE A 1 88  ? -12.205 7.828   13.874  1.00 45.85 ? 94  ILE A CA  1 
ATOM   599  C  C   . ILE A 1 88  ? -12.103 7.390   15.344  1.00 42.90 ? 94  ILE A C   1 
ATOM   600  O  O   . ILE A 1 88  ? -13.051 6.850   15.886  1.00 44.78 ? 94  ILE A O   1 
ATOM   601  C  CB  . ILE A 1 88  ? -11.514 6.837   12.919  1.00 41.82 ? 94  ILE A CB  1 
ATOM   602  C  CG1 . ILE A 1 88  ? -11.926 7.104   11.474  1.00 41.45 ? 94  ILE A CG1 1 
ATOM   603  C  CG2 . ILE A 1 88  ? -11.803 5.401   13.327  1.00 40.48 ? 94  ILE A CG2 1 
ATOM   604  C  CD1 . ILE A 1 88  ? -10.944 6.571   10.460  1.00 39.39 ? 94  ILE A CD1 1 
ATOM   605  N  N   . CYS A 1 89  ? -10.948 7.624   15.976  1.00 46.91 ? 95  CYS A N   1 
ATOM   606  C  CA  . CYS A 1 89  ? -10.680 7.147   17.347  1.00 51.77 ? 95  CYS A CA  1 
ATOM   607  C  C   . CYS A 1 89  ? -11.726 7.709   18.339  1.00 60.54 ? 95  CYS A C   1 
ATOM   608  O  O   . CYS A 1 89  ? -12.263 6.963   19.165  1.00 61.06 ? 95  CYS A O   1 
ATOM   609  C  CB  . CYS A 1 89  ? -9.252  7.490   17.757  1.00 52.22 ? 95  CYS A CB  1 
ATOM   610  S  SG  . CYS A 1 89  ? -7.994  6.555   16.839  1.00 53.95 ? 95  CYS A SG  1 
ATOM   611  N  N   . ASN A 1 90  ? -12.065 9.002   18.221  1.00 60.60 ? 96  ASN A N   1 
ATOM   612  C  CA  . ASN A 1 90  ? -12.993 9.672   19.150  1.00 62.06 ? 96  ASN A CA  1 
ATOM   613  C  C   . ASN A 1 90  ? -14.430 9.141   19.005  1.00 60.20 ? 96  ASN A C   1 
ATOM   614  O  O   . ASN A 1 90  ? -15.168 9.055   20.000  1.00 63.68 ? 96  ASN A O   1 
ATOM   615  C  CB  . ASN A 1 90  ? -12.917 11.188  18.992  1.00 63.01 ? 96  ASN A CB  1 
ATOM   616  C  CG  . ASN A 1 90  ? -11.544 11.709  19.356  1.00 70.69 ? 96  ASN A CG  1 
ATOM   617  O  OD1 . ASN A 1 90  ? -10.894 11.173  20.251  1.00 67.07 ? 96  ASN A OD1 1 
ATOM   618  N  ND2 . ASN A 1 90  ? -11.084 12.736  18.660  1.00 78.01 ? 96  ASN A ND2 1 
ATOM   619  N  N   . THR A 1 91  ? -14.826 8.749   17.793  1.00 60.08 ? 97  THR A N   1 
ATOM   620  C  CA  . THR A 1 91  ? -16.191 8.282   17.571  1.00 59.25 ? 97  THR A CA  1 
ATOM   621  C  C   . THR A 1 91  ? -16.311 6.759   17.741  1.00 57.23 ? 97  THR A C   1 
ATOM   622  O  O   . THR A 1 91  ? -17.417 6.251   17.756  1.00 55.81 ? 97  THR A O   1 
ATOM   623  C  CB  . THR A 1 91  ? -16.720 8.720   16.201  1.00 60.01 ? 97  THR A CB  1 
ATOM   624  O  OG1 . THR A 1 91  ? -16.075 7.930   15.207  1.00 65.90 ? 97  THR A OG1 1 
ATOM   625  C  CG2 . THR A 1 91  ? -16.500 10.189  15.922  1.00 62.56 ? 97  THR A CG2 1 
ATOM   626  N  N   . THR A 1 92  ? -15.196 6.022   17.829  1.00 58.18 ? 98  THR A N   1 
ATOM   627  C  CA  . THR A 1 92  ? -15.276 4.552   17.939  1.00 56.53 ? 98  THR A CA  1 
ATOM   628  C  C   . THR A 1 92  ? -14.693 4.066   19.272  1.00 54.20 ? 98  THR A C   1 
ATOM   629  O  O   . THR A 1 92  ? -15.167 3.074   19.836  1.00 58.94 ? 98  THR A O   1 
ATOM   630  C  CB  . THR A 1 92  ? -14.612 3.876   16.738  1.00 55.34 ? 98  THR A CB  1 
ATOM   631  O  OG1 . THR A 1 92  ? -13.289 4.401   16.665  1.00 52.07 ? 98  THR A OG1 1 
ATOM   632  C  CG2 . THR A 1 92  ? -15.382 4.119   15.458  1.00 56.05 ? 98  THR A CG2 1 
ATOM   633  N  N   . GLY A 1 93  ? -13.687 4.790   19.765  1.00 56.51 ? 99  GLY A N   1 
ATOM   634  C  CA  . GLY A 1 93  ? -13.027 4.528   21.026  1.00 60.53 ? 99  GLY A CA  1 
ATOM   635  C  C   . GLY A 1 93  ? -11.744 3.736   20.840  1.00 68.07 ? 99  GLY A C   1 
ATOM   636  O  O   . GLY A 1 93  ? -11.034 3.493   21.820  1.00 69.12 ? 99  GLY A O   1 
ATOM   637  N  N   . VAL A 1 94  ? -11.433 3.370   19.582  1.00 68.45 ? 100 VAL A N   1 
ATOM   638  C  CA  . VAL A 1 94  ? -10.319 2.470   19.264  1.00 60.42 ? 100 VAL A CA  1 
ATOM   639  C  C   . VAL A 1 94  ? -9.011  3.227   19.488  1.00 56.11 ? 100 VAL A C   1 
ATOM   640  O  O   . VAL A 1 94  ? -8.906  4.422   19.180  1.00 47.14 ? 100 VAL A O   1 
ATOM   641  C  CB  . VAL A 1 94  ? -10.373 1.892   17.837  1.00 60.48 ? 100 VAL A CB  1 
ATOM   642  C  CG1 . VAL A 1 94  ? -11.791 1.554   17.381  1.00 60.73 ? 100 VAL A CG1 1 
ATOM   643  C  CG2 . VAL A 1 94  ? -9.684  2.800   16.836  1.00 61.32 ? 100 VAL A CG2 1 
ATOM   644  N  N   . GLU A 1 95  ? -8.031  2.485   20.011  1.00 53.60 ? 101 GLU A N   1 
ATOM   645  C  CA  . GLU A 1 95  ? -6.702  2.958   20.336  1.00 54.08 ? 101 GLU A CA  1 
ATOM   646  C  C   . GLU A 1 95  ? -6.093  3.722   19.152  1.00 50.09 ? 101 GLU A C   1 
ATOM   647  O  O   . GLU A 1 95  ? -6.251  3.337   17.994  1.00 49.92 ? 101 GLU A O   1 
ATOM   648  C  CB  . GLU A 1 95  ? -5.831  1.757   20.694  1.00 61.74 ? 101 GLU A CB  1 
ATOM   649  C  CG  . GLU A 1 95  ? -4.985  1.949   21.938  1.00 66.12 ? 101 GLU A CG  1 
ATOM   650  C  CD  . GLU A 1 95  ? -4.237  0.679   22.294  1.00 72.44 ? 101 GLU A CD  1 
ATOM   651  O  OE1 . GLU A 1 95  ? -3.327  0.286   21.523  1.00 77.45 ? 101 GLU A OE1 1 
ATOM   652  O  OE2 . GLU A 1 95  ? -4.610  0.050   23.296  1.00 73.87 ? 101 GLU A OE2 1 
ATOM   653  N  N   . LYS A 1 96  ? -5.379  4.799   19.478  1.00 51.06 ? 102 LYS A N   1 
ATOM   654  C  CA  . LYS A 1 96  ? -4.728  5.669   18.509  1.00 54.80 ? 102 LYS A CA  1 
ATOM   655  C  C   . LYS A 1 96  ? -3.443  4.987   18.052  1.00 54.53 ? 102 LYS A C   1 
ATOM   656  O  O   . LYS A 1 96  ? -2.581  4.701   18.870  1.00 51.01 ? 102 LYS A O   1 
ATOM   657  C  CB  . LYS A 1 96  ? -4.418  7.021   19.161  1.00 58.15 ? 102 LYS A CB  1 
ATOM   658  C  CG  . LYS A 1 96  ? -4.447  8.232   18.237  1.00 66.62 ? 102 LYS A CG  1 
ATOM   659  C  CD  . LYS A 1 96  ? -3.499  9.357   18.657  1.00 73.19 ? 102 LYS A CD  1 
ATOM   660  C  CE  . LYS A 1 96  ? -4.157  10.719  18.741  1.00 74.90 ? 102 LYS A CE  1 
ATOM   661  N  NZ  . LYS A 1 96  ? -5.325  10.700  19.655  1.00 73.07 ? 102 LYS A NZ  1 
ATOM   662  N  N   . PRO A 1 97  ? -3.242  4.703   16.751  1.00 54.10 ? 103 PRO A N   1 
ATOM   663  C  CA  . PRO A 1 97  ? -1.995  4.087   16.307  1.00 51.32 ? 103 PRO A CA  1 
ATOM   664  C  C   . PRO A 1 97  ? -0.821  5.062   16.463  1.00 48.91 ? 103 PRO A C   1 
ATOM   665  O  O   . PRO A 1 97  ? -1.041  6.276   16.526  1.00 47.50 ? 103 PRO A O   1 
ATOM   666  C  CB  . PRO A 1 97  ? -2.278  3.788   14.832  1.00 54.99 ? 103 PRO A CB  1 
ATOM   667  C  CG  . PRO A 1 97  ? -3.212  4.903   14.432  1.00 53.57 ? 103 PRO A CG  1 
ATOM   668  C  CD  . PRO A 1 97  ? -4.136  5.026   15.630  1.00 54.33 ? 103 PRO A CD  1 
ATOM   669  N  N   . LYS A 1 98  ? 0.397   4.507   16.518  1.00 49.01 ? 104 LYS A N   1 
ATOM   670  C  CA  . LYS A 1 98  ? 1.650   5.256   16.627  1.00 52.94 ? 104 LYS A CA  1 
ATOM   671  C  C   . LYS A 1 98  ? 2.014   5.798   15.251  1.00 52.04 ? 104 LYS A C   1 
ATOM   672  O  O   . LYS A 1 98  ? 2.546   6.888   15.136  1.00 53.29 ? 104 LYS A O   1 
ATOM   673  C  CB  . LYS A 1 98  ? 2.810   4.393   17.144  1.00 59.22 ? 104 LYS A CB  1 
ATOM   674  C  CG  . LYS A 1 98  ? 3.169   4.582   18.616  1.00 69.07 ? 104 LYS A CG  1 
ATOM   675  C  CD  . LYS A 1 98  ? 4.641   4.315   18.942  1.00 78.82 ? 104 LYS A CD  1 
ATOM   676  C  CE  . LYS A 1 98  ? 5.096   4.900   20.269  1.00 86.41 ? 104 LYS A CE  1 
ATOM   677  N  NZ  . LYS A 1 98  ? 4.942   6.377   20.318  1.00 86.80 ? 104 LYS A NZ  1 
ATOM   678  N  N   . PHE A 1 99  ? 1.718   4.988   14.234  1.00 49.45 ? 105 PHE A N   1 
ATOM   679  C  CA  . PHE A 1 99  ? 1.991   5.266   12.856  1.00 49.12 ? 105 PHE A CA  1 
ATOM   680  C  C   . PHE A 1 99  ? 0.684   5.328   12.048  1.00 45.07 ? 105 PHE A C   1 
ATOM   681  O  O   . PHE A 1 99  ? -0.246  4.563   12.275  1.00 44.87 ? 105 PHE A O   1 
ATOM   682  C  CB  . PHE A 1 99  ? 2.917   4.182   12.301  1.00 55.85 ? 105 PHE A CB  1 
ATOM   683  C  CG  . PHE A 1 99  ? 4.345   4.253   12.782  1.00 60.66 ? 105 PHE A CG  1 
ATOM   684  C  CD1 . PHE A 1 99  ? 4.983   5.475   12.975  1.00 65.22 ? 105 PHE A CD1 1 
ATOM   685  C  CD2 . PHE A 1 99  ? 5.069   3.087   12.995  1.00 61.72 ? 105 PHE A CD2 1 
ATOM   686  C  CE1 . PHE A 1 99  ? 6.304   5.528   13.395  1.00 71.03 ? 105 PHE A CE1 1 
ATOM   687  C  CE2 . PHE A 1 99  ? 6.389   3.143   13.417  1.00 66.25 ? 105 PHE A CE2 1 
ATOM   688  C  CZ  . PHE A 1 99  ? 7.006   4.360   13.611  1.00 69.65 ? 105 PHE A CZ  1 
ATOM   689  N  N   . LEU A 1 100 ? 0.643   6.249   11.084  1.00 39.01 ? 106 LEU A N   1 
ATOM   690  C  CA  . LEU A 1 100 ? -0.430  6.306   10.138  1.00 38.23 ? 106 LEU A CA  1 
ATOM   691  C  C   . LEU A 1 100 ? -0.589  4.950   9.465   1.00 37.22 ? 106 LEU A C   1 
ATOM   692  O  O   . LEU A 1 100 ? 0.297   4.490   8.762   1.00 38.40 ? 106 LEU A O   1 
ATOM   693  C  CB  . LEU A 1 100 ? -0.129  7.396   9.114   1.00 35.45 ? 106 LEU A CB  1 
ATOM   694  C  CG  . LEU A 1 100 ? -0.367  8.808   9.635   1.00 36.54 ? 106 LEU A CG  1 
ATOM   695  C  CD1 . LEU A 1 100 ? -0.020  9.828   8.577   1.00 37.28 ? 106 LEU A CD1 1 
ATOM   696  C  CD2 . LEU A 1 100 ? -1.806  8.994   10.099  1.00 35.61 ? 106 LEU A CD2 1 
ATOM   697  N  N   . PRO A 1 101 ? -1.741  4.276   9.635   1.00 35.28 ? 107 PRO A N   1 
ATOM   698  C  CA  . PRO A 1 101 ? -2.070  3.107   8.823   1.00 34.21 ? 107 PRO A CA  1 
ATOM   699  C  C   . PRO A 1 101 ? -2.635  3.580   7.474   1.00 30.82 ? 107 PRO A C   1 
ATOM   700  O  O   . PRO A 1 101 ? -2.618  4.748   7.206   1.00 26.69 ? 107 PRO A O   1 
ATOM   701  C  CB  . PRO A 1 101 ? -3.084  2.334   9.690   1.00 35.70 ? 107 PRO A CB  1 
ATOM   702  C  CG  . PRO A 1 101 ? -3.560  3.307   10.748  1.00 37.41 ? 107 PRO A CG  1 
ATOM   703  C  CD  . PRO A 1 101 ? -2.799  4.612   10.591  1.00 36.52 ? 107 PRO A CD  1 
ATOM   704  N  N   . ASP A 1 102 ? -3.135  2.655   6.653   1.00 33.77 ? 108 ASP A N   1 
ATOM   705  C  CA  . ASP A 1 102 ? -3.545  2.926   5.259   1.00 37.73 ? 108 ASP A CA  1 
ATOM   706  C  C   . ASP A 1 102 ? -5.063  3.130   5.101   1.00 38.40 ? 108 ASP A C   1 
ATOM   707  O  O   . ASP A 1 102 ? -5.485  3.911   4.252   1.00 36.29 ? 108 ASP A O   1 
ATOM   708  C  CB  . ASP A 1 102 ? -3.127  1.760   4.371   1.00 36.15 ? 108 ASP A CB  1 
ATOM   709  C  CG  . ASP A 1 102 ? -1.626  1.741   4.175   1.00 39.29 ? 108 ASP A CG  1 
ATOM   710  O  OD1 . ASP A 1 102 ? -1.068  2.843   3.876   1.00 34.28 ? 108 ASP A OD1 1 
ATOM   711  O  OD2 . ASP A 1 102 ? -1.033  0.640   4.319   1.00 31.67 ? 108 ASP A OD2 1 
ATOM   712  N  N   . LEU A 1 103 ? -5.853  2.348   5.843   1.00 39.98 ? 109 LEU A N   1 
ATOM   713  C  CA  . LEU A 1 103 ? -7.309  2.344   5.765   1.00 44.42 ? 109 LEU A CA  1 
ATOM   714  C  C   . LEU A 1 103 ? -7.884  2.243   7.178   1.00 45.08 ? 109 LEU A C   1 
ATOM   715  O  O   . LEU A 1 103 ? -7.201  1.803   8.117   1.00 48.27 ? 109 LEU A O   1 
ATOM   716  C  CB  . LEU A 1 103 ? -7.821  1.144   4.952   1.00 46.62 ? 109 LEU A CB  1 
ATOM   717  C  CG  . LEU A 1 103 ? -7.327  0.990   3.510   1.00 46.72 ? 109 LEU A CG  1 
ATOM   718  C  CD1 . LEU A 1 103 ? -7.733  -0.367  2.962   1.00 46.56 ? 109 LEU A CD1 1 
ATOM   719  C  CD2 . LEU A 1 103 ? -7.857  2.092   2.610   1.00 45.18 ? 109 LEU A CD2 1 
ATOM   720  N  N   . TYR A 1 104 ? -9.165  2.596   7.300   1.00 42.22 ? 110 TYR A N   1 
ATOM   721  C  CA  . TYR A 1 104 ? -9.978  2.140   8.431   1.00 45.83 ? 110 TYR A CA  1 
ATOM   722  C  C   . TYR A 1 104 ? -11.149 1.314   7.888   1.00 42.65 ? 110 TYR A C   1 
ATOM   723  O  O   . TYR A 1 104 ? -11.693 1.626   6.841   1.00 44.76 ? 110 TYR A O   1 
ATOM   724  C  CB  . TYR A 1 104 ? -10.416 3.317   9.313   1.00 43.60 ? 110 TYR A CB  1 
ATOM   725  C  CG  . TYR A 1 104 ? -11.177 2.868   10.532  1.00 46.56 ? 110 TYR A CG  1 
ATOM   726  C  CD1 . TYR A 1 104 ? -10.519 2.343   11.626  1.00 49.48 ? 110 TYR A CD1 1 
ATOM   727  C  CD2 . TYR A 1 104 ? -12.564 2.903   10.574  1.00 46.57 ? 110 TYR A CD2 1 
ATOM   728  C  CE1 . TYR A 1 104 ? -11.206 1.899   12.744  1.00 50.96 ? 110 TYR A CE1 1 
ATOM   729  C  CE2 . TYR A 1 104 ? -13.266 2.464   11.683  1.00 49.27 ? 110 TYR A CE2 1 
ATOM   730  C  CZ  . TYR A 1 104 ? -12.586 1.968   12.783  1.00 50.55 ? 110 TYR A CZ  1 
ATOM   731  O  OH  . TYR A 1 104 ? -13.261 1.525   13.892  1.00 52.96 ? 110 TYR A OH  1 
ATOM   732  N  N   . ASP A 1 105 ? -11.505 0.250   8.607   1.00 41.12 ? 111 ASP A N   1 
ATOM   733  C  CA  . ASP A 1 105 ? -12.592 -0.646  8.231   1.00 44.17 ? 111 ASP A CA  1 
ATOM   734  C  C   . ASP A 1 105 ? -13.733 -0.456  9.244   1.00 48.67 ? 111 ASP A C   1 
ATOM   735  O  O   . ASP A 1 105 ? -13.591 -0.870  10.397  1.00 48.79 ? 111 ASP A O   1 
ATOM   736  C  CB  . ASP A 1 105 ? -12.069 -2.085  8.168   1.00 40.08 ? 111 ASP A CB  1 
ATOM   737  C  CG  . ASP A 1 105 ? -13.057 -3.118  7.649   1.00 41.85 ? 111 ASP A CG  1 
ATOM   738  O  OD1 . ASP A 1 105 ? -14.260 -2.796  7.590   1.00 39.32 ? 111 ASP A OD1 1 
ATOM   739  O  OD2 . ASP A 1 105 ? -12.620 -4.254  7.322   1.00 39.37 ? 111 ASP A OD2 1 
ATOM   740  N  N   . TYR A 1 106 ? -14.835 0.187   8.816   1.00 52.41 ? 112 TYR A N   1 
ATOM   741  C  CA  . TYR A 1 106 ? -15.994 0.533   9.703   1.00 53.77 ? 112 TYR A CA  1 
ATOM   742  C  C   . TYR A 1 106 ? -16.902 -0.674  9.999   1.00 52.61 ? 112 TYR A C   1 
ATOM   743  O  O   . TYR A 1 106 ? -17.696 -0.639  10.942  1.00 68.23 ? 112 TYR A O   1 
ATOM   744  C  CB  . TYR A 1 106 ? -16.909 1.575   9.066   1.00 52.12 ? 112 TYR A CB  1 
ATOM   745  C  CG  . TYR A 1 106 ? -16.328 2.950   8.914   1.00 44.35 ? 112 TYR A CG  1 
ATOM   746  C  CD1 . TYR A 1 106 ? -16.181 3.782   10.009  1.00 42.04 ? 112 TYR A CD1 1 
ATOM   747  C  CD2 . TYR A 1 106 ? -15.999 3.437   7.667   1.00 41.85 ? 112 TYR A CD2 1 
ATOM   748  C  CE1 . TYR A 1 106 ? -15.651 5.048   9.877   1.00 39.20 ? 112 TYR A CE1 1 
ATOM   749  C  CE2 . TYR A 1 106 ? -15.467 4.704   7.514   1.00 40.88 ? 112 TYR A CE2 1 
ATOM   750  C  CZ  . TYR A 1 106 ? -15.291 5.505   8.622   1.00 42.04 ? 112 TYR A CZ  1 
ATOM   751  O  OH  . TYR A 1 106 ? -14.790 6.759   8.453   1.00 46.11 ? 112 TYR A OH  1 
ATOM   752  N  N   . LYS A 1 107 ? -16.811 -1.714  9.174   1.00 50.59 ? 113 LYS A N   1 
ATOM   753  C  CA  . LYS A 1 107 ? -17.499 -2.983  9.394   1.00 51.75 ? 113 LYS A CA  1 
ATOM   754  C  C   . LYS A 1 107 ? -16.845 -3.769  10.543  1.00 52.55 ? 113 LYS A C   1 
ATOM   755  O  O   . LYS A 1 107 ? -17.509 -4.125  11.503  1.00 59.15 ? 113 LYS A O   1 
ATOM   756  C  CB  . LYS A 1 107 ? -17.478 -3.782  8.092   1.00 53.58 ? 113 LYS A CB  1 
ATOM   757  C  CG  . LYS A 1 107 ? -17.985 -5.209  8.204   1.00 58.51 ? 113 LYS A CG  1 
ATOM   758  C  CD  . LYS A 1 107 ? -18.463 -5.739  6.879   1.00 62.99 ? 113 LYS A CD  1 
ATOM   759  C  CE  . LYS A 1 107 ? -18.461 -7.248  6.821   1.00 70.58 ? 113 LYS A CE  1 
ATOM   760  N  NZ  . LYS A 1 107 ? -19.384 -7.718  5.764   1.00 76.95 ? 113 LYS A NZ  1 
ATOM   761  N  N   . GLU A 1 108 ? -15.534 -4.015  10.438  1.00 55.03 ? 114 GLU A N   1 
ATOM   762  C  CA  . GLU A 1 108 ? -14.737 -4.796  11.414  1.00 51.44 ? 114 GLU A CA  1 
ATOM   763  C  C   . GLU A 1 108 ? -14.133 -3.905  12.519  1.00 51.23 ? 114 GLU A C   1 
ATOM   764  O  O   . GLU A 1 108 ? -13.534 -4.429  13.465  1.00 53.92 ? 114 GLU A O   1 
ATOM   765  C  CB  . GLU A 1 108 ? -13.605 -5.509  10.677  1.00 50.08 ? 114 GLU A CB  1 
ATOM   766  C  CG  . GLU A 1 108 ? -14.085 -6.315  9.494   1.00 51.17 ? 114 GLU A CG  1 
ATOM   767  C  CD  . GLU A 1 108 ? -14.969 -7.480  9.879   1.00 58.52 ? 114 GLU A CD  1 
ATOM   768  O  OE1 . GLU A 1 108 ? -14.750 -8.029  10.972  1.00 61.36 ? 114 GLU A OE1 1 
ATOM   769  O  OE2 . GLU A 1 108 ? -15.887 -7.824  9.095   1.00 69.86 ? 114 GLU A OE2 1 
ATOM   770  N  N   . ASN A 1 109 ? -14.240 -2.576  12.356  1.00 47.84 ? 115 ASN A N   1 
ATOM   771  C  CA  . ASN A 1 109 ? -13.850 -1.539  13.339  1.00 51.78 ? 115 ASN A CA  1 
ATOM   772  C  C   . ASN A 1 109 ? -12.379 -1.695  13.722  1.00 51.23 ? 115 ASN A C   1 
ATOM   773  O  O   . ASN A 1 109 ? -12.054 -1.833  14.906  1.00 48.74 ? 115 ASN A O   1 
ATOM   774  C  CB  . ASN A 1 109 ? -14.773 -1.530  14.558  1.00 52.91 ? 115 ASN A CB  1 
ATOM   775  C  CG  . ASN A 1 109 ? -16.218 -1.385  14.138  1.00 55.88 ? 115 ASN A CG  1 
ATOM   776  O  OD1 . ASN A 1 109 ? -16.680 -0.278  13.855  1.00 57.92 ? 115 ASN A OD1 1 
ATOM   777  N  ND2 . ASN A 1 109 ? -16.915 -2.505  14.034  1.00 55.51 ? 115 ASN A ND2 1 
ATOM   778  N  N   . ARG A 1 110 ? -11.507 -1.651  12.705  1.00 47.82 ? 116 ARG A N   1 
ATOM   779  C  CA  . ARG A 1 110 ? -10.069 -1.768  12.888  1.00 43.25 ? 116 ARG A CA  1 
ATOM   780  C  C   . ARG A 1 110 ? -9.345  -1.030  11.768  1.00 43.38 ? 116 ARG A C   1 
ATOM   781  O  O   . ARG A 1 110 ? -9.810  -1.024  10.636  1.00 45.52 ? 116 ARG A O   1 
ATOM   782  C  CB  . ARG A 1 110 ? -9.638  -3.231  12.855  1.00 43.55 ? 116 ARG A CB  1 
ATOM   783  C  CG  . ARG A 1 110 ? -9.966  -3.964  11.560  1.00 46.81 ? 116 ARG A CG  1 
ATOM   784  C  CD  . ARG A 1 110 ? -9.966  -5.458  11.808  1.00 45.39 ? 116 ARG A CD  1 
ATOM   785  N  NE  . ARG A 1 110 ? -10.060 -6.214  10.576  1.00 47.64 ? 116 ARG A NE  1 
ATOM   786  C  CZ  . ARG A 1 110 ? -10.546 -7.445  10.494  1.00 48.55 ? 116 ARG A CZ  1 
ATOM   787  N  NH1 . ARG A 1 110 ? -11.099 -8.003  11.555  1.00 52.99 ? 116 ARG A NH1 1 
ATOM   788  N  NH2 . ARG A 1 110 ? -10.485 -8.117  9.362   1.00 44.75 ? 116 ARG A NH2 1 
ATOM   789  N  N   . PHE A 1 111 ? -8.188  -0.449  12.091  1.00 40.42 ? 117 PHE A N   1 
ATOM   790  C  CA  . PHE A 1 111 ? -7.291  0.028   11.062  1.00 41.47 ? 117 PHE A CA  1 
ATOM   791  C  C   . PHE A 1 111 ? -6.751  -1.166  10.272  1.00 41.31 ? 117 PHE A C   1 
ATOM   792  O  O   . PHE A 1 111 ? -6.775  -2.306  10.756  1.00 44.27 ? 117 PHE A O   1 
ATOM   793  C  CB  . PHE A 1 111 ? -6.203  0.909   11.664  1.00 39.40 ? 117 PHE A CB  1 
ATOM   794  C  CG  . PHE A 1 111 ? -6.773  2.159   12.268  1.00 38.06 ? 117 PHE A CG  1 
ATOM   795  C  CD1 . PHE A 1 111 ? -7.097  3.245   11.471  1.00 37.41 ? 117 PHE A CD1 1 
ATOM   796  C  CD2 . PHE A 1 111 ? -7.066  2.217   13.615  1.00 37.16 ? 117 PHE A CD2 1 
ATOM   797  C  CE1 . PHE A 1 111 ? -7.628  4.394   12.030  1.00 40.67 ? 117 PHE A CE1 1 
ATOM   798  C  CE2 . PHE A 1 111 ? -7.603  3.364   14.170  1.00 37.64 ? 117 PHE A CE2 1 
ATOM   799  C  CZ  . PHE A 1 111 ? -7.881  4.453   13.379  1.00 39.72 ? 117 PHE A CZ  1 
ATOM   800  N  N   . ILE A 1 112 ? -6.355  -0.881  9.022   1.00 40.45 ? 118 ILE A N   1 
ATOM   801  C  CA  . ILE A 1 112 ? -5.625  -1.804  8.167   1.00 38.63 ? 118 ILE A CA  1 
ATOM   802  C  C   . ILE A 1 112 ? -4.316  -1.146  7.750   1.00 34.63 ? 118 ILE A C   1 
ATOM   803  O  O   . ILE A 1 112 ? -4.310  0.001   7.309   1.00 31.65 ? 118 ILE A O   1 
ATOM   804  C  CB  . ILE A 1 112 ? -6.429  -2.239  6.919   1.00 39.39 ? 118 ILE A CB  1 
ATOM   805  C  CG1 . ILE A 1 112 ? -7.789  -2.834  7.295   1.00 39.33 ? 118 ILE A CG1 1 
ATOM   806  C  CG2 . ILE A 1 112 ? -5.605  -3.197  6.062   1.00 37.96 ? 118 ILE A CG2 1 
ATOM   807  C  CD1 . ILE A 1 112 ? -8.796  -2.821  6.167   1.00 39.56 ? 118 ILE A CD1 1 
ATOM   808  N  N   . GLU A 1 113 ? -3.239  -1.927  7.883   1.00 34.59 ? 119 GLU A N   1 
ATOM   809  C  CA  . GLU A 1 113 ? -1.960  -1.665  7.274   1.00 33.60 ? 119 GLU A CA  1 
ATOM   810  C  C   . GLU A 1 113 ? -1.795  -2.594  6.065   1.00 32.57 ? 119 GLU A C   1 
ATOM   811  O  O   . GLU A 1 113 ? -1.892  -3.819  6.199   1.00 32.74 ? 119 GLU A O   1 
ATOM   812  C  CB  . GLU A 1 113 ? -0.815  -1.926  8.257   1.00 34.41 ? 119 GLU A CB  1 
ATOM   813  C  CG  . GLU A 1 113 ? 0.551   -1.824  7.598   1.00 32.40 ? 119 GLU A CG  1 
ATOM   814  C  CD  . GLU A 1 113 ? 0.748   -0.518  6.853   1.00 31.84 ? 119 GLU A CD  1 
ATOM   815  O  OE1 . GLU A 1 113 ? 0.227   0.488   7.334   1.00 33.14 ? 119 GLU A OE1 1 
ATOM   816  O  OE2 . GLU A 1 113 ? 1.392   -0.521  5.791   1.00 31.70 ? 119 GLU A OE2 1 
ATOM   817  N  N   . ILE A 1 114 ? -1.524  -1.988  4.910   1.00 30.46 ? 120 ILE A N   1 
ATOM   818  C  CA  . ILE A 1 114 ? -1.429  -2.672  3.664   1.00 32.97 ? 120 ILE A CA  1 
ATOM   819  C  C   . ILE A 1 114 ? 0.046   -2.784  3.283   1.00 33.36 ? 120 ILE A C   1 
ATOM   820  O  O   . ILE A 1 114 ? 0.725   -1.744  3.107   1.00 33.24 ? 120 ILE A O   1 
ATOM   821  C  CB  . ILE A 1 114 ? -2.176  -1.926  2.546   1.00 34.58 ? 120 ILE A CB  1 
ATOM   822  C  CG1 . ILE A 1 114 ? -3.677  -1.792  2.810   1.00 35.68 ? 120 ILE A CG1 1 
ATOM   823  C  CG2 . ILE A 1 114 ? -1.869  -2.589  1.212   1.00 35.38 ? 120 ILE A CG2 1 
ATOM   824  C  CD1 . ILE A 1 114 ? -4.504  -2.858  2.191   1.00 39.51 ? 120 ILE A CD1 1 
ATOM   825  N  N   . GLY A 1 115 ? 0.511   -4.020  3.085   1.00 29.55 ? 121 GLY A N   1 
ATOM   826  C  CA  . GLY A 1 115 ? 1.873   -4.235  2.645   1.00 31.29 ? 121 GLY A CA  1 
ATOM   827  C  C   . GLY A 1 115 ? 1.902   -4.789  1.241   1.00 31.32 ? 121 GLY A C   1 
ATOM   828  O  O   . GLY A 1 115 ? 1.123   -5.687  0.922   1.00 32.37 ? 121 GLY A O   1 
ATOM   829  N  N   . VAL A 1 116 ? 2.786   -4.235  0.406   1.00 30.07 ? 122 VAL A N   1 
ATOM   830  C  CA  . VAL A 1 116 ? 3.045   -4.794  -0.911  1.00 31.48 ? 122 VAL A CA  1 
ATOM   831  C  C   . VAL A 1 116 ? 4.548   -5.068  -0.999  1.00 31.60 ? 122 VAL A C   1 
ATOM   832  O  O   . VAL A 1 116 ? 5.327   -4.153  -0.761  1.00 28.23 ? 122 VAL A O   1 
ATOM   833  C  CB  . VAL A 1 116 ? 2.585   -3.872  -2.057  1.00 29.91 ? 122 VAL A CB  1 
ATOM   834  C  CG1 . VAL A 1 116 ? 2.979   -4.434  -3.425  1.00 28.99 ? 122 VAL A CG1 1 
ATOM   835  C  CG2 . VAL A 1 116 ? 1.091   -3.605  -1.992  1.00 29.47 ? 122 VAL A CG2 1 
ATOM   836  N  N   . THR A 1 117 ? 4.912   -6.310  -1.352  1.00 31.91 ? 123 THR A N   1 
ATOM   837  C  CA  . THR A 1 117 ? 6.292   -6.795  -1.243  1.00 34.32 ? 123 THR A CA  1 
ATOM   838  C  C   . THR A 1 117 ? 6.737   -7.583  -2.484  1.00 32.02 ? 123 THR A C   1 
ATOM   839  O  O   . THR A 1 117 ? 5.992   -8.376  -3.035  1.00 27.00 ? 123 THR A O   1 
ATOM   840  C  CB  . THR A 1 117 ? 6.466   -7.696  -0.009  1.00 37.25 ? 123 THR A CB  1 
ATOM   841  O  OG1 . THR A 1 117 ? 7.861   -7.980  0.169   1.00 36.79 ? 123 THR A OG1 1 
ATOM   842  C  CG2 . THR A 1 117 ? 5.667   -8.981  -0.109  1.00 38.79 ? 123 THR A CG2 1 
ATOM   843  N  N   . ARG A 1 118 ? 8.013   -7.400  -2.841  1.00 34.16 ? 124 ARG A N   1 
ATOM   844  C  CA  . ARG A 1 118 ? 8.714   -8.220  -3.809  1.00 36.57 ? 124 ARG A CA  1 
ATOM   845  C  C   . ARG A 1 118 ? 9.254   -9.492  -3.140  1.00 35.55 ? 124 ARG A C   1 
ATOM   846  O  O   . ARG A 1 118 ? 9.631   -10.415 -3.810  1.00 40.56 ? 124 ARG A O   1 
ATOM   847  C  CB  . ARG A 1 118 ? 9.826   -7.413  -4.490  1.00 36.59 ? 124 ARG A CB  1 
ATOM   848  C  CG  . ARG A 1 118 ? 9.286   -6.332  -5.415  1.00 41.73 ? 124 ARG A CG  1 
ATOM   849  C  CD  . ARG A 1 118 ? 9.067   -4.992  -4.728  1.00 42.49 ? 124 ARG A CD  1 
ATOM   850  N  NE  . ARG A 1 118 ? 10.299  -4.250  -4.695  1.00 38.86 ? 124 ARG A NE  1 
ATOM   851  C  CZ  . ARG A 1 118 ? 10.442  -3.008  -4.261  1.00 41.03 ? 124 ARG A CZ  1 
ATOM   852  N  NH1 . ARG A 1 118 ? 9.642   -2.514  -3.330  1.00 37.13 ? 124 ARG A NH1 1 
ATOM   853  N  NH2 . ARG A 1 118 ? 11.426  -2.277  -4.756  1.00 44.01 ? 124 ARG A NH2 1 
ATOM   854  N  N   . ARG A 1 119 ? 9.305   -9.538  -1.810  1.00 40.32 ? 125 ARG A N   1 
ATOM   855  C  CA  . ARG A 1 119 ? 9.784   -10.737 -1.099  1.00 38.00 ? 125 ARG A CA  1 
ATOM   856  C  C   . ARG A 1 119 ? 8.606   -11.657 -0.753  1.00 41.57 ? 125 ARG A C   1 
ATOM   857  O  O   . ARG A 1 119 ? 7.472   -11.460 -1.216  1.00 42.37 ? 125 ARG A O   1 
ATOM   858  C  CB  . ARG A 1 119 ? 10.518  -10.304 0.165   1.00 39.12 ? 125 ARG A CB  1 
ATOM   859  C  CG  . ARG A 1 119 ? 11.751  -9.457  -0.103  1.00 38.16 ? 125 ARG A CG  1 
ATOM   860  C  CD  . ARG A 1 119 ? 12.272  -8.889  1.199   1.00 37.81 ? 125 ARG A CD  1 
ATOM   861  N  NE  . ARG A 1 119 ? 11.566  -7.695  1.616   1.00 38.41 ? 125 ARG A NE  1 
ATOM   862  C  CZ  . ARG A 1 119 ? 11.512  -7.274  2.875   1.00 39.24 ? 125 ARG A CZ  1 
ATOM   863  N  NH1 . ARG A 1 119 ? 12.093  -7.989  3.825   1.00 35.56 ? 125 ARG A NH1 1 
ATOM   864  N  NH2 . ARG A 1 119 ? 10.874  -6.153  3.174   1.00 33.81 ? 125 ARG A NH2 1 
ATOM   865  N  N   . GLU A 1 120 ? 8.892   -12.672 0.057   1.00 44.06 ? 126 GLU A N   1 
ATOM   866  C  CA  . GLU A 1 120 ? 7.877   -13.547 0.610   1.00 47.40 ? 126 GLU A CA  1 
ATOM   867  C  C   . GLU A 1 120 ? 6.945   -12.776 1.531   1.00 43.14 ? 126 GLU A C   1 
ATOM   868  O  O   . GLU A 1 120 ? 7.358   -11.927 2.312   1.00 41.15 ? 126 GLU A O   1 
ATOM   869  C  CB  . GLU A 1 120 ? 8.451   -14.686 1.449   1.00 54.04 ? 126 GLU A CB  1 
ATOM   870  C  CG  . GLU A 1 120 ? 8.234   -16.050 0.822   1.00 63.18 ? 126 GLU A CG  1 
ATOM   871  C  CD  . GLU A 1 120 ? 9.345   -16.476 -0.113  1.00 62.94 ? 126 GLU A CD  1 
ATOM   872  O  OE1 . GLU A 1 120 ? 10.516  -16.170 0.193   1.00 65.84 ? 126 GLU A OE1 1 
ATOM   873  O  OE2 . GLU A 1 120 ? 9.035   -17.127 -1.119  1.00 65.00 ? 126 GLU A OE2 1 
ATOM   874  N  N   . VAL A 1 121 ? 5.681   -13.184 1.480   1.00 42.18 ? 127 VAL A N   1 
ATOM   875  C  CA  . VAL A 1 121 ? 4.624   -12.516 2.197   1.00 43.28 ? 127 VAL A CA  1 
ATOM   876  C  C   . VAL A 1 121 ? 4.801   -12.701 3.716   1.00 42.05 ? 127 VAL A C   1 
ATOM   877  O  O   . VAL A 1 121 ? 4.555   -11.740 4.470   1.00 41.97 ? 127 VAL A O   1 
ATOM   878  C  CB  . VAL A 1 121 ? 3.233   -12.946 1.669   1.00 41.66 ? 127 VAL A CB  1 
ATOM   879  C  CG1 . VAL A 1 121 ? 3.053   -12.483 0.226   1.00 38.95 ? 127 VAL A CG1 1 
ATOM   880  C  CG2 . VAL A 1 121 ? 2.964   -14.445 1.779   1.00 38.61 ? 127 VAL A CG2 1 
ATOM   881  N  N   . HIS A 1 122 ? 5.237   -13.891 4.159   1.00 41.14 ? 128 HIS A N   1 
ATOM   882  C  CA  . HIS A 1 122 ? 5.417   -14.182 5.610   1.00 42.94 ? 128 HIS A CA  1 
ATOM   883  C  C   . HIS A 1 122 ? 6.526   -13.277 6.170   1.00 42.40 ? 128 HIS A C   1 
ATOM   884  O  O   . HIS A 1 122 ? 6.405   -12.717 7.276   1.00 36.46 ? 128 HIS A O   1 
ATOM   885  C  CB  . HIS A 1 122 ? 5.639   -15.693 5.866   1.00 44.83 ? 128 HIS A CB  1 
ATOM   886  C  CG  . HIS A 1 122 ? 7.011   -16.194 5.559   1.00 52.92 ? 128 HIS A CG  1 
ATOM   887  N  ND1 . HIS A 1 122 ? 7.359   -16.690 4.303   1.00 55.11 ? 128 HIS A ND1 1 
ATOM   888  C  CD2 . HIS A 1 122 ? 8.130   -16.262 6.319   1.00 52.74 ? 128 HIS A CD2 1 
ATOM   889  C  CE1 . HIS A 1 122 ? 8.626   -17.048 4.305   1.00 50.75 ? 128 HIS A CE1 1 
ATOM   890  N  NE2 . HIS A 1 122 ? 9.125   -16.791 5.531   1.00 58.83 ? 128 HIS A NE2 1 
ATOM   891  N  N   . ILE A 1 123 ? 7.573   -13.099 5.355   1.00 41.32 ? 129 ILE A N   1 
ATOM   892  C  CA  . ILE A 1 123 ? 8.732   -12.258 5.670   1.00 42.72 ? 129 ILE A CA  1 
ATOM   893  C  C   . ILE A 1 123 ? 8.296   -10.801 5.882   1.00 42.19 ? 129 ILE A C   1 
ATOM   894  O  O   . ILE A 1 123 ? 8.633   -10.185 6.901   1.00 44.55 ? 129 ILE A O   1 
ATOM   895  C  CB  . ILE A 1 123 ? 9.786   -12.398 4.555   1.00 42.78 ? 129 ILE A CB  1 
ATOM   896  C  CG1 . ILE A 1 123 ? 10.594  -13.690 4.731   1.00 49.85 ? 129 ILE A CG1 1 
ATOM   897  C  CG2 . ILE A 1 123 ? 10.677  -11.170 4.468   1.00 42.70 ? 129 ILE A CG2 1 
ATOM   898  C  CD1 . ILE A 1 123 ? 11.560  -13.981 3.597   1.00 51.96 ? 129 ILE A CD1 1 
ATOM   899  N  N   . TYR A 1 124 ? 7.568   -10.246 4.910   1.00 40.11 ? 130 TYR A N   1 
ATOM   900  C  CA  . TYR A 1 124 ? 7.129   -8.861  5.008   1.00 39.19 ? 130 TYR A CA  1 
ATOM   901  C  C   . TYR A 1 124 ? 6.021   -8.742  6.063   1.00 37.91 ? 130 TYR A C   1 
ATOM   902  O  O   . TYR A 1 124 ? 5.959   -7.749  6.737   1.00 40.18 ? 130 TYR A O   1 
ATOM   903  C  CB  . TYR A 1 124 ? 6.719   -8.303  3.641   1.00 38.65 ? 130 TYR A CB  1 
ATOM   904  C  CG  . TYR A 1 124 ? 6.594   -6.801  3.596   1.00 39.22 ? 130 TYR A CG  1 
ATOM   905  C  CD1 . TYR A 1 124 ? 7.604   -5.966  4.056   1.00 38.40 ? 130 TYR A CD1 1 
ATOM   906  C  CD2 . TYR A 1 124 ? 5.457   -6.203  3.074   1.00 43.40 ? 130 TYR A CD2 1 
ATOM   907  C  CE1 . TYR A 1 124 ? 7.474   -4.582  4.034   1.00 40.43 ? 130 TYR A CE1 1 
ATOM   908  C  CE2 . TYR A 1 124 ? 5.328   -4.821  3.007   1.00 42.34 ? 130 TYR A CE2 1 
ATOM   909  C  CZ  . TYR A 1 124 ? 6.336   -4.006  3.488   1.00 39.28 ? 130 TYR A CZ  1 
ATOM   910  O  OH  . TYR A 1 124 ? 6.183   -2.655  3.392   1.00 36.32 ? 130 TYR A OH  1 
ATOM   911  N  N   . TYR A 1 125 ? 5.188   -9.775  6.229   1.00 38.57 ? 131 TYR A N   1 
ATOM   912  C  CA  . TYR A 1 125 ? 4.227   -9.788  7.300   1.00 41.61 ? 131 TYR A CA  1 
ATOM   913  C  C   . TYR A 1 125 ? 4.938   -9.579  8.640   1.00 44.81 ? 131 TYR A C   1 
ATOM   914  O  O   . TYR A 1 125 ? 4.473   -8.825  9.494   1.00 46.98 ? 131 TYR A O   1 
ATOM   915  C  CB  . TYR A 1 125 ? 3.421   -11.087 7.361   1.00 43.09 ? 131 TYR A CB  1 
ATOM   916  C  CG  . TYR A 1 125 ? 2.347   -11.033 8.417   1.00 45.71 ? 131 TYR A CG  1 
ATOM   917  C  CD1 . TYR A 1 125 ? 2.630   -11.317 9.747   1.00 48.52 ? 131 TYR A CD1 1 
ATOM   918  C  CD2 . TYR A 1 125 ? 1.065   -10.606 8.109   1.00 45.94 ? 131 TYR A CD2 1 
ATOM   919  C  CE1 . TYR A 1 125 ? 1.655   -11.235 10.729  1.00 48.21 ? 131 TYR A CE1 1 
ATOM   920  C  CE2 . TYR A 1 125 ? 0.080   -10.510 9.078   1.00 44.84 ? 131 TYR A CE2 1 
ATOM   921  C  CZ  . TYR A 1 125 ? 0.375   -10.827 10.393  1.00 50.11 ? 131 TYR A CZ  1 
ATOM   922  O  OH  . TYR A 1 125 ? -0.599  -10.752 11.348  1.00 58.90 ? 131 TYR A OH  1 
ATOM   923  N  N   . LEU A 1 126 ? 6.041   -10.297 8.835   1.00 45.56 ? 132 LEU A N   1 
ATOM   924  C  CA  . LEU A 1 126 ? 6.748   -10.252 10.101  1.00 47.45 ? 132 LEU A CA  1 
ATOM   925  C  C   . LEU A 1 126 ? 7.313   -8.852  10.316  1.00 41.15 ? 132 LEU A C   1 
ATOM   926  O  O   . LEU A 1 126 ? 7.212   -8.345  11.402  1.00 44.82 ? 132 LEU A O   1 
ATOM   927  C  CB  . LEU A 1 126 ? 7.849   -11.321 10.128  1.00 49.09 ? 132 LEU A CB  1 
ATOM   928  C  CG  . LEU A 1 126 ? 7.340   -12.733 10.395  1.00 49.67 ? 132 LEU A CG  1 
ATOM   929  C  CD1 . LEU A 1 126 ? 8.403   -13.764 10.056  1.00 54.02 ? 132 LEU A CD1 1 
ATOM   930  C  CD2 . LEU A 1 126 ? 6.874   -12.864 11.836  1.00 51.95 ? 132 LEU A CD2 1 
ATOM   931  N  N   . GLU A 1 127 ? 7.879   -8.249  9.269   1.00 39.38 ? 133 GLU A N   1 
ATOM   932  C  CA  . GLU A 1 127 ? 8.417   -6.912  9.371   1.00 42.49 ? 133 GLU A CA  1 
ATOM   933  C  C   . GLU A 1 127 ? 7.341   -5.930  9.815   1.00 40.99 ? 133 GLU A C   1 
ATOM   934  O  O   . GLU A 1 127 ? 7.575   -5.113  10.691  1.00 43.21 ? 133 GLU A O   1 
ATOM   935  C  CB  . GLU A 1 127 ? 9.001   -6.427  8.054   1.00 46.50 ? 133 GLU A CB  1 
ATOM   936  C  CG  . GLU A 1 127 ? 10.489  -6.638  7.972   1.00 50.34 ? 133 GLU A CG  1 
ATOM   937  C  CD  . GLU A 1 127 ? 11.119  -6.080  6.710   1.00 56.30 ? 133 GLU A CD  1 
ATOM   938  O  OE1 . GLU A 1 127 ? 10.802  -4.924  6.360   1.00 58.26 ? 133 GLU A OE1 1 
ATOM   939  O  OE2 . GLU A 1 127 ? 11.936  -6.800  6.094   1.00 55.92 ? 133 GLU A OE2 1 
ATOM   940  N  N   . LYS A 1 128 ? 6.159   -6.034  9.209   1.00 41.85 ? 134 LYS A N   1 
ATOM   941  C  CA  . LYS A 1 128 ? 5.051   -5.165  9.560   1.00 42.10 ? 134 LYS A CA  1 
ATOM   942  C  C   . LYS A 1 128 ? 4.655   -5.407  11.018  1.00 41.55 ? 134 LYS A C   1 
ATOM   943  O  O   . LYS A 1 128 ? 4.503   -4.453  11.763  1.00 41.62 ? 134 LYS A O   1 
ATOM   944  C  CB  . LYS A 1 128 ? 3.856   -5.372  8.621   1.00 41.58 ? 134 LYS A CB  1 
ATOM   945  C  CG  . LYS A 1 128 ? 4.037   -4.767  7.233   1.00 42.16 ? 134 LYS A CG  1 
ATOM   946  C  CD  . LYS A 1 128 ? 4.319   -3.308  7.264   1.00 39.55 ? 134 LYS A CD  1 
ATOM   947  C  CE  . LYS A 1 128 ? 4.206   -2.638  5.921   1.00 39.15 ? 134 LYS A CE  1 
ATOM   948  N  NZ  . LYS A 1 128 ? 4.199   -1.168  6.101   1.00 40.20 ? 134 LYS A NZ  1 
ATOM   949  N  N   . ALA A 1 129 ? 4.479   -6.680  11.394  1.00 42.95 ? 135 ALA A N   1 
ATOM   950  C  CA  . ALA A 1 129 ? 3.898   -7.038  12.700  1.00 49.51 ? 135 ALA A CA  1 
ATOM   951  C  C   . ALA A 1 129 ? 4.828   -6.571  13.818  1.00 48.29 ? 135 ALA A C   1 
ATOM   952  O  O   . ALA A 1 129 ? 4.364   -6.181  14.867  1.00 58.64 ? 135 ALA A O   1 
ATOM   953  C  CB  . ALA A 1 129 ? 3.628   -8.524  12.782  1.00 50.77 ? 135 ALA A CB  1 
ATOM   954  N  N   . ASN A 1 130 ? 6.133   -6.592  13.526  1.00 52.66 ? 136 ASN A N   1 
ATOM   955  C  CA  . ASN A 1 130 ? 7.204   -6.161  14.414  1.00 49.73 ? 136 ASN A CA  1 
ATOM   956  C  C   . ASN A 1 130 ? 7.263   -4.633  14.473  1.00 46.96 ? 136 ASN A C   1 
ATOM   957  O  O   . ASN A 1 130 ? 7.441   -4.089  15.546  1.00 51.13 ? 136 ASN A O   1 
ATOM   958  C  CB  . ASN A 1 130 ? 8.561   -6.729  13.988  1.00 51.50 ? 136 ASN A CB  1 
ATOM   959  C  CG  . ASN A 1 130 ? 9.659   -6.423  14.982  1.00 53.88 ? 136 ASN A CG  1 
ATOM   960  O  OD1 . ASN A 1 130 ? 9.585   -6.826  16.140  1.00 51.40 ? 136 ASN A OD1 1 
ATOM   961  N  ND2 . ASN A 1 130 ? 10.683  -5.719  14.540  1.00 54.12 ? 136 ASN A ND2 1 
ATOM   962  N  N   . LYS A 1 131 ? 7.123   -3.951  13.330  1.00 47.12 ? 137 LYS A N   1 
ATOM   963  C  CA  . LYS A 1 131 ? 7.192   -2.478  13.274  1.00 51.41 ? 137 LYS A CA  1 
ATOM   964  C  C   . LYS A 1 131 ? 6.074   -1.842  14.107  1.00 49.13 ? 137 LYS A C   1 
ATOM   965  O  O   . LYS A 1 131 ? 6.322   -0.842  14.753  1.00 54.56 ? 137 LYS A O   1 
ATOM   966  C  CB  . LYS A 1 131 ? 7.121   -1.961  11.835  1.00 56.74 ? 137 LYS A CB  1 
ATOM   967  C  CG  . LYS A 1 131 ? 7.305   -0.457  11.675  1.00 61.89 ? 137 LYS A CG  1 
ATOM   968  C  CD  . LYS A 1 131 ? 7.448   -0.037  10.210  1.00 75.06 ? 137 LYS A CD  1 
ATOM   969  C  CE  . LYS A 1 131 ? 7.373   1.462   9.979   1.00 78.61 ? 137 LYS A CE  1 
ATOM   970  N  NZ  . LYS A 1 131 ? 8.557   2.164   10.529  1.00 81.60 ? 137 LYS A NZ  1 
ATOM   971  N  N   . ILE A 1 132 ? 4.880   -2.450  14.111  1.00 53.44 ? 138 ILE A N   1 
ATOM   972  C  CA  . ILE A 1 132 ? 3.671   -1.915  14.786  1.00 57.11 ? 138 ILE A CA  1 
ATOM   973  C  C   . ILE A 1 132 ? 3.212   -2.888  15.889  1.00 60.12 ? 138 ILE A C   1 
ATOM   974  O  O   . ILE A 1 132 ? 2.035   -2.931  16.261  1.00 58.84 ? 138 ILE A O   1 
ATOM   975  C  CB  . ILE A 1 132 ? 2.577   -1.601  13.735  1.00 57.02 ? 138 ILE A CB  1 
ATOM   976  C  CG1 . ILE A 1 132 ? 1.892   -2.858  13.186  1.00 52.49 ? 138 ILE A CG1 1 
ATOM   977  C  CG2 . ILE A 1 132 ? 3.165   -0.737  12.620  1.00 54.09 ? 138 ILE A CG2 1 
ATOM   978  C  CD1 . ILE A 1 132 ? 1.178   -2.651  11.857  1.00 53.28 ? 138 ILE A CD1 1 
ATOM   979  N  N   . LYS A 1 133 ? 4.191   -3.613  16.446  1.00 69.92 ? 139 LYS A N   1 
ATOM   980  C  CA  . LYS A 1 133 ? 4.102   -4.604  17.552  1.00 69.95 ? 139 LYS A CA  1 
ATOM   981  C  C   . LYS A 1 133 ? 2.987   -4.303  18.563  1.00 68.71 ? 139 LYS A C   1 
ATOM   982  O  O   . LYS A 1 133 ? 2.254   -5.213  18.948  1.00 78.26 ? 139 LYS A O   1 
ATOM   983  C  CB  . LYS A 1 133 ? 5.435   -4.631  18.309  1.00 76.08 ? 139 LYS A CB  1 
ATOM   984  C  CG  . LYS A 1 133 ? 6.072   -6.002  18.496  1.00 76.36 ? 139 LYS A CG  1 
ATOM   985  C  CD  . LYS A 1 133 ? 7.446   -5.949  19.141  1.00 75.22 ? 139 LYS A CD  1 
ATOM   986  C  CE  . LYS A 1 133 ? 8.514   -5.317  18.267  1.00 76.85 ? 139 LYS A CE  1 
ATOM   987  N  NZ  . LYS A 1 133 ? 8.628   -3.849  18.441  1.00 74.95 ? 139 LYS A NZ  1 
ATOM   988  N  N   . SER A 1 134 ? 2.880   -3.050  19.019  1.00 76.25 ? 140 SER A N   1 
ATOM   989  C  CA  . SER A 1 134 ? 1.991   -2.688  20.150  1.00 77.15 ? 140 SER A CA  1 
ATOM   990  C  C   . SER A 1 134 ? 0.634   -2.118  19.680  1.00 78.04 ? 140 SER A C   1 
ATOM   991  O  O   . SER A 1 134 ? -0.141  -1.627  20.512  1.00 90.47 ? 140 SER A O   1 
ATOM   992  C  CB  . SER A 1 134 ? 2.696   -1.740  21.094  1.00 76.78 ? 140 SER A CB  1 
ATOM   993  O  OG  . SER A 1 134 ? 3.222   -0.620  20.394  1.00 79.65 ? 140 SER A OG  1 
ATOM   994  N  N   . GLU A 1 135 ? 0.321   -2.215  18.377  1.00 69.26 ? 141 GLU A N   1 
ATOM   995  C  CA  . GLU A 1 135 ? -0.974  -1.767  17.825  1.00 69.13 ? 141 GLU A CA  1 
ATOM   996  C  C   . GLU A 1 135 ? -1.900  -2.979  17.640  1.00 66.23 ? 141 GLU A C   1 
ATOM   997  O  O   . GLU A 1 135 ? -1.453  -4.113  17.622  1.00 66.64 ? 141 GLU A O   1 
ATOM   998  C  CB  . GLU A 1 135 ? -0.789  -1.049  16.481  1.00 67.00 ? 141 GLU A CB  1 
ATOM   999  C  CG  . GLU A 1 135 ? -0.079  0.302   16.571  1.00 62.96 ? 141 GLU A CG  1 
ATOM   1000 C  CD  . GLU A 1 135 ? 0.120   0.986   15.225  1.00 63.79 ? 141 GLU A CD  1 
ATOM   1001 O  OE1 . GLU A 1 135 ? -0.594  0.615   14.267  1.00 59.63 ? 141 GLU A OE1 1 
ATOM   1002 O  OE2 . GLU A 1 135 ? 1.001   1.874   15.119  1.00 65.51 ? 141 GLU A OE2 1 
ATOM   1003 N  N   . LYS A 1 136 ? -3.198  -2.709  17.483  1.00 67.96 ? 142 LYS A N   1 
ATOM   1004 C  CA  . LYS A 1 136 ? -4.200  -3.730  17.171  1.00 64.46 ? 142 LYS A CA  1 
ATOM   1005 C  C   . LYS A 1 136 ? -4.700  -3.490  15.743  1.00 55.35 ? 142 LYS A C   1 
ATOM   1006 O  O   . LYS A 1 136 ? -5.880  -3.616  15.463  1.00 57.74 ? 142 LYS A O   1 
ATOM   1007 C  CB  . LYS A 1 136 ? -5.324  -3.691  18.211  1.00 73.25 ? 142 LYS A CB  1 
ATOM   1008 C  CG  . LYS A 1 136 ? -4.855  -3.783  19.662  1.00 79.29 ? 142 LYS A CG  1 
ATOM   1009 C  CD  . LYS A 1 136 ? -4.688  -2.437  20.362  1.00 82.15 ? 142 LYS A CD  1 
ATOM   1010 C  CE  . LYS A 1 136 ? -6.006  -1.791  20.738  1.00 81.18 ? 142 LYS A CE  1 
ATOM   1011 N  NZ  . LYS A 1 136 ? -6.902  -2.729  21.457  1.00 80.88 ? 142 LYS A NZ  1 
ATOM   1012 N  N   . THR A 1 137 ? -3.754  -3.153  14.859  1.00 49.28 ? 143 THR A N   1 
ATOM   1013 C  CA  . THR A 1 137 ? -3.966  -2.901  13.458  1.00 46.03 ? 143 THR A CA  1 
ATOM   1014 C  C   . THR A 1 137 ? -3.916  -4.215  12.671  1.00 46.88 ? 143 THR A C   1 
ATOM   1015 O  O   . THR A 1 137 ? -3.017  -5.012  12.833  1.00 42.18 ? 143 THR A O   1 
ATOM   1016 C  CB  . THR A 1 137 ? -2.907  -1.945  12.907  1.00 47.20 ? 143 THR A CB  1 
ATOM   1017 O  OG1 . THR A 1 137 ? -2.899  -0.795  13.749  1.00 42.87 ? 143 THR A OG1 1 
ATOM   1018 C  CG2 . THR A 1 137 ? -3.158  -1.545  11.467  1.00 47.31 ? 143 THR A CG2 1 
ATOM   1019 N  N   . HIS A 1 138 ? -4.911  -4.414  11.799  1.00 45.40 ? 144 HIS A N   1 
ATOM   1020 C  CA  . HIS A 1 138 ? -4.992  -5.574  10.987  1.00 38.87 ? 144 HIS A CA  1 
ATOM   1021 C  C   . HIS A 1 138 ? -3.995  -5.417  9.850   1.00 40.12 ? 144 HIS A C   1 
ATOM   1022 O  O   . HIS A 1 138 ? -3.886  -4.335  9.277   1.00 43.42 ? 144 HIS A O   1 
ATOM   1023 C  CB  . HIS A 1 138 ? -6.417  -5.752  10.482  1.00 41.76 ? 144 HIS A CB  1 
ATOM   1024 C  CG  . HIS A 1 138 ? -6.717  -7.147  10.089  1.00 39.48 ? 144 HIS A CG  1 
ATOM   1025 N  ND1 . HIS A 1 138 ? -7.140  -8.087  11.010  1.00 45.26 ? 144 HIS A ND1 1 
ATOM   1026 C  CD2 . HIS A 1 138 ? -6.646  -7.768  8.894   1.00 39.38 ? 144 HIS A CD2 1 
ATOM   1027 C  CE1 . HIS A 1 138 ? -7.307  -9.243  10.395  1.00 47.25 ? 144 HIS A CE1 1 
ATOM   1028 N  NE2 . HIS A 1 138 ? -7.005  -9.073  9.090   1.00 42.87 ? 144 HIS A NE2 1 
ATOM   1029 N  N   . ILE A 1 139 ? -3.286  -6.502  9.527   1.00 41.37 ? 145 ILE A N   1 
ATOM   1030 C  CA  . ILE A 1 139 ? -2.238  -6.457  8.526   1.00 39.26 ? 145 ILE A CA  1 
ATOM   1031 C  C   . ILE A 1 139 ? -2.645  -7.290  7.307   1.00 37.30 ? 145 ILE A C   1 
ATOM   1032 O  O   . ILE A 1 139 ? -3.079  -8.428  7.432   1.00 38.89 ? 145 ILE A O   1 
ATOM   1033 C  CB  . ILE A 1 139 ? -0.890  -6.888  9.121   1.00 35.21 ? 145 ILE A CB  1 
ATOM   1034 C  CG1 . ILE A 1 139 ? -0.432  -5.890  10.186  1.00 36.74 ? 145 ILE A CG1 1 
ATOM   1035 C  CG2 . ILE A 1 139 ? 0.136   -7.040  8.021   1.00 33.97 ? 145 ILE A CG2 1 
ATOM   1036 C  CD1 . ILE A 1 139 ? 0.723   -6.362  11.050  1.00 37.44 ? 145 ILE A CD1 1 
ATOM   1037 N  N   . HIS A 1 140 ? -2.484  -6.698  6.119   1.00 33.64 ? 146 HIS A N   1 
ATOM   1038 C  CA  . HIS A 1 140 ? -2.772  -7.397  4.881   1.00 35.86 ? 146 HIS A CA  1 
ATOM   1039 C  C   . HIS A 1 140 ? -1.624  -7.129  3.909   1.00 34.10 ? 146 HIS A C   1 
ATOM   1040 O  O   . HIS A 1 140 ? -1.382  -5.979  3.497   1.00 35.43 ? 146 HIS A O   1 
ATOM   1041 C  CB  . HIS A 1 140 ? -4.170  -7.021  4.351   1.00 36.45 ? 146 HIS A CB  1 
ATOM   1042 C  CG  . HIS A 1 140 ? -4.741  -7.985  3.363   1.00 34.93 ? 146 HIS A CG  1 
ATOM   1043 N  ND1 . HIS A 1 140 ? -6.104  -8.112  3.157   1.00 32.20 ? 146 HIS A ND1 1 
ATOM   1044 C  CD2 . HIS A 1 140 ? -4.145  -8.847  2.505   1.00 35.20 ? 146 HIS A CD2 1 
ATOM   1045 C  CE1 . HIS A 1 140 ? -6.313  -9.016  2.215   1.00 33.75 ? 146 HIS A CE1 1 
ATOM   1046 N  NE2 . HIS A 1 140 ? -5.134  -9.484  1.802   1.00 31.21 ? 146 HIS A NE2 1 
ATOM   1047 N  N   . ILE A 1 141 ? -0.918  -8.217  3.595   1.00 31.28 ? 147 ILE A N   1 
ATOM   1048 C  CA  . ILE A 1 141 ? 0.256   -8.260  2.745   1.00 31.56 ? 147 ILE A CA  1 
ATOM   1049 C  C   . ILE A 1 141 ? -0.136  -8.883  1.397   1.00 30.44 ? 147 ILE A C   1 
ATOM   1050 O  O   . ILE A 1 141 ? -0.710  -9.973  1.357   1.00 30.75 ? 147 ILE A O   1 
ATOM   1051 C  CB  . ILE A 1 141 ? 1.389   -9.095  3.399   1.00 33.41 ? 147 ILE A CB  1 
ATOM   1052 C  CG1 . ILE A 1 141 ? 1.754   -8.646  4.818   1.00 33.21 ? 147 ILE A CG1 1 
ATOM   1053 C  CG2 . ILE A 1 141 ? 2.618   -9.156  2.505   1.00 34.92 ? 147 ILE A CG2 1 
ATOM   1054 C  CD1 . ILE A 1 141 ? 2.235   -7.216  4.932   1.00 34.56 ? 147 ILE A CD1 1 
ATOM   1055 N  N   . PHE A 1 142 ? 0.282   -8.224  0.309   1.00 31.83 ? 148 PHE A N   1 
ATOM   1056 C  CA  . PHE A 1 142 ? 0.208   -8.730  -1.051  1.00 31.28 ? 148 PHE A CA  1 
ATOM   1057 C  C   . PHE A 1 142 ? 1.606   -8.832  -1.661  1.00 30.00 ? 148 PHE A C   1 
ATOM   1058 O  O   . PHE A 1 142 ? 2.497   -8.074  -1.344  1.00 30.99 ? 148 PHE A O   1 
ATOM   1059 C  CB  . PHE A 1 142 ? -0.623  -7.801  -1.936  1.00 33.41 ? 148 PHE A CB  1 
ATOM   1060 C  CG  . PHE A 1 142 ? -2.065  -7.681  -1.522  1.00 32.51 ? 148 PHE A CG  1 
ATOM   1061 C  CD1 . PHE A 1 142 ? -3.011  -8.572  -2.001  1.00 33.52 ? 148 PHE A CD1 1 
ATOM   1062 C  CD2 . PHE A 1 142 ? -2.477  -6.660  -0.687  1.00 29.79 ? 148 PHE A CD2 1 
ATOM   1063 C  CE1 . PHE A 1 142 ? -4.341  -8.459  -1.637  1.00 32.65 ? 148 PHE A CE1 1 
ATOM   1064 C  CE2 . PHE A 1 142 ? -3.807  -6.551  -0.319  1.00 34.41 ? 148 PHE A CE2 1 
ATOM   1065 C  CZ  . PHE A 1 142 ? -4.735  -7.450  -0.789  1.00 35.58 ? 148 PHE A CZ  1 
ATOM   1066 N  N   . SER A 1 143 ? 1.779   -9.803  -2.549  1.00 34.62 ? 149 SER A N   1 
ATOM   1067 C  CA  . SER A 1 143 ? 3.016   -9.983  -3.264  1.00 35.58 ? 149 SER A CA  1 
ATOM   1068 C  C   . SER A 1 143 ? 2.710   -9.748  -4.736  1.00 30.76 ? 149 SER A C   1 
ATOM   1069 O  O   . SER A 1 143 ? 1.594   -9.647  -5.100  1.00 36.52 ? 149 SER A O   1 
ATOM   1070 C  CB  . SER A 1 143 ? 3.580   -11.347 -3.022  1.00 38.28 ? 149 SER A CB  1 
ATOM   1071 O  OG  . SER A 1 143 ? 2.848   -12.325 -3.754  1.00 39.44 ? 149 SER A OG  1 
ATOM   1072 N  N   . PHE A 1 144 ? 3.737   -9.670  -5.557  1.00 32.89 ? 150 PHE A N   1 
ATOM   1073 C  CA  . PHE A 1 144 ? 3.588   -9.644  -6.983  1.00 32.45 ? 150 PHE A CA  1 
ATOM   1074 C  C   . PHE A 1 144 ? 3.472   -11.059 -7.554  1.00 30.57 ? 150 PHE A C   1 
ATOM   1075 O  O   . PHE A 1 144 ? 3.562   -11.241 -8.743  1.00 39.53 ? 150 PHE A O   1 
ATOM   1076 C  CB  . PHE A 1 144 ? 4.762   -8.894  -7.599  1.00 33.60 ? 150 PHE A CB  1 
ATOM   1077 C  CG  . PHE A 1 144 ? 4.801   -7.435  -7.229  1.00 31.63 ? 150 PHE A CG  1 
ATOM   1078 C  CD1 . PHE A 1 144 ? 5.365   -7.027  -6.034  1.00 28.30 ? 150 PHE A CD1 1 
ATOM   1079 C  CD2 . PHE A 1 144 ? 4.263   -6.483  -8.077  1.00 28.35 ? 150 PHE A CD2 1 
ATOM   1080 C  CE1 . PHE A 1 144 ? 5.429   -5.679  -5.716  1.00 29.63 ? 150 PHE A CE1 1 
ATOM   1081 C  CE2 . PHE A 1 144 ? 4.314   -5.137  -7.748  1.00 30.18 ? 150 PHE A CE2 1 
ATOM   1082 C  CZ  . PHE A 1 144 ? 4.883   -4.739  -6.563  1.00 30.70 ? 150 PHE A CZ  1 
ATOM   1083 N  N   . THR A 1 145 ? 3.168   -12.047 -6.726  1.00 30.81 ? 151 THR A N   1 
ATOM   1084 C  CA  . THR A 1 145 ? 3.088   -13.429 -7.209  1.00 34.33 ? 151 THR A CA  1 
ATOM   1085 C  C   . THR A 1 145 ? 1.681   -13.967 -6.979  1.00 34.95 ? 151 THR A C   1 
ATOM   1086 O  O   . THR A 1 145 ? 1.423   -15.122 -7.294  1.00 43.43 ? 151 THR A O   1 
ATOM   1087 C  CB  . THR A 1 145 ? 4.081   -14.361 -6.479  1.00 32.96 ? 151 THR A CB  1 
ATOM   1088 O  OG1 . THR A 1 145 ? 3.655   -14.426 -5.113  1.00 34.60 ? 151 THR A OG1 1 
ATOM   1089 C  CG2 . THR A 1 145 ? 5.521   -13.910 -6.532  1.00 29.12 ? 151 THR A CG2 1 
ATOM   1090 N  N   . GLY A 1 146 ? 0.814   -13.171 -6.341  1.00 38.66 ? 152 GLY A N   1 
ATOM   1091 C  CA  . GLY A 1 146 ? -0.568  -13.583 -6.051  1.00 38.96 ? 152 GLY A CA  1 
ATOM   1092 C  C   . GLY A 1 146 ? -0.712  -14.230 -4.684  1.00 39.41 ? 152 GLY A C   1 
ATOM   1093 O  O   . GLY A 1 146 ? -1.750  -14.804 -4.382  1.00 43.73 ? 152 GLY A O   1 
ATOM   1094 N  N   . GLU A 1 147 ? 0.332   -14.160 -3.855  1.00 39.76 ? 153 GLU A N   1 
ATOM   1095 C  CA  . GLU A 1 147 ? 0.235   -14.608 -2.472  1.00 40.39 ? 153 GLU A CA  1 
ATOM   1096 C  C   . GLU A 1 147 ? -0.243  -13.426 -1.629  1.00 39.98 ? 153 GLU A C   1 
ATOM   1097 O  O   . GLU A 1 147 ? 0.039   -12.264 -1.921  1.00 40.94 ? 153 GLU A O   1 
ATOM   1098 C  CB  . GLU A 1 147 ? 1.563   -15.152 -1.945  1.00 46.52 ? 153 GLU A CB  1 
ATOM   1099 C  CG  . GLU A 1 147 ? 1.947   -16.521 -2.502  1.00 53.37 ? 153 GLU A CG  1 
ATOM   1100 C  CD  . GLU A 1 147 ? 3.402   -16.902 -2.265  1.00 63.39 ? 153 GLU A CD  1 
ATOM   1101 O  OE1 . GLU A 1 147 ? 4.206   -16.791 -3.221  1.00 73.41 ? 153 GLU A OE1 1 
ATOM   1102 O  OE2 . GLU A 1 147 ? 3.749   -17.290 -1.123  1.00 71.95 ? 153 GLU A OE2 1 
ATOM   1103 N  N   . GLU A 1 148 ? -0.997  -13.733 -0.582  1.00 42.98 ? 154 GLU A N   1 
ATOM   1104 C  CA  . GLU A 1 148 ? -1.331  -12.760 0.415   1.00 41.37 ? 154 GLU A CA  1 
ATOM   1105 C  C   . GLU A 1 148 ? -1.107  -13.402 1.780   1.00 42.22 ? 154 GLU A C   1 
ATOM   1106 O  O   . GLU A 1 148 ? -0.916  -14.597 1.869   1.00 40.42 ? 154 GLU A O   1 
ATOM   1107 C  CB  . GLU A 1 148 ? -2.748  -12.229 0.211   1.00 42.96 ? 154 GLU A CB  1 
ATOM   1108 C  CG  . GLU A 1 148 ? -3.806  -13.294 0.015   1.00 41.39 ? 154 GLU A CG  1 
ATOM   1109 C  CD  . GLU A 1 148 ? -5.179  -12.760 -0.378  1.00 42.49 ? 154 GLU A CD  1 
ATOM   1110 O  OE1 . GLU A 1 148 ? -5.498  -11.579 -0.069  1.00 38.49 ? 154 GLU A OE1 1 
ATOM   1111 O  OE2 . GLU A 1 148 ? -5.926  -13.520 -1.023  1.00 42.18 ? 154 GLU A OE2 1 
ATOM   1112 N  N   . MET A 1 149 ? -1.026  -12.556 2.803   1.00 40.90 ? 155 MET A N   1 
ATOM   1113 C  CA  . MET A 1 149 ? -1.062  -12.979 4.156   1.00 40.19 ? 155 MET A CA  1 
ATOM   1114 C  C   . MET A 1 149 ? -1.696  -11.853 4.975   1.00 39.69 ? 155 MET A C   1 
ATOM   1115 O  O   . MET A 1 149 ? -1.383  -10.691 4.772   1.00 35.82 ? 155 MET A O   1 
ATOM   1116 C  CB  . MET A 1 149 ? 0.344   -13.300 4.678   1.00 41.44 ? 155 MET A CB  1 
ATOM   1117 C  CG  . MET A 1 149 ? 0.321   -13.946 6.047   1.00 42.04 ? 155 MET A CG  1 
ATOM   1118 S  SD  . MET A 1 149 ? 1.965   -14.374 6.627   1.00 50.36 ? 155 MET A SD  1 
ATOM   1119 C  CE  . MET A 1 149 ? 2.240   -15.909 5.744   1.00 52.58 ? 155 MET A CE  1 
ATOM   1120 N  N   . ALA A 1 150 ? -2.624  -12.217 5.864   1.00 41.93 ? 156 ALA A N   1 
ATOM   1121 C  CA  . ALA A 1 150 ? -3.335  -11.266 6.700   1.00 45.75 ? 156 ALA A CA  1 
ATOM   1122 C  C   . ALA A 1 150 ? -3.469  -11.823 8.120   1.00 45.74 ? 156 ALA A C   1 
ATOM   1123 O  O   . ALA A 1 150 ? -3.564  -13.034 8.315   1.00 40.16 ? 156 ALA A O   1 
ATOM   1124 C  CB  . ALA A 1 150 ? -4.689  -10.952 6.103   1.00 48.13 ? 156 ALA A CB  1 
ATOM   1125 N  N   . THR A 1 151 ? -3.483  -10.909 9.094   1.00 45.11 ? 157 THR A N   1 
ATOM   1126 C  CA  . THR A 1 151 ? -3.758  -11.206 10.484  1.00 47.02 ? 157 THR A CA  1 
ATOM   1127 C  C   . THR A 1 151 ? -4.911  -12.215 10.602  1.00 47.59 ? 157 THR A C   1 
ATOM   1128 O  O   . THR A 1 151 ? -6.006  -12.001 10.039  1.00 46.80 ? 157 THR A O   1 
ATOM   1129 C  CB  . THR A 1 151 ? -4.082  -9.914  11.238  1.00 47.15 ? 157 THR A CB  1 
ATOM   1130 O  OG1 . THR A 1 151 ? -3.053  -8.977  10.912  1.00 38.61 ? 157 THR A OG1 1 
ATOM   1131 C  CG2 . THR A 1 151 ? -4.190  -10.131 12.732  1.00 46.07 ? 157 THR A CG2 1 
ATOM   1132 N  N   . LYS A 1 152 ? -4.626  -13.313 11.321  1.00 51.08 ? 158 LYS A N   1 
ATOM   1133 C  CA  . LYS A 1 152 ? -5.572  -14.379 11.731  1.00 51.46 ? 158 LYS A CA  1 
ATOM   1134 C  C   . LYS A 1 152 ? -6.191  -15.033 10.495  1.00 47.91 ? 158 LYS A C   1 
ATOM   1135 O  O   . LYS A 1 152 ? -7.254  -15.594 10.583  1.00 48.47 ? 158 LYS A O   1 
ATOM   1136 C  CB  . LYS A 1 152 ? -6.652  -13.839 12.682  1.00 53.40 ? 158 LYS A CB  1 
ATOM   1137 C  CG  . LYS A 1 152 ? -6.252  -13.791 14.150  1.00 56.10 ? 158 LYS A CG  1 
ATOM   1138 C  CD  . LYS A 1 152 ? -6.667  -12.508 14.848  1.00 66.14 ? 158 LYS A CD  1 
ATOM   1139 C  CE  . LYS A 1 152 ? -6.027  -12.335 16.213  1.00 71.52 ? 158 LYS A CE  1 
ATOM   1140 N  NZ  . LYS A 1 152 ? -6.455  -11.075 16.872  1.00 73.54 ? 158 LYS A NZ  1 
ATOM   1141 N  N   . ALA A 1 153 ? -5.479  -14.967 9.366   1.00 47.34 ? 159 ALA A N   1 
ATOM   1142 C  CA  . ALA A 1 153 ? -5.964  -15.386 8.055   1.00 46.07 ? 159 ALA A CA  1 
ATOM   1143 C  C   . ALA A 1 153 ? -7.352  -14.796 7.796   1.00 47.29 ? 159 ALA A C   1 
ATOM   1144 O  O   . ALA A 1 153 ? -8.187  -15.418 7.166   1.00 55.21 ? 159 ALA A O   1 
ATOM   1145 C  CB  . ALA A 1 153 ? -5.955  -16.894 7.939   1.00 46.90 ? 159 ALA A CB  1 
ATOM   1146 N  N   . ASP A 1 154 ? -7.570  -13.566 8.259   1.00 43.54 ? 160 ASP A N   1 
ATOM   1147 C  CA  . ASP A 1 154 ? -8.758  -12.834 7.942   1.00 42.87 ? 160 ASP A CA  1 
ATOM   1148 C  C   . ASP A 1 154 ? -8.398  -11.803 6.847   1.00 42.51 ? 160 ASP A C   1 
ATOM   1149 O  O   . ASP A 1 154 ? -7.690  -10.828 7.074   1.00 42.51 ? 160 ASP A O   1 
ATOM   1150 C  CB  . ASP A 1 154 ? -9.339  -12.199 9.207   1.00 42.95 ? 160 ASP A CB  1 
ATOM   1151 C  CG  . ASP A 1 154 ? -10.485 -11.257 8.890   1.00 44.21 ? 160 ASP A CG  1 
ATOM   1152 O  OD1 . ASP A 1 154 ? -10.910 -11.246 7.711   1.00 49.03 ? 160 ASP A OD1 1 
ATOM   1153 O  OD2 . ASP A 1 154 ? -10.923 -10.530 9.802   1.00 46.09 ? 160 ASP A OD2 1 
ATOM   1154 N  N   . TYR A 1 155 ? -8.917  -12.027 5.646   1.00 42.26 ? 161 TYR A N   1 
ATOM   1155 C  CA  . TYR A 1 155 ? -8.478  -11.343 4.434   1.00 41.91 ? 161 TYR A CA  1 
ATOM   1156 C  C   . TYR A 1 155 ? -9.375  -10.147 4.093   1.00 41.51 ? 161 TYR A C   1 
ATOM   1157 O  O   . TYR A 1 155 ? -9.205  -9.541  3.039   1.00 42.73 ? 161 TYR A O   1 
ATOM   1158 C  CB  . TYR A 1 155 ? -8.432  -12.369 3.306   1.00 42.63 ? 161 TYR A CB  1 
ATOM   1159 C  CG  . TYR A 1 155 ? -7.332  -13.375 3.488   1.00 44.70 ? 161 TYR A CG  1 
ATOM   1160 C  CD1 . TYR A 1 155 ? -6.011  -13.013 3.254   1.00 42.32 ? 161 TYR A CD1 1 
ATOM   1161 C  CD2 . TYR A 1 155 ? -7.591  -14.664 3.932   1.00 48.07 ? 161 TYR A CD2 1 
ATOM   1162 C  CE1 . TYR A 1 155 ? -4.973  -13.909 3.415   1.00 40.93 ? 161 TYR A CE1 1 
ATOM   1163 C  CE2 . TYR A 1 155 ? -6.560  -15.583 4.086   1.00 48.66 ? 161 TYR A CE2 1 
ATOM   1164 C  CZ  . TYR A 1 155 ? -5.250  -15.201 3.828   1.00 47.73 ? 161 TYR A CZ  1 
ATOM   1165 O  OH  . TYR A 1 155 ? -4.219  -16.072 3.991   1.00 46.96 ? 161 TYR A OH  1 
ATOM   1166 N  N   . THR A 1 156 ? -10.322 -9.824  4.984   1.00 40.62 ? 162 THR A N   1 
ATOM   1167 C  CA  . THR A 1 156 ? -11.138 -8.620  4.950   1.00 43.45 ? 162 THR A CA  1 
ATOM   1168 C  C   . THR A 1 156 ? -12.044 -8.552  3.703   1.00 42.21 ? 162 THR A C   1 
ATOM   1169 O  O   . THR A 1 156 ? -13.235 -8.363  3.851   1.00 36.39 ? 162 THR A O   1 
ATOM   1170 C  CB  . THR A 1 156 ? -10.272 -7.361  5.103   1.00 43.06 ? 162 THR A CB  1 
ATOM   1171 O  OG1 . THR A 1 156 ? -9.564  -7.423  6.344   1.00 44.25 ? 162 THR A OG1 1 
ATOM   1172 C  CG2 . THR A 1 156 ? -11.104 -6.096  5.038   1.00 43.47 ? 162 THR A CG2 1 
ATOM   1173 N  N   . LEU A 1 157 ? -11.473 -8.608  2.489   1.00 46.80 ? 163 LEU A N   1 
ATOM   1174 C  CA  . LEU A 1 157 ? -12.224 -8.445  1.233   1.00 43.77 ? 163 LEU A CA  1 
ATOM   1175 C  C   . LEU A 1 157 ? -12.778 -9.795  0.769   1.00 42.90 ? 163 LEU A C   1 
ATOM   1176 O  O   . LEU A 1 157 ? -12.345 -10.834 1.225   1.00 38.36 ? 163 LEU A O   1 
ATOM   1177 C  CB  . LEU A 1 157 ? -11.295 -7.861  0.168   1.00 45.97 ? 163 LEU A CB  1 
ATOM   1178 C  CG  . LEU A 1 157 ? -10.830 -6.426  0.412   1.00 49.67 ? 163 LEU A CG  1 
ATOM   1179 C  CD1 . LEU A 1 157 ? -9.927  -5.950  -0.720  1.00 51.16 ? 163 LEU A CD1 1 
ATOM   1180 C  CD2 . LEU A 1 157 ? -12.013 -5.486  0.583   1.00 47.02 ? 163 LEU A CD2 1 
ATOM   1181 N  N   . ASP A 1 158 ? -13.723 -9.752  -0.177  1.00 44.05 ? 164 ASP A N   1 
ATOM   1182 C  CA  . ASP A 1 158 ? -14.216 -10.953 -0.822  1.00 45.33 ? 164 ASP A CA  1 
ATOM   1183 C  C   . ASP A 1 158 ? -13.179 -11.413 -1.853  1.00 44.50 ? 164 ASP A C   1 
ATOM   1184 O  O   . ASP A 1 158 ? -12.294 -10.645 -2.234  1.00 40.22 ? 164 ASP A O   1 
ATOM   1185 C  CB  . ASP A 1 158 ? -15.608 -10.732 -1.417  1.00 45.51 ? 164 ASP A CB  1 
ATOM   1186 C  CG  . ASP A 1 158 ? -15.697 -9.699  -2.528  1.00 49.60 ? 164 ASP A CG  1 
ATOM   1187 O  OD1 . ASP A 1 158 ? -14.645 -9.260  -3.036  1.00 53.69 ? 164 ASP A OD1 1 
ATOM   1188 O  OD2 . ASP A 1 158 ? -16.830 -9.324  -2.870  1.00 54.26 ? 164 ASP A OD2 1 
ATOM   1189 N  N   . GLU A 1 159 ? -13.322 -12.654 -2.323  1.00 44.03 ? 165 GLU A N   1 
ATOM   1190 C  CA  . GLU A 1 159 ? -12.298 -13.286 -3.164  1.00 47.97 ? 165 GLU A CA  1 
ATOM   1191 C  C   . GLU A 1 159 ? -12.081 -12.489 -4.461  1.00 47.17 ? 165 GLU A C   1 
ATOM   1192 O  O   . GLU A 1 159 ? -10.984 -12.476 -5.022  1.00 46.20 ? 165 GLU A O   1 
ATOM   1193 C  CB  . GLU A 1 159 ? -12.669 -14.725 -3.519  1.00 52.68 ? 165 GLU A CB  1 
ATOM   1194 C  CG  . GLU A 1 159 ? -12.074 -15.761 -2.578  1.00 60.41 ? 165 GLU A CG  1 
ATOM   1195 C  CD  . GLU A 1 159 ? -12.805 -15.950 -1.257  1.00 69.39 ? 165 GLU A CD  1 
ATOM   1196 O  OE1 . GLU A 1 159 ? -14.053 -15.795 -1.242  1.00 75.07 ? 165 GLU A OE1 1 
ATOM   1197 O  OE2 . GLU A 1 159 ? -12.126 -16.263 -0.244  1.00 75.54 ? 165 GLU A OE2 1 
ATOM   1198 N  N   . GLU A 1 160 ? -13.135 -11.842 -4.947  1.00 43.25 ? 166 GLU A N   1 
ATOM   1199 C  CA  . GLU A 1 160 ? -13.110 -11.174 -6.227  1.00 44.57 ? 166 GLU A CA  1 
ATOM   1200 C  C   . GLU A 1 160 ? -12.287 -9.877  -6.137  1.00 40.14 ? 166 GLU A C   1 
ATOM   1201 O  O   . GLU A 1 160 ? -11.546 -9.526  -7.062  1.00 39.54 ? 166 GLU A O   1 
ATOM   1202 C  CB  . GLU A 1 160 ? -14.552 -10.917 -6.676  1.00 48.58 ? 166 GLU A CB  1 
ATOM   1203 C  CG  . GLU A 1 160 ? -14.711 -9.866  -7.765  1.00 50.51 ? 166 GLU A CG  1 
ATOM   1204 C  CD  . GLU A 1 160 ? -15.947 -9.018  -7.533  1.00 61.68 ? 166 GLU A CD  1 
ATOM   1205 O  OE1 . GLU A 1 160 ? -15.852 -8.008  -6.777  1.00 68.65 ? 166 GLU A OE1 1 
ATOM   1206 O  OE2 . GLU A 1 160 ? -17.014 -9.401  -8.051  1.00 64.13 ? 166 GLU A OE2 1 
ATOM   1207 N  N   . SER A 1 161 ? -12.498 -9.127  -5.056  1.00 36.39 ? 167 SER A N   1 
ATOM   1208 C  CA  . SER A 1 161 ? -11.785 -7.904  -4.811  1.00 37.92 ? 167 SER A CA  1 
ATOM   1209 C  C   . SER A 1 161 ? -10.286 -8.203  -4.620  1.00 38.10 ? 167 SER A C   1 
ATOM   1210 O  O   . SER A 1 161 ? -9.432  -7.467  -5.079  1.00 41.31 ? 167 SER A O   1 
ATOM   1211 C  CB  . SER A 1 161 ? -12.390 -7.195  -3.635  1.00 41.35 ? 167 SER A CB  1 
ATOM   1212 O  OG  . SER A 1 161 ? -13.773 -6.914  -3.856  1.00 41.90 ? 167 SER A OG  1 
ATOM   1213 N  N   . ARG A 1 162 ? -9.969  -9.324  -3.982  1.00 35.84 ? 168 ARG A N   1 
ATOM   1214 C  CA  . ARG A 1 162 ? -8.597  -9.716  -3.732  1.00 39.57 ? 168 ARG A CA  1 
ATOM   1215 C  C   . ARG A 1 162 ? -7.951  -10.202 -5.036  1.00 38.33 ? 168 ARG A C   1 
ATOM   1216 O  O   . ARG A 1 162 ? -6.807  -9.826  -5.320  1.00 28.84 ? 168 ARG A O   1 
ATOM   1217 C  CB  . ARG A 1 162 ? -8.562  -10.750 -2.608  1.00 41.30 ? 168 ARG A CB  1 
ATOM   1218 C  CG  . ARG A 1 162 ? -9.067  -10.176 -1.294  1.00 42.23 ? 168 ARG A CG  1 
ATOM   1219 C  CD  . ARG A 1 162 ? -9.643  -11.194 -0.346  1.00 43.36 ? 168 ARG A CD  1 
ATOM   1220 N  NE  . ARG A 1 162 ? -8.684  -12.251 -0.105  1.00 46.12 ? 168 ARG A NE  1 
ATOM   1221 C  CZ  . ARG A 1 162 ? -8.995  -13.538 0.011   1.00 52.54 ? 168 ARG A CZ  1 
ATOM   1222 N  NH1 . ARG A 1 162 ? -10.262 -13.914 0.082   1.00 53.74 ? 168 ARG A NH1 1 
ATOM   1223 N  NH2 . ARG A 1 162 ? -8.036  -14.446 0.061   1.00 52.71 ? 168 ARG A NH2 1 
ATOM   1224 N  N   . ALA A 1 163 ? -8.721  -10.954 -5.836  1.00 34.46 ? 169 ALA A N   1 
ATOM   1225 C  CA  . ALA A 1 163 ? -8.331  -11.392 -7.183  1.00 35.44 ? 169 ALA A CA  1 
ATOM   1226 C  C   . ALA A 1 163 ? -7.989  -10.194 -8.095  1.00 36.29 ? 169 ALA A C   1 
ATOM   1227 O  O   . ALA A 1 163 ? -7.020  -10.258 -8.906  1.00 33.54 ? 169 ALA A O   1 
ATOM   1228 C  CB  . ALA A 1 163 ? -9.421  -12.237 -7.791  1.00 37.68 ? 169 ALA A CB  1 
ATOM   1229 N  N   . ARG A 1 164 ? -8.786  -9.120  -8.011  1.00 35.48 ? 170 ARG A N   1 
ATOM   1230 C  CA  . ARG A 1 164 ? -8.530  -7.940  -8.840  1.00 38.66 ? 170 ARG A CA  1 
ATOM   1231 C  C   . ARG A 1 164 ? -7.161  -7.344  -8.452  1.00 34.06 ? 170 ARG A C   1 
ATOM   1232 O  O   . ARG A 1 164 ? -6.377  -7.006  -9.294  1.00 30.97 ? 170 ARG A O   1 
ATOM   1233 C  CB  . ARG A 1 164 ? -9.627  -6.880  -8.681  1.00 46.24 ? 170 ARG A CB  1 
ATOM   1234 C  CG  . ARG A 1 164 ? -10.817 -6.986  -9.624  1.00 52.78 ? 170 ARG A CG  1 
ATOM   1235 C  CD  . ARG A 1 164 ? -11.926 -6.026  -9.184  1.00 64.06 ? 170 ARG A CD  1 
ATOM   1236 N  NE  . ARG A 1 164 ? -13.254 -6.278  -9.752  1.00 76.07 ? 170 ARG A NE  1 
ATOM   1237 C  CZ  . ARG A 1 164 ? -14.424 -5.876  -9.223  1.00 84.60 ? 170 ARG A CZ  1 
ATOM   1238 N  NH1 . ARG A 1 164 ? -14.466 -5.212  -8.076  1.00 79.33 ? 170 ARG A NH1 1 
ATOM   1239 N  NH2 . ARG A 1 164 ? -15.560 -6.165  -9.839  1.00 81.41 ? 170 ARG A NH2 1 
ATOM   1240 N  N   . ILE A 1 165 ? -6.898  -7.198  -7.152  1.00 32.53 ? 171 ILE A N   1 
ATOM   1241 C  CA  . ILE A 1 165 ? -5.641  -6.615  -6.670  1.00 32.79 ? 171 ILE A CA  1 
ATOM   1242 C  C   . ILE A 1 165 ? -4.462  -7.480  -7.142  1.00 32.31 ? 171 ILE A C   1 
ATOM   1243 O  O   . ILE A 1 165 ? -3.484  -6.970  -7.709  1.00 29.25 ? 171 ILE A O   1 
ATOM   1244 C  CB  . ILE A 1 165 ? -5.691  -6.430  -5.138  1.00 33.19 ? 171 ILE A CB  1 
ATOM   1245 C  CG1 . ILE A 1 165 ? -6.661  -5.310  -4.778  1.00 32.11 ? 171 ILE A CG1 1 
ATOM   1246 C  CG2 . ILE A 1 165 ? -4.319  -6.175  -4.513  1.00 31.65 ? 171 ILE A CG2 1 
ATOM   1247 C  CD1 . ILE A 1 165 ? -7.245  -5.466  -3.411  1.00 35.41 ? 171 ILE A CD1 1 
ATOM   1248 N  N   . LYS A 1 166 ? -4.566  -8.793  -6.945  1.00 34.56 ? 172 LYS A N   1 
ATOM   1249 C  CA  . LYS A 1 166 ? -3.475  -9.672  -7.282  1.00 33.18 ? 172 LYS A CA  1 
ATOM   1250 C  C   . LYS A 1 166 ? -3.239  -9.603  -8.787  1.00 32.26 ? 172 LYS A C   1 
ATOM   1251 O  O   . LYS A 1 166 ? -2.087  -9.647  -9.247  1.00 31.93 ? 172 LYS A O   1 
ATOM   1252 C  CB  . LYS A 1 166 ? -3.756  -11.091 -6.788  1.00 35.19 ? 172 LYS A CB  1 
ATOM   1253 C  CG  . LYS A 1 166 ? -3.899  -11.222 -5.274  1.00 36.26 ? 172 LYS A CG  1 
ATOM   1254 C  CD  . LYS A 1 166 ? -3.915  -12.643 -4.776  1.00 35.94 ? 172 LYS A CD  1 
ATOM   1255 C  CE  . LYS A 1 166 ? -5.290  -13.141 -4.408  1.00 38.49 ? 172 LYS A CE  1 
ATOM   1256 N  NZ  . LYS A 1 166 ? -5.238  -14.035 -3.228  1.00 36.82 ? 172 LYS A NZ  1 
ATOM   1257 N  N   . THR A 1 167 ? -4.329  -9.494  -9.557  1.00 33.54 ? 173 THR A N   1 
ATOM   1258 C  CA  . THR A 1 167 ? -4.198  -9.453  -11.005 1.00 31.37 ? 173 THR A CA  1 
ATOM   1259 C  C   . THR A 1 167 ? -3.439  -8.171  -11.385 1.00 31.04 ? 173 THR A C   1 
ATOM   1260 O  O   . THR A 1 167 ? -2.515  -8.205  -12.219 1.00 32.00 ? 173 THR A O   1 
ATOM   1261 C  CB  . THR A 1 167 ? -5.551  -9.518  -11.719 1.00 32.01 ? 173 THR A CB  1 
ATOM   1262 O  OG1 . THR A 1 167 ? -6.165  -10.785 -11.479 1.00 32.98 ? 173 THR A OG1 1 
ATOM   1263 C  CG2 . THR A 1 167 ? -5.406  -9.316  -13.215 1.00 31.16 ? 173 THR A CG2 1 
ATOM   1264 N  N   . ARG A 1 168 ? -3.810  -7.054  -10.749 1.00 26.55 ? 174 ARG A N   1 
ATOM   1265 C  CA  . ARG A 1 168 ? -3.206  -5.766  -11.062 1.00 30.11 ? 174 ARG A CA  1 
ATOM   1266 C  C   . ARG A 1 168 ? -1.700  -5.814  -10.720 1.00 30.48 ? 174 ARG A C   1 
ATOM   1267 O  O   . ARG A 1 168 ? -0.845  -5.409  -11.552 1.00 28.84 ? 174 ARG A O   1 
ATOM   1268 C  CB  . ARG A 1 168 ? -3.976  -4.643  -10.365 1.00 30.28 ? 174 ARG A CB  1 
ATOM   1269 C  CG  . ARG A 1 168 ? -3.329  -3.270  -10.486 1.00 31.41 ? 174 ARG A CG  1 
ATOM   1270 C  CD  . ARG A 1 168 ? -3.192  -2.795  -11.919 1.00 32.25 ? 174 ARG A CD  1 
ATOM   1271 N  NE  . ARG A 1 168 ? -2.659  -1.440  -11.955 1.00 35.04 ? 174 ARG A NE  1 
ATOM   1272 C  CZ  . ARG A 1 168 ? -1.882  -0.950  -12.914 1.00 31.26 ? 174 ARG A CZ  1 
ATOM   1273 N  NH1 . ARG A 1 168 ? -1.597  -1.676  -13.966 1.00 31.36 ? 174 ARG A NH1 1 
ATOM   1274 N  NH2 . ARG A 1 168 ? -1.375  0.257   -12.817 1.00 31.86 ? 174 ARG A NH2 1 
ATOM   1275 N  N   . LEU A 1 169 ? -1.368  -6.348  -9.539  1.00 29.38 ? 175 LEU A N   1 
ATOM   1276 C  CA  . LEU A 1 169 ? 0.043   -6.455  -9.103  1.00 30.58 ? 175 LEU A CA  1 
ATOM   1277 C  C   . LEU A 1 169 ? 0.849   -7.366  -10.046 1.00 29.68 ? 175 LEU A C   1 
ATOM   1278 O  O   . LEU A 1 169 ? 1.931   -6.989  -10.471 1.00 29.57 ? 175 LEU A O   1 
ATOM   1279 C  CB  . LEU A 1 169 ? 0.123   -6.977  -7.676  1.00 28.31 ? 175 LEU A CB  1 
ATOM   1280 C  CG  . LEU A 1 169 ? -0.256  -5.980  -6.608  1.00 29.79 ? 175 LEU A CG  1 
ATOM   1281 C  CD1 . LEU A 1 169 ? -0.408  -6.690  -5.276  1.00 31.45 ? 175 LEU A CD1 1 
ATOM   1282 C  CD2 . LEU A 1 169 ? 0.751   -4.859  -6.530  1.00 31.95 ? 175 LEU A CD2 1 
ATOM   1283 N  N   . PHE A 1 170 ? 0.316   -8.541  -10.382 1.00 28.64 ? 176 PHE A N   1 
ATOM   1284 C  CA  . PHE A 1 170 ? 0.992   -9.443  -11.329 1.00 28.73 ? 176 PHE A CA  1 
ATOM   1285 C  C   . PHE A 1 170 ? 1.216   -8.725  -12.674 1.00 30.31 ? 176 PHE A C   1 
ATOM   1286 O  O   . PHE A 1 170 ? 2.287   -8.822  -13.292 1.00 31.04 ? 176 PHE A O   1 
ATOM   1287 C  CB  . PHE A 1 170 ? 0.210   -10.753 -11.472 1.00 26.91 ? 176 PHE A CB  1 
ATOM   1288 C  CG  . PHE A 1 170 ? 0.943   -11.837 -12.210 1.00 28.03 ? 176 PHE A CG  1 
ATOM   1289 C  CD1 . PHE A 1 170 ? 1.819   -12.686 -11.545 1.00 33.11 ? 176 PHE A CD1 1 
ATOM   1290 C  CD2 . PHE A 1 170 ? 0.769   -12.011 -13.565 1.00 27.24 ? 176 PHE A CD2 1 
ATOM   1291 C  CE1 . PHE A 1 170 ? 2.519   -13.675 -12.228 1.00 33.74 ? 176 PHE A CE1 1 
ATOM   1292 C  CE2 . PHE A 1 170 ? 1.462   -13.002 -14.246 1.00 30.63 ? 176 PHE A CE2 1 
ATOM   1293 C  CZ  . PHE A 1 170 ? 2.325   -13.842 -13.581 1.00 32.36 ? 176 PHE A CZ  1 
ATOM   1294 N  N   . THR A 1 171 ? 0.208   -7.982  -13.133 1.00 30.52 ? 177 THR A N   1 
ATOM   1295 C  CA  . THR A 1 171 ? 0.324   -7.224  -14.377 1.00 30.56 ? 177 THR A CA  1 
ATOM   1296 C  C   . THR A 1 171 ? 1.451   -6.188  -14.284 1.00 29.09 ? 177 THR A C   1 
ATOM   1297 O  O   . THR A 1 171 ? 2.230   -6.065  -15.218 1.00 28.30 ? 177 THR A O   1 
ATOM   1298 C  CB  . THR A 1 171 ? -1.000  -6.555  -14.761 1.00 31.69 ? 177 THR A CB  1 
ATOM   1299 O  OG1 . THR A 1 171 ? -2.023  -7.545  -14.700 1.00 31.86 ? 177 THR A OG1 1 
ATOM   1300 C  CG2 . THR A 1 171 ? -0.959  -5.946  -16.142 1.00 30.11 ? 177 THR A CG2 1 
ATOM   1301 N  N   . ILE A 1 172 ? 1.562   -5.463  -13.165 1.00 29.86 ? 178 ILE A N   1 
ATOM   1302 C  CA  . ILE A 1 172 ? 2.684   -4.496  -13.015 1.00 32.11 ? 178 ILE A CA  1 
ATOM   1303 C  C   . ILE A 1 172 ? 4.011   -5.247  -13.153 1.00 32.75 ? 178 ILE A C   1 
ATOM   1304 O  O   . ILE A 1 172 ? 4.908   -4.853  -13.941 1.00 31.69 ? 178 ILE A O   1 
ATOM   1305 C  CB  . ILE A 1 172 ? 2.584   -3.696  -11.705 1.00 34.42 ? 178 ILE A CB  1 
ATOM   1306 C  CG1 . ILE A 1 172 ? 1.381   -2.736  -11.742 1.00 30.74 ? 178 ILE A CG1 1 
ATOM   1307 C  CG2 . ILE A 1 172 ? 3.902   -2.972  -11.407 1.00 34.44 ? 178 ILE A CG2 1 
ATOM   1308 C  CD1 . ILE A 1 172 ? 0.941   -2.187  -10.395 1.00 31.63 ? 178 ILE A CD1 1 
ATOM   1309 N  N   . ARG A 1 173 ? 4.113   -6.377  -12.450 1.00 31.53 ? 179 ARG A N   1 
ATOM   1310 C  CA  . ARG A 1 173 ? 5.325   -7.187  -12.521 1.00 32.29 ? 179 ARG A CA  1 
ATOM   1311 C  C   . ARG A 1 173 ? 5.639   -7.529  -13.978 1.00 30.43 ? 179 ARG A C   1 
ATOM   1312 O  O   . ARG A 1 173 ? 6.780   -7.416  -14.408 1.00 29.70 ? 179 ARG A O   1 
ATOM   1313 C  CB  . ARG A 1 173 ? 5.203   -8.463  -11.687 1.00 32.07 ? 179 ARG A CB  1 
ATOM   1314 C  CG  . ARG A 1 173 ? 6.287   -9.490  -11.964 1.00 31.65 ? 179 ARG A CG  1 
ATOM   1315 C  CD  . ARG A 1 173 ? 6.065   -10.658 -11.025 1.00 35.37 ? 179 ARG A CD  1 
ATOM   1316 N  NE  . ARG A 1 173 ? 6.642   -11.913 -11.487 1.00 35.44 ? 179 ARG A NE  1 
ATOM   1317 C  CZ  . ARG A 1 173 ? 6.315   -13.104 -10.994 1.00 36.98 ? 179 ARG A CZ  1 
ATOM   1318 N  NH1 . ARG A 1 173 ? 5.469   -13.209 -9.975  1.00 35.98 ? 179 ARG A NH1 1 
ATOM   1319 N  NH2 . ARG A 1 173 ? 6.821   -14.188 -11.537 1.00 36.93 ? 179 ARG A NH2 1 
ATOM   1320 N  N   . GLN A 1 174 ? 4.629   -7.977  -14.727 1.00 28.40 ? 180 GLN A N   1 
ATOM   1321 C  CA  . GLN A 1 174 ? 4.894   -8.461  -16.055 1.00 27.40 ? 180 GLN A CA  1 
ATOM   1322 C  C   . GLN A 1 174 ? 5.177   -7.288  -16.986 1.00 28.68 ? 180 GLN A C   1 
ATOM   1323 O  O   . GLN A 1 174 ? 6.039   -7.411  -17.855 1.00 30.83 ? 180 GLN A O   1 
ATOM   1324 C  CB  . GLN A 1 174 ? 3.777   -9.345  -16.579 1.00 28.26 ? 180 GLN A CB  1 
ATOM   1325 C  CG  . GLN A 1 174 ? 3.649   -10.649 -15.809 1.00 30.77 ? 180 GLN A CG  1 
ATOM   1326 C  CD  . GLN A 1 174 ? 4.858   -11.537 -15.970 1.00 31.77 ? 180 GLN A CD  1 
ATOM   1327 O  OE1 . GLN A 1 174 ? 5.481   -11.599 -17.025 1.00 34.19 ? 180 GLN A OE1 1 
ATOM   1328 N  NE2 . GLN A 1 174 ? 5.181   -12.256 -14.917 1.00 28.93 ? 180 GLN A NE2 1 
ATOM   1329 N  N   . GLU A 1 175 ? 4.473   -6.168  -16.817 1.00 31.15 ? 181 GLU A N   1 
ATOM   1330 C  CA  . GLU A 1 175 ? 4.818   -4.992  -17.605 1.00 35.05 ? 181 GLU A CA  1 
ATOM   1331 C  C   . GLU A 1 175 ? 6.279   -4.633  -17.310 1.00 33.97 ? 181 GLU A C   1 
ATOM   1332 O  O   . GLU A 1 175 ? 7.034   -4.370  -18.238 1.00 33.89 ? 181 GLU A O   1 
ATOM   1333 C  CB  . GLU A 1 175 ? 3.919   -3.783  -17.338 1.00 40.16 ? 181 GLU A CB  1 
ATOM   1334 C  CG  . GLU A 1 175 ? 2.955   -3.449  -18.463 1.00 47.55 ? 181 GLU A CG  1 
ATOM   1335 C  CD  . GLU A 1 175 ? 3.565   -3.436  -19.854 1.00 50.13 ? 181 GLU A CD  1 
ATOM   1336 O  OE1 . GLU A 1 175 ? 4.515   -2.626  -20.108 1.00 59.10 ? 181 GLU A OE1 1 
ATOM   1337 O  OE2 . GLU A 1 175 ? 3.117   -4.269  -20.673 1.00 52.06 ? 181 GLU A OE2 1 
ATOM   1338 N  N   . MET A 1 176 ? 6.676   -4.641  -16.030 1.00 32.30 ? 182 MET A N   1 
ATOM   1339 C  CA  . MET A 1 176 ? 8.078   -4.314  -15.701 1.00 33.58 ? 182 MET A CA  1 
ATOM   1340 C  C   . MET A 1 176 ? 9.007   -5.285  -16.448 1.00 35.38 ? 182 MET A C   1 
ATOM   1341 O  O   . MET A 1 176 ? 9.965   -4.833  -17.090 1.00 32.21 ? 182 MET A O   1 
ATOM   1342 C  CB  . MET A 1 176 ? 8.363   -4.323  -14.198 1.00 32.14 ? 182 MET A CB  1 
ATOM   1343 C  CG  . MET A 1 176 ? 7.819   -3.103  -13.494 1.00 34.81 ? 182 MET A CG  1 
ATOM   1344 S  SD  . MET A 1 176 ? 8.191   -3.147  -11.764 1.00 33.53 ? 182 MET A SD  1 
ATOM   1345 C  CE  . MET A 1 176 ? 7.306   -1.764  -11.076 1.00 32.41 ? 182 MET A CE  1 
ATOM   1346 N  N   . ALA A 1 177 ? 8.676   -6.586  -16.440 1.00 35.16 ? 183 ALA A N   1 
ATOM   1347 C  CA  . ALA A 1 177 ? 9.505   -7.606  -17.114 1.00 38.30 ? 183 ALA A CA  1 
ATOM   1348 C  C   . ALA A 1 177 ? 9.549   -7.389  -18.641 1.00 39.50 ? 183 ALA A C   1 
ATOM   1349 O  O   . ALA A 1 177 ? 10.589  -7.636  -19.271 1.00 40.38 ? 183 ALA A O   1 
ATOM   1350 C  CB  . ALA A 1 177 ? 9.013   -8.996  -16.766 1.00 37.69 ? 183 ALA A CB  1 
ATOM   1351 N  N   . SER A 1 178 ? 8.424   -6.993  -19.254 1.00 40.69 ? 184 SER A N   1 
ATOM   1352 C  CA  . SER A 1 178 ? 8.402   -6.653  -20.695 1.00 41.03 ? 184 SER A CA  1 
ATOM   1353 C  C   . SER A 1 178 ? 9.501   -5.641  -21.000 1.00 42.73 ? 184 SER A C   1 
ATOM   1354 O  O   . SER A 1 178 ? 10.191  -5.775  -22.015 1.00 40.79 ? 184 SER A O   1 
ATOM   1355 C  CB  . SER A 1 178 ? 7.099   -6.092  -21.128 1.00 40.49 ? 184 SER A CB  1 
ATOM   1356 O  OG  . SER A 1 178 ? 6.240   -7.146  -21.490 1.00 51.60 ? 184 SER A OG  1 
ATOM   1357 N  N   . ARG A 1 179 ? 9.645   -4.663  -20.089 1.00 42.91 ? 185 ARG A N   1 
ATOM   1358 C  CA  . ARG A 1 179 ? 10.572  -3.555  -20.197 1.00 41.30 ? 185 ARG A CA  1 
ATOM   1359 C  C   . ARG A 1 179 ? 11.940  -3.853  -19.553 1.00 39.56 ? 185 ARG A C   1 
ATOM   1360 O  O   . ARG A 1 179 ? 12.728  -2.937  -19.362 1.00 40.89 ? 185 ARG A O   1 
ATOM   1361 C  CB  . ARG A 1 179 ? 9.928   -2.331  -19.539 1.00 42.84 ? 185 ARG A CB  1 
ATOM   1362 C  CG  . ARG A 1 179 ? 8.810   -1.722  -20.373 1.00 42.33 ? 185 ARG A CG  1 
ATOM   1363 C  CD  . ARG A 1 179 ? 7.917   -0.843  -19.536 1.00 44.85 ? 185 ARG A CD  1 
ATOM   1364 N  NE  . ARG A 1 179 ? 6.646   -0.629  -20.196 1.00 48.39 ? 185 ARG A NE  1 
ATOM   1365 C  CZ  . ARG A 1 179 ? 6.164   0.567   -20.507 1.00 55.01 ? 185 ARG A CZ  1 
ATOM   1366 N  NH1 . ARG A 1 179 ? 4.946   0.684   -21.007 1.00 52.42 ? 185 ARG A NH1 1 
ATOM   1367 N  NH2 . ARG A 1 179 ? 6.888   1.650   -20.282 1.00 61.03 ? 185 ARG A NH2 1 
ATOM   1368 N  N   . SER A 1 180 ? 12.238  -5.110  -19.211 1.00 37.79 ? 186 SER A N   1 
ATOM   1369 C  CA  . SER A 1 180 ? 13.511  -5.454  -18.540 1.00 38.57 ? 186 SER A CA  1 
ATOM   1370 C  C   . SER A 1 180 ? 13.745  -4.573  -17.311 1.00 37.51 ? 186 SER A C   1 
ATOM   1371 O  O   . SER A 1 180 ? 14.833  -4.082  -17.130 1.00 42.06 ? 186 SER A O   1 
ATOM   1372 C  CB  . SER A 1 180 ? 14.669  -5.340  -19.510 1.00 42.26 ? 186 SER A CB  1 
ATOM   1373 O  OG  . SER A 1 180 ? 14.950  -6.596  -20.119 1.00 46.67 ? 186 SER A OG  1 
ATOM   1374 N  N   . LEU A 1 181 ? 12.716  -4.348  -16.482 1.00 39.75 ? 187 LEU A N   1 
ATOM   1375 C  CA  . LEU A 1 181 ? 12.866  -3.531  -15.241 1.00 38.30 ? 187 LEU A CA  1 
ATOM   1376 C  C   . LEU A 1 181 ? 12.594  -4.364  -13.994 1.00 35.71 ? 187 LEU A C   1 
ATOM   1377 O  O   . LEU A 1 181 ? 12.944  -3.944  -12.880 1.00 36.75 ? 187 LEU A O   1 
ATOM   1378 C  CB  . LEU A 1 181 ? 11.919  -2.334  -15.279 1.00 38.79 ? 187 LEU A CB  1 
ATOM   1379 C  CG  . LEU A 1 181 ? 12.093  -1.409  -16.478 1.00 42.20 ? 187 LEU A CG  1 
ATOM   1380 C  CD1 . LEU A 1 181 ? 11.074  -0.280  -16.433 1.00 44.08 ? 187 LEU A CD1 1 
ATOM   1381 C  CD2 . LEU A 1 181 ? 13.501  -0.851  -16.518 1.00 44.07 ? 187 LEU A CD2 1 
ATOM   1382 N  N   . TRP A 1 182 ? 11.966  -5.531  -14.186 1.00 35.89 ? 188 TRP A N   1 
ATOM   1383 C  CA  . TRP A 1 182 ? 11.518  -6.349  -13.071 1.00 35.70 ? 188 TRP A CA  1 
ATOM   1384 C  C   . TRP A 1 182 ? 12.697  -6.736  -12.154 1.00 34.91 ? 188 TRP A C   1 
ATOM   1385 O  O   . TRP A 1 182 ? 12.558  -6.722  -10.927 1.00 34.77 ? 188 TRP A O   1 
ATOM   1386 C  CB  . TRP A 1 182 ? 10.756  -7.589  -13.559 1.00 35.23 ? 188 TRP A CB  1 
ATOM   1387 C  CG  . TRP A 1 182 ? 10.393  -8.460  -12.404 1.00 33.85 ? 188 TRP A CG  1 
ATOM   1388 C  CD1 . TRP A 1 182 ? 10.940  -9.671  -12.102 1.00 32.24 ? 188 TRP A CD1 1 
ATOM   1389 C  CD2 . TRP A 1 182 ? 9.549   -8.104  -11.293 1.00 34.40 ? 188 TRP A CD2 1 
ATOM   1390 N  NE1 . TRP A 1 182 ? 10.445  -10.120 -10.911 1.00 35.35 ? 188 TRP A NE1 1 
ATOM   1391 C  CE2 . TRP A 1 182 ? 9.577   -9.190  -10.393 1.00 35.37 ? 188 TRP A CE2 1 
ATOM   1392 C  CE3 . TRP A 1 182 ? 8.749   -7.002  -10.970 1.00 39.67 ? 188 TRP A CE3 1 
ATOM   1393 C  CZ2 . TRP A 1 182 ? 8.838   -9.200  -9.207  1.00 37.21 ? 188 TRP A CZ2 1 
ATOM   1394 C  CZ3 . TRP A 1 182 ? 8.004   -7.020  -9.800  1.00 40.69 ? 188 TRP A CZ3 1 
ATOM   1395 C  CH2 . TRP A 1 182 ? 8.034   -8.113  -8.935  1.00 36.32 ? 188 TRP A CH2 1 
ATOM   1396 N  N   . ASP A 1 183 ? 13.859  -7.053  -12.732 1.00 37.67 ? 189 ASP A N   1 
ATOM   1397 C  CA  . ASP A 1 183 ? 14.992  -7.588  -11.946 1.00 43.27 ? 189 ASP A CA  1 
ATOM   1398 C  C   . ASP A 1 183 ? 15.584  -6.515  -11.033 1.00 41.93 ? 189 ASP A C   1 
ATOM   1399 O  O   . ASP A 1 183 ? 15.962  -6.815  -9.921  1.00 45.72 ? 189 ASP A O   1 
ATOM   1400 C  CB  . ASP A 1 183 ? 16.073  -8.182  -12.842 1.00 46.60 ? 189 ASP A CB  1 
ATOM   1401 C  CG  . ASP A 1 183 ? 15.755  -9.606  -13.240 1.00 47.86 ? 189 ASP A CG  1 
ATOM   1402 O  OD1 . ASP A 1 183 ? 15.201  -10.354 -12.401 1.00 54.14 ? 189 ASP A OD1 1 
ATOM   1403 O  OD2 . ASP A 1 183 ? 16.041  -9.942  -14.387 1.00 56.27 ? 189 ASP A OD2 1 
ATOM   1404 N  N   . SER A 1 184 ? 15.657  -5.278  -11.526 1.00 38.85 ? 190 SER A N   1 
ATOM   1405 C  CA  . SER A 1 184 ? 15.999  -4.167  -10.698 1.00 39.85 ? 190 SER A CA  1 
ATOM   1406 C  C   . SER A 1 184 ? 14.951  -4.057  -9.585  1.00 38.89 ? 190 SER A C   1 
ATOM   1407 O  O   . SER A 1 184 ? 15.276  -4.072  -8.389  1.00 32.64 ? 190 SER A O   1 
ATOM   1408 C  CB  . SER A 1 184 ? 16.114  -2.894  -11.513 1.00 40.81 ? 190 SER A CB  1 
ATOM   1409 O  OG  . SER A 1 184 ? 16.358  -1.757  -10.681 1.00 42.16 ? 190 SER A OG  1 
ATOM   1410 N  N   . PHE A 1 185 ? 13.676  -3.992  -9.994  1.00 40.04 ? 191 PHE A N   1 
ATOM   1411 C  CA  . PHE A 1 185 ? 12.600  -3.664  -9.050  1.00 36.43 ? 191 PHE A CA  1 
ATOM   1412 C  C   . PHE A 1 185 ? 12.571  -4.696  -7.913  1.00 36.73 ? 191 PHE A C   1 
ATOM   1413 O  O   . PHE A 1 185 ? 12.543  -4.338  -6.738  1.00 40.43 ? 191 PHE A O   1 
ATOM   1414 C  CB  . PHE A 1 185 ? 11.253  -3.529  -9.770  1.00 34.77 ? 191 PHE A CB  1 
ATOM   1415 C  CG  . PHE A 1 185 ? 10.164  -3.038  -8.853  1.00 34.56 ? 191 PHE A CG  1 
ATOM   1416 C  CD1 . PHE A 1 185 ? 10.258  -1.787  -8.244  1.00 32.02 ? 191 PHE A CD1 1 
ATOM   1417 C  CD2 . PHE A 1 185 ? 9.073   -3.838  -8.560  1.00 32.10 ? 191 PHE A CD2 1 
ATOM   1418 C  CE1 . PHE A 1 185 ? 9.263   -1.340  -7.396  1.00 35.51 ? 191 PHE A CE1 1 
ATOM   1419 C  CE2 . PHE A 1 185 ? 8.084   -3.391  -7.695  1.00 31.84 ? 191 PHE A CE2 1 
ATOM   1420 C  CZ  . PHE A 1 185 ? 8.177   -2.148  -7.111  1.00 35.37 ? 191 PHE A CZ  1 
ATOM   1421 N  N   . ARG A 1 186 ? 12.647  -5.983  -8.251  1.00 39.74 ? 192 ARG A N   1 
ATOM   1422 C  CA  . ARG A 1 186 ? 12.388  -7.020  -7.249  1.00 46.32 ? 192 ARG A CA  1 
ATOM   1423 C  C   . ARG A 1 186 ? 13.556  -7.138  -6.268  1.00 46.71 ? 192 ARG A C   1 
ATOM   1424 O  O   . ARG A 1 186 ? 13.349  -7.660  -5.173  1.00 46.56 ? 192 ARG A O   1 
ATOM   1425 C  CB  . ARG A 1 186 ? 12.019  -8.364  -7.898  1.00 47.28 ? 192 ARG A CB  1 
ATOM   1426 C  CG  . ARG A 1 186 ? 13.058  -9.469  -7.832  1.00 48.64 ? 192 ARG A CG  1 
ATOM   1427 C  CD  . ARG A 1 186 ? 13.890  -9.462  -9.092  1.00 54.57 ? 192 ARG A CD  1 
ATOM   1428 N  NE  . ARG A 1 186 ? 14.561  -10.724 -9.414  1.00 55.21 ? 192 ARG A NE  1 
ATOM   1429 C  CZ  . ARG A 1 186 ? 15.506  -11.305 -8.676  1.00 45.83 ? 192 ARG A CZ  1 
ATOM   1430 N  NH1 . ARG A 1 186 ? 16.496  -11.930 -9.277  1.00 46.05 ? 192 ARG A NH1 1 
ATOM   1431 N  NH2 . ARG A 1 186 ? 15.447  -11.273 -7.358  1.00 49.29 ? 192 ARG A NH2 1 
ATOM   1432 N  N   . GLN A 1 187 ? 14.756  -6.686  -6.669  1.00 43.04 ? 193 GLN A N   1 
ATOM   1433 C  CA  . GLN A 1 187 ? 15.947  -6.795  -5.821  1.00 40.28 ? 193 GLN A CA  1 
ATOM   1434 C  C   . GLN A 1 187 ? 16.135  -5.511  -5.006  1.00 45.42 ? 193 GLN A C   1 
ATOM   1435 O  O   . GLN A 1 187 ? 17.082  -5.414  -4.223  1.00 47.97 ? 193 GLN A O   1 
ATOM   1436 C  CB  . GLN A 1 187 ? 17.191  -7.057  -6.669  1.00 38.89 ? 193 GLN A CB  1 
ATOM   1437 C  CG  . GLN A 1 187 ? 17.335  -8.488  -7.165  1.00 37.53 ? 193 GLN A CG  1 
ATOM   1438 C  CD  . GLN A 1 187 ? 18.681  -8.670  -7.819  1.00 39.00 ? 193 GLN A CD  1 
ATOM   1439 O  OE1 . GLN A 1 187 ? 19.691  -8.875  -7.157  1.00 36.56 ? 193 GLN A OE1 1 
ATOM   1440 N  NE2 . GLN A 1 187 ? 18.716  -8.526  -9.130  1.00 41.35 ? 193 GLN A NE2 1 
ATOM   1441 N  N   . SER A 1 188 ? 15.225  -4.539  -5.173  1.00 43.15 ? 194 SER A N   1 
ATOM   1442 C  CA  . SER A 1 188 ? 15.440  -3.195  -4.696  1.00 47.39 ? 194 SER A CA  1 
ATOM   1443 C  C   . SER A 1 188 ? 14.764  -2.890  -3.352  1.00 52.80 ? 194 SER A C   1 
ATOM   1444 O  O   . SER A 1 188 ? 14.978  -1.804  -2.836  1.00 66.07 ? 194 SER A O   1 
ATOM   1445 C  CB  . SER A 1 188 ? 15.005  -2.209  -5.719  1.00 49.74 ? 194 SER A CB  1 
ATOM   1446 O  OG  . SER A 1 188 ? 15.000  -0.920  -5.161  1.00 49.51 ? 194 SER A OG  1 
ATOM   1447 N  N   . GLU A 1 189 ? 13.913  -3.766  -2.814  1.00 49.80 ? 195 GLU A N   1 
ATOM   1448 C  CA  . GLU A 1 189 ? 13.427  -3.647  -1.405  1.00 59.11 ? 195 GLU A CA  1 
ATOM   1449 C  C   . GLU A 1 189 ? 13.135  -2.196  -0.931  1.00 66.55 ? 195 GLU A C   1 
ATOM   1450 O  O   . GLU A 1 189 ? 12.727  -2.017  0.229   1.00 67.62 ? 195 GLU A O   1 
ATOM   1451 C  CB  . GLU A 1 189 ? 14.472  -4.297  -0.491  1.00 58.33 ? 195 GLU A CB  1 
ATOM   1452 C  CG  . GLU A 1 189 ? 14.175  -4.199  0.992   1.00 63.63 ? 195 GLU A CG  1 
ATOM   1453 C  CD  . GLU A 1 189 ? 15.087  -5.053  1.854   1.00 72.71 ? 195 GLU A CD  1 
ATOM   1454 O  OE1 . GLU A 1 189 ? 16.044  -5.628  1.296   1.00 79.38 ? 195 GLU A OE1 1 
ATOM   1455 O  OE2 . GLU A 1 189 ? 14.847  -5.130  3.081   1.00 67.97 ? 195 GLU A OE2 1 
ATOM   1456 N  N   . ARG A 1 190 ? 13.317  -1.162  -1.780  1.00 63.47 ? 196 ARG A N   1 
ATOM   1457 C  CA  . ARG A 1 190 ? 12.985  0.267   -1.440  1.00 64.87 ? 196 ARG A CA  1 
ATOM   1458 C  C   . ARG A 1 190 ? 11.569  0.612   -1.916  1.00 62.34 ? 196 ARG A C   1 
ATOM   1459 O  O   . ARG A 1 190 ? 11.162  0.290   -3.056  1.00 56.04 ? 196 ARG A O   1 
ATOM   1460 C  CB  . ARG A 1 190 ? 13.933  1.273   -2.100  1.00 64.69 ? 196 ARG A CB  1 
ATOM   1461 C  CG  . ARG A 1 190 ? 15.265  1.424   -1.387  1.00 64.84 ? 196 ARG A CG  1 
ATOM   1462 C  CD  . ARG A 1 190 ? 16.363  1.549   -2.415  1.00 65.45 ? 196 ARG A CD  1 
ATOM   1463 N  NE  . ARG A 1 190 ? 17.675  1.756   -1.826  1.00 64.95 ? 196 ARG A NE  1 
ATOM   1464 C  CZ  . ARG A 1 190 ? 18.675  2.372   -2.441  1.00 61.96 ? 196 ARG A CZ  1 
ATOM   1465 N  NH1 . ARG A 1 190 ? 18.427  3.152   -3.480  1.00 60.27 ? 196 ARG A NH1 1 
ATOM   1466 N  NH2 . ARG A 1 190 ? 19.916  2.207   -2.018  1.00 58.23 ? 196 ARG A NH2 1 
ATOM   1467 N  N   . GLY A 1 191 ? 10.850  1.323   -1.045  1.00 62.94 ? 197 GLY A N   1 
ATOM   1468 C  CA  . GLY A 1 191 ? 9.407   1.463   -1.125  1.00 64.45 ? 197 GLY A CA  1 
ATOM   1469 C  C   . GLY A 1 191 ? 8.702   0.524   -0.157  1.00 65.01 ? 197 GLY A C   1 
ATOM   1470 O  O   . GLY A 1 191 ? 7.511   0.713   0.104   1.00 74.09 ? 197 GLY A O   1 
ATOM   1471 N  N   . GLU A 1 192 ? 9.433   -0.494  0.338   1.00 65.90 ? 198 GLU A N   1 
ATOM   1472 C  CA  . GLU A 1 192 ? 9.039   -1.362  1.470   1.00 59.71 ? 198 GLU A CA  1 
ATOM   1473 C  C   . GLU A 1 192 ? 9.673   -0.801  2.753   1.00 56.22 ? 198 GLU A C   1 
ATOM   1474 O  O   . GLU A 1 192 ? 9.138   -1.003  3.848   1.00 57.37 ? 198 GLU A O   1 
ATOM   1475 C  CB  . GLU A 1 192 ? 9.463   -2.820  1.230   1.00 54.02 ? 198 GLU A CB  1 
ATOM   1476 C  CG  . GLU A 1 192 ? 8.710   -3.508  0.102   1.00 51.21 ? 198 GLU A CG  1 
ATOM   1477 C  CD  . GLU A 1 192 ? 9.171   -4.912  -0.305  1.00 47.34 ? 198 GLU A CD  1 
ATOM   1478 O  OE1 . GLU A 1 192 ? 9.444   -5.783  0.568   1.00 43.81 ? 198 GLU A OE1 1 
ATOM   1479 O  OE2 . GLU A 1 192 ? 9.208   -5.155  -1.519  1.00 42.11 ? 198 GLU A OE2 1 
HETATM 1480 MN MN  . MN  B 2 .   ? 1.113   0.257   3.811   1.00 34.37 ? 201 MN  A MN  1 
HETATM 1481 MN MN  . MN  C 2 .   ? 0.544   3.858   4.733   1.00 38.86 ? 202 MN  A MN  1 
HETATM 1482 O  OAA . HKD D 3 .   ? 7.781   4.836   3.905   1.00 48.34 ? 203 HKD A OAA 1 
HETATM 1483 C  CAC . HKD D 3 .   ? 7.082   4.314   4.799   1.00 48.30 ? 203 HKD A CAC 1 
HETATM 1484 O  OAD . HKD D 3 .   ? 7.404   4.451   6.005   1.00 51.40 ? 203 HKD A OAD 1 
HETATM 1485 C  CAF . HKD D 3 .   ? 5.977   3.516   4.492   1.00 42.38 ? 203 HKD A CAF 1 
HETATM 1486 C  CAG . HKD D 3 .   ? 4.767   4.129   4.772   1.00 36.48 ? 203 HKD A CAG 1 
HETATM 1487 C  CAH . HKD D 3 .   ? 3.481   3.639   4.695   1.00 34.57 ? 203 HKD A CAH 1 
HETATM 1488 O  OAI . HKD D 3 .   ? 2.548   4.546   5.081   1.00 38.49 ? 203 HKD A OAI 1 
HETATM 1489 C  CAL . HKD D 3 .   ? 3.020   2.387   4.263   1.00 34.88 ? 203 HKD A CAL 1 
HETATM 1490 O  OAM . HKD D 3 .   ? 1.817   2.176   4.248   1.00 32.89 ? 203 HKD A OAM 1 
HETATM 1491 C  CAK . HKD D 3 .   ? 3.830   1.344   3.780   1.00 40.57 ? 203 HKD A CAK 1 
HETATM 1492 O  OAN . HKD D 3 .   ? 3.147   0.213   3.367   1.00 39.39 ? 203 HKD A OAN 1 
HETATM 1493 C  CAJ . HKD D 3 .   ? 5.225   1.294   3.654   1.00 38.43 ? 203 HKD A CAJ 1 
HETATM 1494 C  CAE . HKD D 3 .   ? 6.206   2.230   3.993   1.00 42.06 ? 203 HKD A CAE 1 
HETATM 1495 C  CAB . HKD D 3 .   ? 7.560   1.835   3.760   1.00 44.16 ? 203 HKD A CAB 1 
HETATM 1496 C  C1  . EDO E 4 .   ? 4.738   3.044   0.358   1.00 55.16 ? 204 EDO A C1  1 
HETATM 1497 O  O1  . EDO E 4 .   ? 6.062   2.626   0.010   1.00 57.41 ? 204 EDO A O1  1 
HETATM 1498 C  C2  . EDO E 4 .   ? 4.672   4.562   0.373   1.00 54.74 ? 204 EDO A C2  1 
HETATM 1499 O  O2  . EDO E 4 .   ? 3.869   5.020   1.459   1.00 59.79 ? 204 EDO A O2  1 
HETATM 1500 C  C1  . EDO F 4 .   ? 2.054   8.905   5.302   1.00 55.24 ? 205 EDO A C1  1 
HETATM 1501 O  O1  . EDO F 4 .   ? 0.919   8.007   5.464   1.00 48.16 ? 205 EDO A O1  1 
HETATM 1502 C  C2  . EDO F 4 .   ? 2.432   8.968   3.812   1.00 53.09 ? 205 EDO A C2  1 
HETATM 1503 O  O2  . EDO F 4 .   ? 2.579   7.599   3.332   1.00 56.17 ? 205 EDO A O2  1 
HETATM 1504 O  O   . HOH G 5 .   ? 0.360   3.009   6.855   1.00 31.06 ? 301 HOH A O   1 
HETATM 1505 O  O   . HOH G 5 .   ? 20.377  -9.274  -4.756  1.00 38.57 ? 302 HOH A O   1 
HETATM 1506 O  O   . HOH G 5 .   ? 4.031   -1.644  1.839   1.00 26.27 ? 303 HOH A O   1 
HETATM 1507 O  O   . HOH G 5 .   ? 3.972   0.420   8.208   1.00 38.37 ? 304 HOH A O   1 
HETATM 1508 O  O   . HOH G 5 .   ? -0.774  5.651   5.505   1.00 32.88 ? 305 HOH A O   1 
HETATM 1509 O  O   . HOH G 5 .   ? 2.027   4.633   -1.397  1.00 39.30 ? 306 HOH A O   1 
HETATM 1510 O  O   . HOH G 5 .   ? 1.400   7.386   -1.121  1.00 43.18 ? 307 HOH A O   1 
# 
loop_
_pdbx_poly_seq_scheme.asym_id 
_pdbx_poly_seq_scheme.entity_id 
_pdbx_poly_seq_scheme.seq_id 
_pdbx_poly_seq_scheme.mon_id 
_pdbx_poly_seq_scheme.ndb_seq_num 
_pdbx_poly_seq_scheme.pdb_seq_num 
_pdbx_poly_seq_scheme.auth_seq_num 
_pdbx_poly_seq_scheme.pdb_mon_id 
_pdbx_poly_seq_scheme.auth_mon_id 
_pdbx_poly_seq_scheme.pdb_strand_id 
_pdbx_poly_seq_scheme.pdb_ins_code 
_pdbx_poly_seq_scheme.hetero 
A 1 1   MET 1   -5  ?   ?   ?   A . n 
A 1 2   GLY 2   -4  ?   ?   ?   A . n 
A 1 3   SER 3   -3  ?   ?   ?   A . n 
A 1 4   GLY 4   -2  ?   ?   ?   A . n 
A 1 5   MET 5   -1  ?   ?   ?   A . n 
A 1 6   ALA 6   0   0   ALA ALA A . n 
A 1 7   MET 7   1   1   MET MET A . n 
A 1 8   GLU 8   2   2   GLU GLU A . n 
A 1 9   ASP 9   3   3   ASP ASP A . n 
A 1 10  PHE 10  4   4   PHE PHE A . n 
A 1 11  VAL 11  5   5   VAL VAL A . n 
A 1 12  ARG 12  6   6   ARG ARG A . n 
A 1 13  GLN 13  7   7   GLN GLN A . n 
A 1 14  CYS 14  8   8   CYS CYS A . n 
A 1 15  PHE 15  9   9   PHE PHE A . n 
A 1 16  ASN 16  10  10  ASN ASN A . n 
A 1 17  PRO 17  11  11  PRO PRO A . n 
A 1 18  MET 18  12  12  MET MET A . n 
A 1 19  ILE 19  13  13  ILE ILE A . n 
A 1 20  VAL 20  14  14  VAL VAL A . n 
A 1 21  GLU 21  15  15  GLU GLU A . n 
A 1 22  LEU 22  16  16  LEU LEU A . n 
A 1 23  ALA 23  17  17  ALA ALA A . n 
A 1 24  GLU 24  18  18  GLU GLU A . n 
A 1 25  LYS 25  19  19  LYS LYS A . n 
A 1 26  ALA 26  20  20  ALA ALA A . n 
A 1 27  MET 27  21  21  MET MET A . n 
A 1 28  LYS 28  22  22  LYS LYS A . n 
A 1 29  GLU 29  23  23  GLU GLU A . n 
A 1 30  TYR 30  24  24  TYR TYR A . n 
A 1 31  GLY 31  25  25  GLY GLY A . n 
A 1 32  GLU 32  26  26  GLU GLU A . n 
A 1 33  ASP 33  27  27  ASP ASP A . n 
A 1 34  PRO 34  28  28  PRO PRO A . n 
A 1 35  LYS 35  29  29  LYS LYS A . n 
A 1 36  ILE 36  30  30  ILE ILE A . n 
A 1 37  GLU 37  31  31  GLU GLU A . n 
A 1 38  THR 38  32  32  THR THR A . n 
A 1 39  ASN 39  33  33  ASN ASN A . n 
A 1 40  LYS 40  34  34  LYS LYS A . n 
A 1 41  PHE 41  35  35  PHE PHE A . n 
A 1 42  ALA 42  36  36  ALA ALA A . n 
A 1 43  ALA 43  37  37  ALA ALA A . n 
A 1 44  ILE 44  38  38  ILE ILE A . n 
A 1 45  CYS 45  39  39  CYS CYS A . n 
A 1 46  THR 46  40  40  THR THR A . n 
A 1 47  HIS 47  41  41  HIS HIS A . n 
A 1 48  LEU 48  42  42  LEU LEU A . n 
A 1 49  GLU 49  43  43  GLU GLU A . n 
A 1 50  VAL 50  44  44  VAL VAL A . n 
A 1 51  CYS 51  45  45  CYS CYS A . n 
A 1 52  PHE 52  46  46  PHE PHE A . n 
A 1 53  MET 53  47  47  MET MET A . n 
A 1 54  TYR 54  48  48  TYR TYR A . n 
A 1 55  SER 55  49  49  SER SER A . n 
A 1 56  ASP 56  50  50  ASP ASP A . n 
A 1 57  PHE 57  51  51  PHE PHE A . n 
A 1 58  GLY 58  52  52  GLY GLY A . n 
A 1 59  SER 59  65  ?   ?   ?   A . n 
A 1 60  GLY 60  66  ?   ?   ?   A . n 
A 1 61  ASP 61  67  ?   ?   ?   A . n 
A 1 62  PRO 62  68  ?   ?   ?   A . n 
A 1 63  ASN 63  69  ?   ?   ?   A . n 
A 1 64  ALA 64  70  ?   ?   ?   A . n 
A 1 65  LEU 65  71  ?   ?   ?   A . n 
A 1 66  LEU 66  72  ?   ?   ?   A . n 
A 1 67  LYS 67  73  ?   ?   ?   A . n 
A 1 68  HIS 68  74  74  HIS HIS A . n 
A 1 69  ARG 69  75  75  ARG ARG A . n 
A 1 70  PHE 70  76  76  PHE PHE A . n 
A 1 71  GLU 71  77  77  GLU GLU A . n 
A 1 72  ILE 72  78  78  ILE ILE A . n 
A 1 73  ILE 73  79  79  ILE ILE A . n 
A 1 74  GLU 74  80  80  GLU GLU A . n 
A 1 75  GLY 75  81  81  GLY GLY A . n 
A 1 76  ARG 76  82  82  ARG ARG A . n 
A 1 77  ASP 77  83  83  ASP ASP A . n 
A 1 78  ARG 78  84  84  ARG ARG A . n 
A 1 79  ILE 79  85  85  ILE ILE A . n 
A 1 80  MET 80  86  86  MET MET A . n 
A 1 81  ALA 81  87  87  ALA ALA A . n 
A 1 82  TRP 82  88  88  TRP TRP A . n 
A 1 83  THR 83  89  89  THR THR A . n 
A 1 84  VAL 84  90  90  VAL VAL A . n 
A 1 85  VAL 85  91  91  VAL VAL A . n 
A 1 86  ASN 86  92  92  ASN ASN A . n 
A 1 87  SER 87  93  93  SER SER A . n 
A 1 88  ILE 88  94  94  ILE ILE A . n 
A 1 89  CYS 89  95  95  CYS CYS A . n 
A 1 90  ASN 90  96  96  ASN ASN A . n 
A 1 91  THR 91  97  97  THR THR A . n 
A 1 92  THR 92  98  98  THR THR A . n 
A 1 93  GLY 93  99  99  GLY GLY A . n 
A 1 94  VAL 94  100 100 VAL VAL A . n 
A 1 95  GLU 95  101 101 GLU GLU A . n 
A 1 96  LYS 96  102 102 LYS LYS A . n 
A 1 97  PRO 97  103 103 PRO PRO A . n 
A 1 98  LYS 98  104 104 LYS LYS A . n 
A 1 99  PHE 99  105 105 PHE PHE A . n 
A 1 100 LEU 100 106 106 LEU LEU A . n 
A 1 101 PRO 101 107 107 PRO PRO A . n 
A 1 102 ASP 102 108 108 ASP ASP A . n 
A 1 103 LEU 103 109 109 LEU LEU A . n 
A 1 104 TYR 104 110 110 TYR TYR A . n 
A 1 105 ASP 105 111 111 ASP ASP A . n 
A 1 106 TYR 106 112 112 TYR TYR A . n 
A 1 107 LYS 107 113 113 LYS LYS A . n 
A 1 108 GLU 108 114 114 GLU GLU A . n 
A 1 109 ASN 109 115 115 ASN ASN A . n 
A 1 110 ARG 110 116 116 ARG ARG A . n 
A 1 111 PHE 111 117 117 PHE PHE A . n 
A 1 112 ILE 112 118 118 ILE ILE A . n 
A 1 113 GLU 113 119 119 GLU GLU A . n 
A 1 114 ILE 114 120 120 ILE ILE A . n 
A 1 115 GLY 115 121 121 GLY GLY A . n 
A 1 116 VAL 116 122 122 VAL VAL A . n 
A 1 117 THR 117 123 123 THR THR A . n 
A 1 118 ARG 118 124 124 ARG ARG A . n 
A 1 119 ARG 119 125 125 ARG ARG A . n 
A 1 120 GLU 120 126 126 GLU GLU A . n 
A 1 121 VAL 121 127 127 VAL VAL A . n 
A 1 122 HIS 122 128 128 HIS HIS A . n 
A 1 123 ILE 123 129 129 ILE ILE A . n 
A 1 124 TYR 124 130 130 TYR TYR A . n 
A 1 125 TYR 125 131 131 TYR TYR A . n 
A 1 126 LEU 126 132 132 LEU LEU A . n 
A 1 127 GLU 127 133 133 GLU GLU A . n 
A 1 128 LYS 128 134 134 LYS LYS A . n 
A 1 129 ALA 129 135 135 ALA ALA A . n 
A 1 130 ASN 130 136 136 ASN ASN A . n 
A 1 131 LYS 131 137 137 LYS LYS A . n 
A 1 132 ILE 132 138 138 ILE ILE A . n 
A 1 133 LYS 133 139 139 LYS LYS A . n 
A 1 134 SER 134 140 140 SER SER A . n 
A 1 135 GLU 135 141 141 GLU GLU A . n 
A 1 136 LYS 136 142 142 LYS LYS A . n 
A 1 137 THR 137 143 143 THR THR A . n 
A 1 138 HIS 138 144 144 HIS HIS A . n 
A 1 139 ILE 139 145 145 ILE ILE A . n 
A 1 140 HIS 140 146 146 HIS HIS A . n 
A 1 141 ILE 141 147 147 ILE ILE A . n 
A 1 142 PHE 142 148 148 PHE PHE A . n 
A 1 143 SER 143 149 149 SER SER A . n 
A 1 144 PHE 144 150 150 PHE PHE A . n 
A 1 145 THR 145 151 151 THR THR A . n 
A 1 146 GLY 146 152 152 GLY GLY A . n 
A 1 147 GLU 147 153 153 GLU GLU A . n 
A 1 148 GLU 148 154 154 GLU GLU A . n 
A 1 149 MET 149 155 155 MET MET A . n 
A 1 150 ALA 150 156 156 ALA ALA A . n 
A 1 151 THR 151 157 157 THR THR A . n 
A 1 152 LYS 152 158 158 LYS LYS A . n 
A 1 153 ALA 153 159 159 ALA ALA A . n 
A 1 154 ASP 154 160 160 ASP ASP A . n 
A 1 155 TYR 155 161 161 TYR TYR A . n 
A 1 156 THR 156 162 162 THR THR A . n 
A 1 157 LEU 157 163 163 LEU LEU A . n 
A 1 158 ASP 158 164 164 ASP ASP A . n 
A 1 159 GLU 159 165 165 GLU GLU A . n 
A 1 160 GLU 160 166 166 GLU GLU A . n 
A 1 161 SER 161 167 167 SER SER A . n 
A 1 162 ARG 162 168 168 ARG ARG A . n 
A 1 163 ALA 163 169 169 ALA ALA A . n 
A 1 164 ARG 164 170 170 ARG ARG A . n 
A 1 165 ILE 165 171 171 ILE ILE A . n 
A 1 166 LYS 166 172 172 LYS LYS A . n 
A 1 167 THR 167 173 173 THR THR A . n 
A 1 168 ARG 168 174 174 ARG ARG A . n 
A 1 169 LEU 169 175 175 LEU LEU A . n 
A 1 170 PHE 170 176 176 PHE PHE A . n 
A 1 171 THR 171 177 177 THR THR A . n 
A 1 172 ILE 172 178 178 ILE ILE A . n 
A 1 173 ARG 173 179 179 ARG ARG A . n 
A 1 174 GLN 174 180 180 GLN GLN A . n 
A 1 175 GLU 175 181 181 GLU GLU A . n 
A 1 176 MET 176 182 182 MET MET A . n 
A 1 177 ALA 177 183 183 ALA ALA A . n 
A 1 178 SER 178 184 184 SER SER A . n 
A 1 179 ARG 179 185 185 ARG ARG A . n 
A 1 180 SER 180 186 186 SER SER A . n 
A 1 181 LEU 181 187 187 LEU LEU A . n 
A 1 182 TRP 182 188 188 TRP TRP A . n 
A 1 183 ASP 183 189 189 ASP ASP A . n 
A 1 184 SER 184 190 190 SER SER A . n 
A 1 185 PHE 185 191 191 PHE PHE A . n 
A 1 186 ARG 186 192 192 ARG ARG A . n 
A 1 187 GLN 187 193 193 GLN GLN A . n 
A 1 188 SER 188 194 194 SER SER A . n 
A 1 189 GLU 189 195 195 GLU GLU A . n 
A 1 190 ARG 190 196 196 ARG ARG A . n 
A 1 191 GLY 191 197 197 GLY GLY A . n 
A 1 192 GLU 192 198 198 GLU GLU A . n 
# 
loop_
_pdbx_nonpoly_scheme.asym_id 
_pdbx_nonpoly_scheme.entity_id 
_pdbx_nonpoly_scheme.mon_id 
_pdbx_nonpoly_scheme.ndb_seq_num 
_pdbx_nonpoly_scheme.pdb_seq_num 
_pdbx_nonpoly_scheme.auth_seq_num 
_pdbx_nonpoly_scheme.pdb_mon_id 
_pdbx_nonpoly_scheme.auth_mon_id 
_pdbx_nonpoly_scheme.pdb_strand_id 
_pdbx_nonpoly_scheme.pdb_ins_code 
B 2 MN  1 201 199 MN  MN  A . 
C 2 MN  1 202 200 MN  MN  A . 
D 3 HKD 1 203 201 HKD DRG A . 
E 4 EDO 1 204 202 EDO EDO A . 
F 4 EDO 1 205 203 EDO EDO A . 
G 5 HOH 1 301 206 HOH HOH A . 
G 5 HOH 2 302 210 HOH HOH A . 
G 5 HOH 3 303 204 HOH HOH A . 
G 5 HOH 4 304 205 HOH HOH A . 
G 5 HOH 5 305 207 HOH HOH A . 
G 5 HOH 6 306 209 HOH HOH A . 
G 5 HOH 7 307 208 HOH HOH A . 
# 
_pdbx_struct_assembly.id                   1 
_pdbx_struct_assembly.details              author_and_software_defined_assembly 
_pdbx_struct_assembly.method_details       PISA 
_pdbx_struct_assembly.oligomeric_details   monomeric 
_pdbx_struct_assembly.oligomeric_count     1 
# 
_pdbx_struct_assembly_gen.assembly_id       1 
_pdbx_struct_assembly_gen.oper_expression   1 
_pdbx_struct_assembly_gen.asym_id_list      A,B,C,D,E,F,G 
# 
loop_
_pdbx_struct_assembly_prop.biol_id 
_pdbx_struct_assembly_prop.type 
_pdbx_struct_assembly_prop.value 
_pdbx_struct_assembly_prop.details 
1 'ABSA (A^2)' 700  ? 
1 MORE         0    ? 
1 'SSA (A^2)'  9260 ? 
# 
_pdbx_struct_oper_list.id                   1 
_pdbx_struct_oper_list.type                 'identity operation' 
_pdbx_struct_oper_list.name                 1_555 
_pdbx_struct_oper_list.symmetry_operation   x,y,z 
_pdbx_struct_oper_list.matrix[1][1]         1.0000000000 
_pdbx_struct_oper_list.matrix[1][2]         0.0000000000 
_pdbx_struct_oper_list.matrix[1][3]         0.0000000000 
_pdbx_struct_oper_list.vector[1]            0.0000000000 
_pdbx_struct_oper_list.matrix[2][1]         0.0000000000 
_pdbx_struct_oper_list.matrix[2][2]         1.0000000000 
_pdbx_struct_oper_list.matrix[2][3]         0.0000000000 
_pdbx_struct_oper_list.vector[2]            0.0000000000 
_pdbx_struct_oper_list.matrix[3][1]         0.0000000000 
_pdbx_struct_oper_list.matrix[3][2]         0.0000000000 
_pdbx_struct_oper_list.matrix[3][3]         1.0000000000 
_pdbx_struct_oper_list.vector[3]            0.0000000000 
# 
loop_
_pdbx_struct_conn_angle.id 
_pdbx_struct_conn_angle.ptnr1_label_atom_id 
_pdbx_struct_conn_angle.ptnr1_label_alt_id 
_pdbx_struct_conn_angle.ptnr1_label_asym_id 
_pdbx_struct_conn_angle.ptnr1_label_comp_id 
_pdbx_struct_conn_angle.ptnr1_label_seq_id 
_pdbx_struct_conn_angle.ptnr1_auth_atom_id 
_pdbx_struct_conn_angle.ptnr1_auth_asym_id 
_pdbx_struct_conn_angle.ptnr1_auth_comp_id 
_pdbx_struct_conn_angle.ptnr1_auth_seq_id 
_pdbx_struct_conn_angle.ptnr1_PDB_ins_code 
_pdbx_struct_conn_angle.ptnr1_symmetry 
_pdbx_struct_conn_angle.ptnr2_label_atom_id 
_pdbx_struct_conn_angle.ptnr2_label_alt_id 
_pdbx_struct_conn_angle.ptnr2_label_asym_id 
_pdbx_struct_conn_angle.ptnr2_label_comp_id 
_pdbx_struct_conn_angle.ptnr2_label_seq_id 
_pdbx_struct_conn_angle.ptnr2_auth_atom_id 
_pdbx_struct_conn_angle.ptnr2_auth_asym_id 
_pdbx_struct_conn_angle.ptnr2_auth_comp_id 
_pdbx_struct_conn_angle.ptnr2_auth_seq_id 
_pdbx_struct_conn_angle.ptnr2_PDB_ins_code 
_pdbx_struct_conn_angle.ptnr2_symmetry 
_pdbx_struct_conn_angle.ptnr3_label_atom_id 
_pdbx_struct_conn_angle.ptnr3_label_alt_id 
_pdbx_struct_conn_angle.ptnr3_label_asym_id 
_pdbx_struct_conn_angle.ptnr3_label_comp_id 
_pdbx_struct_conn_angle.ptnr3_label_seq_id 
_pdbx_struct_conn_angle.ptnr3_auth_atom_id 
_pdbx_struct_conn_angle.ptnr3_auth_asym_id 
_pdbx_struct_conn_angle.ptnr3_auth_comp_id 
_pdbx_struct_conn_angle.ptnr3_auth_seq_id 
_pdbx_struct_conn_angle.ptnr3_PDB_ins_code 
_pdbx_struct_conn_angle.ptnr3_symmetry 
_pdbx_struct_conn_angle.value 
_pdbx_struct_conn_angle.value_esd 
1  NE2 ? A HIS 47  ? A HIS 41  ? 1_555 MN ? B MN . ? A MN 201 ? 1_555 OD2 ? A ASP 102 ? A ASP 108 ? 1_555 95.5  ? 
2  NE2 ? A HIS 47  ? A HIS 41  ? 1_555 MN ? B MN . ? A MN 201 ? 1_555 OE2 ? A GLU 113 ? A GLU 119 ? 1_555 171.1 ? 
3  OD2 ? A ASP 102 ? A ASP 108 ? 1_555 MN ? B MN . ? A MN 201 ? 1_555 OE2 ? A GLU 113 ? A GLU 119 ? 1_555 88.7  ? 
4  NE2 ? A HIS 47  ? A HIS 41  ? 1_555 MN ? B MN . ? A MN 201 ? 1_555 O   ? A ILE 114 ? A ILE 120 ? 1_555 82.6  ? 
5  OD2 ? A ASP 102 ? A ASP 108 ? 1_555 MN ? B MN . ? A MN 201 ? 1_555 O   ? A ILE 114 ? A ILE 120 ? 1_555 93.4  ? 
6  OE2 ? A GLU 113 ? A GLU 119 ? 1_555 MN ? B MN . ? A MN 201 ? 1_555 O   ? A ILE 114 ? A ILE 120 ? 1_555 89.3  ? 
7  NE2 ? A HIS 47  ? A HIS 41  ? 1_555 MN ? B MN . ? A MN 201 ? 1_555 OAM ? D HKD .   ? A HKD 203 ? 1_555 91.8  ? 
8  OD2 ? A ASP 102 ? A ASP 108 ? 1_555 MN ? B MN . ? A MN 201 ? 1_555 OAM ? D HKD .   ? A HKD 203 ? 1_555 96.8  ? 
9  OE2 ? A GLU 113 ? A GLU 119 ? 1_555 MN ? B MN . ? A MN 201 ? 1_555 OAM ? D HKD .   ? A HKD 203 ? 1_555 95.5  ? 
10 O   ? A ILE 114 ? A ILE 120 ? 1_555 MN ? B MN . ? A MN 201 ? 1_555 OAM ? D HKD .   ? A HKD 203 ? 1_555 168.8 ? 
11 NE2 ? A HIS 47  ? A HIS 41  ? 1_555 MN ? B MN . ? A MN 201 ? 1_555 OAN ? D HKD .   ? A HKD 203 ? 1_555 83.4  ? 
12 OD2 ? A ASP 102 ? A ASP 108 ? 1_555 MN ? B MN . ? A MN 201 ? 1_555 OAN ? D HKD .   ? A HKD 203 ? 1_555 171.3 ? 
13 OE2 ? A GLU 113 ? A GLU 119 ? 1_555 MN ? B MN . ? A MN 201 ? 1_555 OAN ? D HKD .   ? A HKD 203 ? 1_555 93.6  ? 
14 O   ? A ILE 114 ? A ILE 120 ? 1_555 MN ? B MN . ? A MN 201 ? 1_555 OAN ? D HKD .   ? A HKD 203 ? 1_555 95.0  ? 
15 OAM ? D HKD .   ? A HKD 203 ? 1_555 MN ? B MN . ? A MN 201 ? 1_555 OAN ? D HKD .   ? A HKD 203 ? 1_555 74.6  ? 
16 OE2 ? A GLU 74  ? A GLU 80  ? 1_555 MN ? C MN . ? A MN 202 ? 1_555 OD1 ? A ASP 102 ? A ASP 108 ? 1_555 84.7  ? 
17 OE2 ? A GLU 74  ? A GLU 80  ? 1_555 MN ? C MN . ? A MN 202 ? 1_555 OAI ? D HKD .   ? A HKD 203 ? 1_555 88.2  ? 
18 OD1 ? A ASP 102 ? A ASP 108 ? 1_555 MN ? C MN . ? A MN 202 ? 1_555 OAI ? D HKD .   ? A HKD 203 ? 1_555 160.5 ? 
19 OE2 ? A GLU 74  ? A GLU 80  ? 1_555 MN ? C MN . ? A MN 202 ? 1_555 OAM ? D HKD .   ? A HKD 203 ? 1_555 102.8 ? 
20 OD1 ? A ASP 102 ? A ASP 108 ? 1_555 MN ? C MN . ? A MN 202 ? 1_555 OAM ? D HKD .   ? A HKD 203 ? 1_555 89.1  ? 
21 OAI ? D HKD .   ? A HKD 203 ? 1_555 MN ? C MN . ? A MN 202 ? 1_555 OAM ? D HKD .   ? A HKD 203 ? 1_555 74.7  ? 
22 OE2 ? A GLU 74  ? A GLU 80  ? 1_555 MN ? C MN . ? A MN 202 ? 1_555 O   ? G HOH .   ? A HOH 301 ? 1_555 168.9 ? 
23 OD1 ? A ASP 102 ? A ASP 108 ? 1_555 MN ? C MN . ? A MN 202 ? 1_555 O   ? G HOH .   ? A HOH 301 ? 1_555 97.9  ? 
24 OAI ? D HKD .   ? A HKD 203 ? 1_555 MN ? C MN . ? A MN 202 ? 1_555 O   ? G HOH .   ? A HOH 301 ? 1_555 92.5  ? 
25 OAM ? D HKD .   ? A HKD 203 ? 1_555 MN ? C MN . ? A MN 202 ? 1_555 O   ? G HOH .   ? A HOH 301 ? 1_555 88.1  ? 
26 OE2 ? A GLU 74  ? A GLU 80  ? 1_555 MN ? C MN . ? A MN 202 ? 1_555 O   ? G HOH .   ? A HOH 305 ? 1_555 82.8  ? 
27 OD1 ? A ASP 102 ? A ASP 108 ? 1_555 MN ? C MN . ? A MN 202 ? 1_555 O   ? G HOH .   ? A HOH 305 ? 1_555 94.1  ? 
28 OAI ? D HKD .   ? A HKD 203 ? 1_555 MN ? C MN . ? A MN 202 ? 1_555 O   ? G HOH .   ? A HOH 305 ? 1_555 103.0 ? 
29 OAM ? D HKD .   ? A HKD 203 ? 1_555 MN ? C MN . ? A MN 202 ? 1_555 O   ? G HOH .   ? A HOH 305 ? 1_555 173.8 ? 
30 O   ? G HOH .   ? A HOH 301 ? 1_555 MN ? C MN . ? A MN 202 ? 1_555 O   ? G HOH .   ? A HOH 305 ? 1_555 86.2  ? 
# 
loop_
_pdbx_audit_revision_history.ordinal 
_pdbx_audit_revision_history.data_content_type 
_pdbx_audit_revision_history.major_revision 
_pdbx_audit_revision_history.minor_revision 
_pdbx_audit_revision_history.revision_date 
1 'Structure model' 1 0 2018-11-07 
2 'Structure model' 1 1 2018-12-05 
3 'Structure model' 1 2 2020-01-01 
4 'Structure model' 1 3 2023-10-11 
# 
_pdbx_audit_revision_details.ordinal             1 
_pdbx_audit_revision_details.revision_ordinal    1 
_pdbx_audit_revision_details.data_content_type   'Structure model' 
_pdbx_audit_revision_details.provider            repository 
_pdbx_audit_revision_details.type                'Initial release' 
_pdbx_audit_revision_details.description         ? 
_pdbx_audit_revision_details.details             ? 
# 
loop_
_pdbx_audit_revision_group.ordinal 
_pdbx_audit_revision_group.revision_ordinal 
_pdbx_audit_revision_group.data_content_type 
_pdbx_audit_revision_group.group 
1 2 'Structure model' 'Data collection'            
2 2 'Structure model' 'Database references'        
3 3 'Structure model' 'Author supporting evidence' 
4 4 'Structure model' 'Data collection'            
5 4 'Structure model' 'Database references'        
6 4 'Structure model' 'Derived calculations'       
7 4 'Structure model' 'Refinement description'     
# 
loop_
_pdbx_audit_revision_category.ordinal 
_pdbx_audit_revision_category.revision_ordinal 
_pdbx_audit_revision_category.data_content_type 
_pdbx_audit_revision_category.category 
1 2 'Structure model' citation                      
2 2 'Structure model' citation_author               
3 3 'Structure model' pdbx_audit_support            
4 4 'Structure model' chem_comp_atom                
5 4 'Structure model' chem_comp_bond                
6 4 'Structure model' database_2                    
7 4 'Structure model' pdbx_initial_refinement_model 
8 4 'Structure model' pdbx_struct_conn_angle        
9 4 'Structure model' struct_conn                   
# 
loop_
_pdbx_audit_revision_item.ordinal 
_pdbx_audit_revision_item.revision_ordinal 
_pdbx_audit_revision_item.data_content_type 
_pdbx_audit_revision_item.item 
1  2 'Structure model' '_citation.journal_volume'                    
2  2 'Structure model' '_citation.page_first'                        
3  2 'Structure model' '_citation.page_last'                         
4  2 'Structure model' '_citation_author.name'                       
5  3 'Structure model' '_pdbx_audit_support.funding_organization'    
6  4 'Structure model' '_database_2.pdbx_DOI'                        
7  4 'Structure model' '_database_2.pdbx_database_accession'         
8  4 'Structure model' '_pdbx_struct_conn_angle.ptnr1_auth_comp_id'  
9  4 'Structure model' '_pdbx_struct_conn_angle.ptnr1_auth_seq_id'   
10 4 'Structure model' '_pdbx_struct_conn_angle.ptnr1_label_asym_id' 
11 4 'Structure model' '_pdbx_struct_conn_angle.ptnr1_label_atom_id' 
12 4 'Structure model' '_pdbx_struct_conn_angle.ptnr1_label_comp_id' 
13 4 'Structure model' '_pdbx_struct_conn_angle.ptnr3_auth_comp_id'  
14 4 'Structure model' '_pdbx_struct_conn_angle.ptnr3_auth_seq_id'   
15 4 'Structure model' '_pdbx_struct_conn_angle.ptnr3_label_asym_id' 
16 4 'Structure model' '_pdbx_struct_conn_angle.ptnr3_label_atom_id' 
17 4 'Structure model' '_pdbx_struct_conn_angle.ptnr3_label_comp_id' 
18 4 'Structure model' '_pdbx_struct_conn_angle.value'               
19 4 'Structure model' '_struct_conn.pdbx_dist_value'                
20 4 'Structure model' '_struct_conn.ptnr1_label_atom_id'            
21 4 'Structure model' '_struct_conn.ptnr2_auth_comp_id'             
22 4 'Structure model' '_struct_conn.ptnr2_auth_seq_id'              
23 4 'Structure model' '_struct_conn.ptnr2_label_asym_id'            
24 4 'Structure model' '_struct_conn.ptnr2_label_atom_id'            
25 4 'Structure model' '_struct_conn.ptnr2_label_comp_id'            
# 
loop_
_software.citation_id 
_software.classification 
_software.compiler_name 
_software.compiler_version 
_software.contact_author 
_software.contact_author_email 
_software.date 
_software.description 
_software.dependencies 
_software.hardware 
_software.language 
_software.location 
_software.mods 
_software.name 
_software.os 
_software.os_version 
_software.type 
_software.version 
_software.pdbx_ordinal 
? refinement       ? ? ? ? ? ? ? ? ? ? ? REFMAC  ? ? ? 5.8.0222 1 
? 'data reduction' ? ? ? ? ? ? ? ? ? ? ? iMOSFLM ? ? ? .        2 
? 'data scaling'   ? ? ? ? ? ? ? ? ? ? ? Aimless ? ? ? .        3 
? phasing          ? ? ? ? ? ? ? ? ? ? ? PHASER  ? ? ? .        4 
# 
_pdbx_validate_close_contact.id               1 
_pdbx_validate_close_contact.PDB_model_num    1 
_pdbx_validate_close_contact.auth_atom_id_1   O 
_pdbx_validate_close_contact.auth_asym_id_1   A 
_pdbx_validate_close_contact.auth_comp_id_1   SER 
_pdbx_validate_close_contact.auth_seq_id_1    194 
_pdbx_validate_close_contact.PDB_ins_code_1   ? 
_pdbx_validate_close_contact.label_alt_id_1   ? 
_pdbx_validate_close_contact.auth_atom_id_2   N 
_pdbx_validate_close_contact.auth_asym_id_2   A 
_pdbx_validate_close_contact.auth_comp_id_2   ARG 
_pdbx_validate_close_contact.auth_seq_id_2    196 
_pdbx_validate_close_contact.PDB_ins_code_2   ? 
_pdbx_validate_close_contact.label_alt_id_2   ? 
_pdbx_validate_close_contact.dist             2.07 
# 
loop_
_pdbx_validate_torsion.id 
_pdbx_validate_torsion.PDB_model_num 
_pdbx_validate_torsion.auth_comp_id 
_pdbx_validate_torsion.auth_asym_id 
_pdbx_validate_torsion.auth_seq_id 
_pdbx_validate_torsion.PDB_ins_code 
_pdbx_validate_torsion.label_alt_id 
_pdbx_validate_torsion.phi 
_pdbx_validate_torsion.psi 
1 1 PHE A 51  ? ? -86.48 39.06  
2 1 THR A 162 ? ? 63.49  -57.41 
3 1 GLU A 195 ? ? 38.90  0.40   
# 
loop_
_pdbx_validate_planes.id 
_pdbx_validate_planes.PDB_model_num 
_pdbx_validate_planes.auth_comp_id 
_pdbx_validate_planes.auth_asym_id 
_pdbx_validate_planes.auth_seq_id 
_pdbx_validate_planes.PDB_ins_code 
_pdbx_validate_planes.label_alt_id 
_pdbx_validate_planes.rmsd 
_pdbx_validate_planes.type 
1 1 ARG A 124 ? ? 0.127 'SIDE CHAIN' 
2 1 ARG A 192 ? ? 0.170 'SIDE CHAIN' 
3 1 ARG A 196 ? ? 0.092 'SIDE CHAIN' 
# 
loop_
_pdbx_unobs_or_zero_occ_residues.id 
_pdbx_unobs_or_zero_occ_residues.PDB_model_num 
_pdbx_unobs_or_zero_occ_residues.polymer_flag 
_pdbx_unobs_or_zero_occ_residues.occupancy_flag 
_pdbx_unobs_or_zero_occ_residues.auth_asym_id 
_pdbx_unobs_or_zero_occ_residues.auth_comp_id 
_pdbx_unobs_or_zero_occ_residues.auth_seq_id 
_pdbx_unobs_or_zero_occ_residues.PDB_ins_code 
_pdbx_unobs_or_zero_occ_residues.label_asym_id 
_pdbx_unobs_or_zero_occ_residues.label_comp_id 
_pdbx_unobs_or_zero_occ_residues.label_seq_id 
1  1 Y 1 A MET -5 ? A MET 1  
2  1 Y 1 A GLY -4 ? A GLY 2  
3  1 Y 1 A SER -3 ? A SER 3  
4  1 Y 1 A GLY -2 ? A GLY 4  
5  1 Y 1 A MET -1 ? A MET 5  
6  1 Y 1 A SER 65 ? A SER 59 
7  1 Y 1 A GLY 66 ? A GLY 60 
8  1 Y 1 A ASP 67 ? A ASP 61 
9  1 Y 1 A PRO 68 ? A PRO 62 
10 1 Y 1 A ASN 69 ? A ASN 63 
11 1 Y 1 A ALA 70 ? A ALA 64 
12 1 Y 1 A LEU 71 ? A LEU 65 
13 1 Y 1 A LEU 72 ? A LEU 66 
14 1 Y 1 A LYS 73 ? A LYS 67 
# 
loop_
_chem_comp_atom.comp_id 
_chem_comp_atom.atom_id 
_chem_comp_atom.type_symbol 
_chem_comp_atom.pdbx_aromatic_flag 
_chem_comp_atom.pdbx_stereo_config 
_chem_comp_atom.pdbx_ordinal 
ALA N    N  N N 1   
ALA CA   C  N S 2   
ALA C    C  N N 3   
ALA O    O  N N 4   
ALA CB   C  N N 5   
ALA OXT  O  N N 6   
ALA H    H  N N 7   
ALA H2   H  N N 8   
ALA HA   H  N N 9   
ALA HB1  H  N N 10  
ALA HB2  H  N N 11  
ALA HB3  H  N N 12  
ALA HXT  H  N N 13  
ARG N    N  N N 14  
ARG CA   C  N S 15  
ARG C    C  N N 16  
ARG O    O  N N 17  
ARG CB   C  N N 18  
ARG CG   C  N N 19  
ARG CD   C  N N 20  
ARG NE   N  N N 21  
ARG CZ   C  N N 22  
ARG NH1  N  N N 23  
ARG NH2  N  N N 24  
ARG OXT  O  N N 25  
ARG H    H  N N 26  
ARG H2   H  N N 27  
ARG HA   H  N N 28  
ARG HB2  H  N N 29  
ARG HB3  H  N N 30  
ARG HG2  H  N N 31  
ARG HG3  H  N N 32  
ARG HD2  H  N N 33  
ARG HD3  H  N N 34  
ARG HE   H  N N 35  
ARG HH11 H  N N 36  
ARG HH12 H  N N 37  
ARG HH21 H  N N 38  
ARG HH22 H  N N 39  
ARG HXT  H  N N 40  
ASN N    N  N N 41  
ASN CA   C  N S 42  
ASN C    C  N N 43  
ASN O    O  N N 44  
ASN CB   C  N N 45  
ASN CG   C  N N 46  
ASN OD1  O  N N 47  
ASN ND2  N  N N 48  
ASN OXT  O  N N 49  
ASN H    H  N N 50  
ASN H2   H  N N 51  
ASN HA   H  N N 52  
ASN HB2  H  N N 53  
ASN HB3  H  N N 54  
ASN HD21 H  N N 55  
ASN HD22 H  N N 56  
ASN HXT  H  N N 57  
ASP N    N  N N 58  
ASP CA   C  N S 59  
ASP C    C  N N 60  
ASP O    O  N N 61  
ASP CB   C  N N 62  
ASP CG   C  N N 63  
ASP OD1  O  N N 64  
ASP OD2  O  N N 65  
ASP OXT  O  N N 66  
ASP H    H  N N 67  
ASP H2   H  N N 68  
ASP HA   H  N N 69  
ASP HB2  H  N N 70  
ASP HB3  H  N N 71  
ASP HD2  H  N N 72  
ASP HXT  H  N N 73  
CYS N    N  N N 74  
CYS CA   C  N R 75  
CYS C    C  N N 76  
CYS O    O  N N 77  
CYS CB   C  N N 78  
CYS SG   S  N N 79  
CYS OXT  O  N N 80  
CYS H    H  N N 81  
CYS H2   H  N N 82  
CYS HA   H  N N 83  
CYS HB2  H  N N 84  
CYS HB3  H  N N 85  
CYS HG   H  N N 86  
CYS HXT  H  N N 87  
EDO C1   C  N N 88  
EDO O1   O  N N 89  
EDO C2   C  N N 90  
EDO O2   O  N N 91  
EDO H11  H  N N 92  
EDO H12  H  N N 93  
EDO HO1  H  N N 94  
EDO H21  H  N N 95  
EDO H22  H  N N 96  
EDO HO2  H  N N 97  
GLN N    N  N N 98  
GLN CA   C  N S 99  
GLN C    C  N N 100 
GLN O    O  N N 101 
GLN CB   C  N N 102 
GLN CG   C  N N 103 
GLN CD   C  N N 104 
GLN OE1  O  N N 105 
GLN NE2  N  N N 106 
GLN OXT  O  N N 107 
GLN H    H  N N 108 
GLN H2   H  N N 109 
GLN HA   H  N N 110 
GLN HB2  H  N N 111 
GLN HB3  H  N N 112 
GLN HG2  H  N N 113 
GLN HG3  H  N N 114 
GLN HE21 H  N N 115 
GLN HE22 H  N N 116 
GLN HXT  H  N N 117 
GLU N    N  N N 118 
GLU CA   C  N S 119 
GLU C    C  N N 120 
GLU O    O  N N 121 
GLU CB   C  N N 122 
GLU CG   C  N N 123 
GLU CD   C  N N 124 
GLU OE1  O  N N 125 
GLU OE2  O  N N 126 
GLU OXT  O  N N 127 
GLU H    H  N N 128 
GLU H2   H  N N 129 
GLU HA   H  N N 130 
GLU HB2  H  N N 131 
GLU HB3  H  N N 132 
GLU HG2  H  N N 133 
GLU HG3  H  N N 134 
GLU HE2  H  N N 135 
GLU HXT  H  N N 136 
GLY N    N  N N 137 
GLY CA   C  N N 138 
GLY C    C  N N 139 
GLY O    O  N N 140 
GLY OXT  O  N N 141 
GLY H    H  N N 142 
GLY H2   H  N N 143 
GLY HA2  H  N N 144 
GLY HA3  H  N N 145 
GLY HXT  H  N N 146 
HIS N    N  N N 147 
HIS CA   C  N S 148 
HIS C    C  N N 149 
HIS O    O  N N 150 
HIS CB   C  N N 151 
HIS CG   C  Y N 152 
HIS ND1  N  Y N 153 
HIS CD2  C  Y N 154 
HIS CE1  C  Y N 155 
HIS NE2  N  Y N 156 
HIS OXT  O  N N 157 
HIS H    H  N N 158 
HIS H2   H  N N 159 
HIS HA   H  N N 160 
HIS HB2  H  N N 161 
HIS HB3  H  N N 162 
HIS HD1  H  N N 163 
HIS HD2  H  N N 164 
HIS HE1  H  N N 165 
HIS HE2  H  N N 166 
HIS HXT  H  N N 167 
HKD OAA  O  N N 168 
HKD CAC  C  N N 169 
HKD OAD  O  N N 170 
HKD CAF  C  N N 171 
HKD CAG  C  N N 172 
HKD CAH  C  N N 173 
HKD OAI  O  N N 174 
HKD CAL  C  N N 175 
HKD OAM  O  N N 176 
HKD CAK  C  N N 177 
HKD OAN  O  N N 178 
HKD CAJ  C  N N 179 
HKD CAE  C  N N 180 
HKD CAB  C  N N 181 
HKD H1   H  N N 182 
HKD H2   H  N N 183 
HKD H3   H  N N 184 
HKD H4   H  N N 185 
HKD H5   H  N N 186 
HKD H6   H  N N 187 
HKD H7   H  N N 188 
HKD H8   H  N N 189 
HOH O    O  N N 190 
HOH H1   H  N N 191 
HOH H2   H  N N 192 
ILE N    N  N N 193 
ILE CA   C  N S 194 
ILE C    C  N N 195 
ILE O    O  N N 196 
ILE CB   C  N S 197 
ILE CG1  C  N N 198 
ILE CG2  C  N N 199 
ILE CD1  C  N N 200 
ILE OXT  O  N N 201 
ILE H    H  N N 202 
ILE H2   H  N N 203 
ILE HA   H  N N 204 
ILE HB   H  N N 205 
ILE HG12 H  N N 206 
ILE HG13 H  N N 207 
ILE HG21 H  N N 208 
ILE HG22 H  N N 209 
ILE HG23 H  N N 210 
ILE HD11 H  N N 211 
ILE HD12 H  N N 212 
ILE HD13 H  N N 213 
ILE HXT  H  N N 214 
LEU N    N  N N 215 
LEU CA   C  N S 216 
LEU C    C  N N 217 
LEU O    O  N N 218 
LEU CB   C  N N 219 
LEU CG   C  N N 220 
LEU CD1  C  N N 221 
LEU CD2  C  N N 222 
LEU OXT  O  N N 223 
LEU H    H  N N 224 
LEU H2   H  N N 225 
LEU HA   H  N N 226 
LEU HB2  H  N N 227 
LEU HB3  H  N N 228 
LEU HG   H  N N 229 
LEU HD11 H  N N 230 
LEU HD12 H  N N 231 
LEU HD13 H  N N 232 
LEU HD21 H  N N 233 
LEU HD22 H  N N 234 
LEU HD23 H  N N 235 
LEU HXT  H  N N 236 
LYS N    N  N N 237 
LYS CA   C  N S 238 
LYS C    C  N N 239 
LYS O    O  N N 240 
LYS CB   C  N N 241 
LYS CG   C  N N 242 
LYS CD   C  N N 243 
LYS CE   C  N N 244 
LYS NZ   N  N N 245 
LYS OXT  O  N N 246 
LYS H    H  N N 247 
LYS H2   H  N N 248 
LYS HA   H  N N 249 
LYS HB2  H  N N 250 
LYS HB3  H  N N 251 
LYS HG2  H  N N 252 
LYS HG3  H  N N 253 
LYS HD2  H  N N 254 
LYS HD3  H  N N 255 
LYS HE2  H  N N 256 
LYS HE3  H  N N 257 
LYS HZ1  H  N N 258 
LYS HZ2  H  N N 259 
LYS HZ3  H  N N 260 
LYS HXT  H  N N 261 
MET N    N  N N 262 
MET CA   C  N S 263 
MET C    C  N N 264 
MET O    O  N N 265 
MET CB   C  N N 266 
MET CG   C  N N 267 
MET SD   S  N N 268 
MET CE   C  N N 269 
MET OXT  O  N N 270 
MET H    H  N N 271 
MET H2   H  N N 272 
MET HA   H  N N 273 
MET HB2  H  N N 274 
MET HB3  H  N N 275 
MET HG2  H  N N 276 
MET HG3  H  N N 277 
MET HE1  H  N N 278 
MET HE2  H  N N 279 
MET HE3  H  N N 280 
MET HXT  H  N N 281 
MN  MN   MN N N 282 
PHE N    N  N N 283 
PHE CA   C  N S 284 
PHE C    C  N N 285 
PHE O    O  N N 286 
PHE CB   C  N N 287 
PHE CG   C  Y N 288 
PHE CD1  C  Y N 289 
PHE CD2  C  Y N 290 
PHE CE1  C  Y N 291 
PHE CE2  C  Y N 292 
PHE CZ   C  Y N 293 
PHE OXT  O  N N 294 
PHE H    H  N N 295 
PHE H2   H  N N 296 
PHE HA   H  N N 297 
PHE HB2  H  N N 298 
PHE HB3  H  N N 299 
PHE HD1  H  N N 300 
PHE HD2  H  N N 301 
PHE HE1  H  N N 302 
PHE HE2  H  N N 303 
PHE HZ   H  N N 304 
PHE HXT  H  N N 305 
PRO N    N  N N 306 
PRO CA   C  N S 307 
PRO C    C  N N 308 
PRO O    O  N N 309 
PRO CB   C  N N 310 
PRO CG   C  N N 311 
PRO CD   C  N N 312 
PRO OXT  O  N N 313 
PRO H    H  N N 314 
PRO HA   H  N N 315 
PRO HB2  H  N N 316 
PRO HB3  H  N N 317 
PRO HG2  H  N N 318 
PRO HG3  H  N N 319 
PRO HD2  H  N N 320 
PRO HD3  H  N N 321 
PRO HXT  H  N N 322 
SER N    N  N N 323 
SER CA   C  N S 324 
SER C    C  N N 325 
SER O    O  N N 326 
SER CB   C  N N 327 
SER OG   O  N N 328 
SER OXT  O  N N 329 
SER H    H  N N 330 
SER H2   H  N N 331 
SER HA   H  N N 332 
SER HB2  H  N N 333 
SER HB3  H  N N 334 
SER HG   H  N N 335 
SER HXT  H  N N 336 
THR N    N  N N 337 
THR CA   C  N S 338 
THR C    C  N N 339 
THR O    O  N N 340 
THR CB   C  N R 341 
THR OG1  O  N N 342 
THR CG2  C  N N 343 
THR OXT  O  N N 344 
THR H    H  N N 345 
THR H2   H  N N 346 
THR HA   H  N N 347 
THR HB   H  N N 348 
THR HG1  H  N N 349 
THR HG21 H  N N 350 
THR HG22 H  N N 351 
THR HG23 H  N N 352 
THR HXT  H  N N 353 
TRP N    N  N N 354 
TRP CA   C  N S 355 
TRP C    C  N N 356 
TRP O    O  N N 357 
TRP CB   C  N N 358 
TRP CG   C  Y N 359 
TRP CD1  C  Y N 360 
TRP CD2  C  Y N 361 
TRP NE1  N  Y N 362 
TRP CE2  C  Y N 363 
TRP CE3  C  Y N 364 
TRP CZ2  C  Y N 365 
TRP CZ3  C  Y N 366 
TRP CH2  C  Y N 367 
TRP OXT  O  N N 368 
TRP H    H  N N 369 
TRP H2   H  N N 370 
TRP HA   H  N N 371 
TRP HB2  H  N N 372 
TRP HB3  H  N N 373 
TRP HD1  H  N N 374 
TRP HE1  H  N N 375 
TRP HE3  H  N N 376 
TRP HZ2  H  N N 377 
TRP HZ3  H  N N 378 
TRP HH2  H  N N 379 
TRP HXT  H  N N 380 
TYR N    N  N N 381 
TYR CA   C  N S 382 
TYR C    C  N N 383 
TYR O    O  N N 384 
TYR CB   C  N N 385 
TYR CG   C  Y N 386 
TYR CD1  C  Y N 387 
TYR CD2  C  Y N 388 
TYR CE1  C  Y N 389 
TYR CE2  C  Y N 390 
TYR CZ   C  Y N 391 
TYR OH   O  N N 392 
TYR OXT  O  N N 393 
TYR H    H  N N 394 
TYR H2   H  N N 395 
TYR HA   H  N N 396 
TYR HB2  H  N N 397 
TYR HB3  H  N N 398 
TYR HD1  H  N N 399 
TYR HD2  H  N N 400 
TYR HE1  H  N N 401 
TYR HE2  H  N N 402 
TYR HH   H  N N 403 
TYR HXT  H  N N 404 
VAL N    N  N N 405 
VAL CA   C  N S 406 
VAL C    C  N N 407 
VAL O    O  N N 408 
VAL CB   C  N N 409 
VAL CG1  C  N N 410 
VAL CG2  C  N N 411 
VAL OXT  O  N N 412 
VAL H    H  N N 413 
VAL H2   H  N N 414 
VAL HA   H  N N 415 
VAL HB   H  N N 416 
VAL HG11 H  N N 417 
VAL HG12 H  N N 418 
VAL HG13 H  N N 419 
VAL HG21 H  N N 420 
VAL HG22 H  N N 421 
VAL HG23 H  N N 422 
VAL HXT  H  N N 423 
# 
loop_
_chem_comp_bond.comp_id 
_chem_comp_bond.atom_id_1 
_chem_comp_bond.atom_id_2 
_chem_comp_bond.value_order 
_chem_comp_bond.pdbx_aromatic_flag 
_chem_comp_bond.pdbx_stereo_config 
_chem_comp_bond.pdbx_ordinal 
ALA N   CA   sing N N 1   
ALA N   H    sing N N 2   
ALA N   H2   sing N N 3   
ALA CA  C    sing N N 4   
ALA CA  CB   sing N N 5   
ALA CA  HA   sing N N 6   
ALA C   O    doub N N 7   
ALA C   OXT  sing N N 8   
ALA CB  HB1  sing N N 9   
ALA CB  HB2  sing N N 10  
ALA CB  HB3  sing N N 11  
ALA OXT HXT  sing N N 12  
ARG N   CA   sing N N 13  
ARG N   H    sing N N 14  
ARG N   H2   sing N N 15  
ARG CA  C    sing N N 16  
ARG CA  CB   sing N N 17  
ARG CA  HA   sing N N 18  
ARG C   O    doub N N 19  
ARG C   OXT  sing N N 20  
ARG CB  CG   sing N N 21  
ARG CB  HB2  sing N N 22  
ARG CB  HB3  sing N N 23  
ARG CG  CD   sing N N 24  
ARG CG  HG2  sing N N 25  
ARG CG  HG3  sing N N 26  
ARG CD  NE   sing N N 27  
ARG CD  HD2  sing N N 28  
ARG CD  HD3  sing N N 29  
ARG NE  CZ   sing N N 30  
ARG NE  HE   sing N N 31  
ARG CZ  NH1  sing N N 32  
ARG CZ  NH2  doub N N 33  
ARG NH1 HH11 sing N N 34  
ARG NH1 HH12 sing N N 35  
ARG NH2 HH21 sing N N 36  
ARG NH2 HH22 sing N N 37  
ARG OXT HXT  sing N N 38  
ASN N   CA   sing N N 39  
ASN N   H    sing N N 40  
ASN N   H2   sing N N 41  
ASN CA  C    sing N N 42  
ASN CA  CB   sing N N 43  
ASN CA  HA   sing N N 44  
ASN C   O    doub N N 45  
ASN C   OXT  sing N N 46  
ASN CB  CG   sing N N 47  
ASN CB  HB2  sing N N 48  
ASN CB  HB3  sing N N 49  
ASN CG  OD1  doub N N 50  
ASN CG  ND2  sing N N 51  
ASN ND2 HD21 sing N N 52  
ASN ND2 HD22 sing N N 53  
ASN OXT HXT  sing N N 54  
ASP N   CA   sing N N 55  
ASP N   H    sing N N 56  
ASP N   H2   sing N N 57  
ASP CA  C    sing N N 58  
ASP CA  CB   sing N N 59  
ASP CA  HA   sing N N 60  
ASP C   O    doub N N 61  
ASP C   OXT  sing N N 62  
ASP CB  CG   sing N N 63  
ASP CB  HB2  sing N N 64  
ASP CB  HB3  sing N N 65  
ASP CG  OD1  doub N N 66  
ASP CG  OD2  sing N N 67  
ASP OD2 HD2  sing N N 68  
ASP OXT HXT  sing N N 69  
CYS N   CA   sing N N 70  
CYS N   H    sing N N 71  
CYS N   H2   sing N N 72  
CYS CA  C    sing N N 73  
CYS CA  CB   sing N N 74  
CYS CA  HA   sing N N 75  
CYS C   O    doub N N 76  
CYS C   OXT  sing N N 77  
CYS CB  SG   sing N N 78  
CYS CB  HB2  sing N N 79  
CYS CB  HB3  sing N N 80  
CYS SG  HG   sing N N 81  
CYS OXT HXT  sing N N 82  
EDO C1  O1   sing N N 83  
EDO C1  C2   sing N N 84  
EDO C1  H11  sing N N 85  
EDO C1  H12  sing N N 86  
EDO O1  HO1  sing N N 87  
EDO C2  O2   sing N N 88  
EDO C2  H21  sing N N 89  
EDO C2  H22  sing N N 90  
EDO O2  HO2  sing N N 91  
GLN N   CA   sing N N 92  
GLN N   H    sing N N 93  
GLN N   H2   sing N N 94  
GLN CA  C    sing N N 95  
GLN CA  CB   sing N N 96  
GLN CA  HA   sing N N 97  
GLN C   O    doub N N 98  
GLN C   OXT  sing N N 99  
GLN CB  CG   sing N N 100 
GLN CB  HB2  sing N N 101 
GLN CB  HB3  sing N N 102 
GLN CG  CD   sing N N 103 
GLN CG  HG2  sing N N 104 
GLN CG  HG3  sing N N 105 
GLN CD  OE1  doub N N 106 
GLN CD  NE2  sing N N 107 
GLN NE2 HE21 sing N N 108 
GLN NE2 HE22 sing N N 109 
GLN OXT HXT  sing N N 110 
GLU N   CA   sing N N 111 
GLU N   H    sing N N 112 
GLU N   H2   sing N N 113 
GLU CA  C    sing N N 114 
GLU CA  CB   sing N N 115 
GLU CA  HA   sing N N 116 
GLU C   O    doub N N 117 
GLU C   OXT  sing N N 118 
GLU CB  CG   sing N N 119 
GLU CB  HB2  sing N N 120 
GLU CB  HB3  sing N N 121 
GLU CG  CD   sing N N 122 
GLU CG  HG2  sing N N 123 
GLU CG  HG3  sing N N 124 
GLU CD  OE1  doub N N 125 
GLU CD  OE2  sing N N 126 
GLU OE2 HE2  sing N N 127 
GLU OXT HXT  sing N N 128 
GLY N   CA   sing N N 129 
GLY N   H    sing N N 130 
GLY N   H2   sing N N 131 
GLY CA  C    sing N N 132 
GLY CA  HA2  sing N N 133 
GLY CA  HA3  sing N N 134 
GLY C   O    doub N N 135 
GLY C   OXT  sing N N 136 
GLY OXT HXT  sing N N 137 
HIS N   CA   sing N N 138 
HIS N   H    sing N N 139 
HIS N   H2   sing N N 140 
HIS CA  C    sing N N 141 
HIS CA  CB   sing N N 142 
HIS CA  HA   sing N N 143 
HIS C   O    doub N N 144 
HIS C   OXT  sing N N 145 
HIS CB  CG   sing N N 146 
HIS CB  HB2  sing N N 147 
HIS CB  HB3  sing N N 148 
HIS CG  ND1  sing Y N 149 
HIS CG  CD2  doub Y N 150 
HIS ND1 CE1  doub Y N 151 
HIS ND1 HD1  sing N N 152 
HIS CD2 NE2  sing Y N 153 
HIS CD2 HD2  sing N N 154 
HIS CE1 NE2  sing Y N 155 
HIS CE1 HE1  sing N N 156 
HIS NE2 HE2  sing N N 157 
HIS OXT HXT  sing N N 158 
HKD OAN CAK  sing N N 159 
HKD OAM CAL  doub N N 160 
HKD CAK CAL  sing N N 161 
HKD CAK CAJ  doub N N 162 
HKD CAL CAH  sing N N 163 
HKD CAJ CAE  sing N N 164 
HKD OAI CAH  sing N N 165 
HKD CAH CAG  doub N N 166 
HKD CAE CAB  sing N N 167 
HKD CAE CAF  doub N N 168 
HKD CAG CAF  sing N N 169 
HKD CAF CAC  sing N N 170 
HKD CAC OAD  doub N N 171 
HKD CAC OAA  sing N N 172 
HKD OAA H1   sing N N 173 
HKD CAG H2   sing N N 174 
HKD OAI H3   sing N N 175 
HKD OAN H4   sing N N 176 
HKD CAJ H5   sing N N 177 
HKD CAB H6   sing N N 178 
HKD CAB H7   sing N N 179 
HKD CAB H8   sing N N 180 
HOH O   H1   sing N N 181 
HOH O   H2   sing N N 182 
ILE N   CA   sing N N 183 
ILE N   H    sing N N 184 
ILE N   H2   sing N N 185 
ILE CA  C    sing N N 186 
ILE CA  CB   sing N N 187 
ILE CA  HA   sing N N 188 
ILE C   O    doub N N 189 
ILE C   OXT  sing N N 190 
ILE CB  CG1  sing N N 191 
ILE CB  CG2  sing N N 192 
ILE CB  HB   sing N N 193 
ILE CG1 CD1  sing N N 194 
ILE CG1 HG12 sing N N 195 
ILE CG1 HG13 sing N N 196 
ILE CG2 HG21 sing N N 197 
ILE CG2 HG22 sing N N 198 
ILE CG2 HG23 sing N N 199 
ILE CD1 HD11 sing N N 200 
ILE CD1 HD12 sing N N 201 
ILE CD1 HD13 sing N N 202 
ILE OXT HXT  sing N N 203 
LEU N   CA   sing N N 204 
LEU N   H    sing N N 205 
LEU N   H2   sing N N 206 
LEU CA  C    sing N N 207 
LEU CA  CB   sing N N 208 
LEU CA  HA   sing N N 209 
LEU C   O    doub N N 210 
LEU C   OXT  sing N N 211 
LEU CB  CG   sing N N 212 
LEU CB  HB2  sing N N 213 
LEU CB  HB3  sing N N 214 
LEU CG  CD1  sing N N 215 
LEU CG  CD2  sing N N 216 
LEU CG  HG   sing N N 217 
LEU CD1 HD11 sing N N 218 
LEU CD1 HD12 sing N N 219 
LEU CD1 HD13 sing N N 220 
LEU CD2 HD21 sing N N 221 
LEU CD2 HD22 sing N N 222 
LEU CD2 HD23 sing N N 223 
LEU OXT HXT  sing N N 224 
LYS N   CA   sing N N 225 
LYS N   H    sing N N 226 
LYS N   H2   sing N N 227 
LYS CA  C    sing N N 228 
LYS CA  CB   sing N N 229 
LYS CA  HA   sing N N 230 
LYS C   O    doub N N 231 
LYS C   OXT  sing N N 232 
LYS CB  CG   sing N N 233 
LYS CB  HB2  sing N N 234 
LYS CB  HB3  sing N N 235 
LYS CG  CD   sing N N 236 
LYS CG  HG2  sing N N 237 
LYS CG  HG3  sing N N 238 
LYS CD  CE   sing N N 239 
LYS CD  HD2  sing N N 240 
LYS CD  HD3  sing N N 241 
LYS CE  NZ   sing N N 242 
LYS CE  HE2  sing N N 243 
LYS CE  HE3  sing N N 244 
LYS NZ  HZ1  sing N N 245 
LYS NZ  HZ2  sing N N 246 
LYS NZ  HZ3  sing N N 247 
LYS OXT HXT  sing N N 248 
MET N   CA   sing N N 249 
MET N   H    sing N N 250 
MET N   H2   sing N N 251 
MET CA  C    sing N N 252 
MET CA  CB   sing N N 253 
MET CA  HA   sing N N 254 
MET C   O    doub N N 255 
MET C   OXT  sing N N 256 
MET CB  CG   sing N N 257 
MET CB  HB2  sing N N 258 
MET CB  HB3  sing N N 259 
MET CG  SD   sing N N 260 
MET CG  HG2  sing N N 261 
MET CG  HG3  sing N N 262 
MET SD  CE   sing N N 263 
MET CE  HE1  sing N N 264 
MET CE  HE2  sing N N 265 
MET CE  HE3  sing N N 266 
MET OXT HXT  sing N N 267 
PHE N   CA   sing N N 268 
PHE N   H    sing N N 269 
PHE N   H2   sing N N 270 
PHE CA  C    sing N N 271 
PHE CA  CB   sing N N 272 
PHE CA  HA   sing N N 273 
PHE C   O    doub N N 274 
PHE C   OXT  sing N N 275 
PHE CB  CG   sing N N 276 
PHE CB  HB2  sing N N 277 
PHE CB  HB3  sing N N 278 
PHE CG  CD1  doub Y N 279 
PHE CG  CD2  sing Y N 280 
PHE CD1 CE1  sing Y N 281 
PHE CD1 HD1  sing N N 282 
PHE CD2 CE2  doub Y N 283 
PHE CD2 HD2  sing N N 284 
PHE CE1 CZ   doub Y N 285 
PHE CE1 HE1  sing N N 286 
PHE CE2 CZ   sing Y N 287 
PHE CE2 HE2  sing N N 288 
PHE CZ  HZ   sing N N 289 
PHE OXT HXT  sing N N 290 
PRO N   CA   sing N N 291 
PRO N   CD   sing N N 292 
PRO N   H    sing N N 293 
PRO CA  C    sing N N 294 
PRO CA  CB   sing N N 295 
PRO CA  HA   sing N N 296 
PRO C   O    doub N N 297 
PRO C   OXT  sing N N 298 
PRO CB  CG   sing N N 299 
PRO CB  HB2  sing N N 300 
PRO CB  HB3  sing N N 301 
PRO CG  CD   sing N N 302 
PRO CG  HG2  sing N N 303 
PRO CG  HG3  sing N N 304 
PRO CD  HD2  sing N N 305 
PRO CD  HD3  sing N N 306 
PRO OXT HXT  sing N N 307 
SER N   CA   sing N N 308 
SER N   H    sing N N 309 
SER N   H2   sing N N 310 
SER CA  C    sing N N 311 
SER CA  CB   sing N N 312 
SER CA  HA   sing N N 313 
SER C   O    doub N N 314 
SER C   OXT  sing N N 315 
SER CB  OG   sing N N 316 
SER CB  HB2  sing N N 317 
SER CB  HB3  sing N N 318 
SER OG  HG   sing N N 319 
SER OXT HXT  sing N N 320 
THR N   CA   sing N N 321 
THR N   H    sing N N 322 
THR N   H2   sing N N 323 
THR CA  C    sing N N 324 
THR CA  CB   sing N N 325 
THR CA  HA   sing N N 326 
THR C   O    doub N N 327 
THR C   OXT  sing N N 328 
THR CB  OG1  sing N N 329 
THR CB  CG2  sing N N 330 
THR CB  HB   sing N N 331 
THR OG1 HG1  sing N N 332 
THR CG2 HG21 sing N N 333 
THR CG2 HG22 sing N N 334 
THR CG2 HG23 sing N N 335 
THR OXT HXT  sing N N 336 
TRP N   CA   sing N N 337 
TRP N   H    sing N N 338 
TRP N   H2   sing N N 339 
TRP CA  C    sing N N 340 
TRP CA  CB   sing N N 341 
TRP CA  HA   sing N N 342 
TRP C   O    doub N N 343 
TRP C   OXT  sing N N 344 
TRP CB  CG   sing N N 345 
TRP CB  HB2  sing N N 346 
TRP CB  HB3  sing N N 347 
TRP CG  CD1  doub Y N 348 
TRP CG  CD2  sing Y N 349 
TRP CD1 NE1  sing Y N 350 
TRP CD1 HD1  sing N N 351 
TRP CD2 CE2  doub Y N 352 
TRP CD2 CE3  sing Y N 353 
TRP NE1 CE2  sing Y N 354 
TRP NE1 HE1  sing N N 355 
TRP CE2 CZ2  sing Y N 356 
TRP CE3 CZ3  doub Y N 357 
TRP CE3 HE3  sing N N 358 
TRP CZ2 CH2  doub Y N 359 
TRP CZ2 HZ2  sing N N 360 
TRP CZ3 CH2  sing Y N 361 
TRP CZ3 HZ3  sing N N 362 
TRP CH2 HH2  sing N N 363 
TRP OXT HXT  sing N N 364 
TYR N   CA   sing N N 365 
TYR N   H    sing N N 366 
TYR N   H2   sing N N 367 
TYR CA  C    sing N N 368 
TYR CA  CB   sing N N 369 
TYR CA  HA   sing N N 370 
TYR C   O    doub N N 371 
TYR C   OXT  sing N N 372 
TYR CB  CG   sing N N 373 
TYR CB  HB2  sing N N 374 
TYR CB  HB3  sing N N 375 
TYR CG  CD1  doub Y N 376 
TYR CG  CD2  sing Y N 377 
TYR CD1 CE1  sing Y N 378 
TYR CD1 HD1  sing N N 379 
TYR CD2 CE2  doub Y N 380 
TYR CD2 HD2  sing N N 381 
TYR CE1 CZ   doub Y N 382 
TYR CE1 HE1  sing N N 383 
TYR CE2 CZ   sing Y N 384 
TYR CE2 HE2  sing N N 385 
TYR CZ  OH   sing N N 386 
TYR OH  HH   sing N N 387 
TYR OXT HXT  sing N N 388 
VAL N   CA   sing N N 389 
VAL N   H    sing N N 390 
VAL N   H2   sing N N 391 
VAL CA  C    sing N N 392 
VAL CA  CB   sing N N 393 
VAL CA  HA   sing N N 394 
VAL C   O    doub N N 395 
VAL C   OXT  sing N N 396 
VAL CB  CG1  sing N N 397 
VAL CB  CG2  sing N N 398 
VAL CB  HB   sing N N 399 
VAL CG1 HG11 sing N N 400 
VAL CG1 HG12 sing N N 401 
VAL CG1 HG13 sing N N 402 
VAL CG2 HG21 sing N N 403 
VAL CG2 HG22 sing N N 404 
VAL CG2 HG23 sing N N 405 
VAL OXT HXT  sing N N 406 
# 
_pdbx_audit_support.funding_organization   
'National Institutes of Health/National Institute of General Medical Sciences (NIH/NIGMS)' 
_pdbx_audit_support.country                'United States' 
_pdbx_audit_support.grant_number           R01GM098435 
_pdbx_audit_support.ordinal                1 
# 
_pdbx_entity_instance_feature.ordinal        1 
_pdbx_entity_instance_feature.comp_id        HKD 
_pdbx_entity_instance_feature.asym_id        ? 
_pdbx_entity_instance_feature.seq_num        ? 
_pdbx_entity_instance_feature.auth_comp_id   HKD 
_pdbx_entity_instance_feature.auth_asym_id   ? 
_pdbx_entity_instance_feature.auth_seq_num   ? 
_pdbx_entity_instance_feature.feature_type   'SUBJECT OF INVESTIGATION' 
_pdbx_entity_instance_feature.details        ? 
# 
loop_
_pdbx_entity_nonpoly.entity_id 
_pdbx_entity_nonpoly.name 
_pdbx_entity_nonpoly.comp_id 
2 'MANGANESE (II) ION'                                                    MN  
3 '4,6-dihydroxy-2-methyl-5-oxocyclohepta-1,3,6-triene-1-carboxylic acid' HKD 
4 1,2-ETHANEDIOL                                                          EDO 
5 water                                                                   HOH 
# 
_pdbx_initial_refinement_model.id               1 
_pdbx_initial_refinement_model.entity_id_list   ? 
_pdbx_initial_refinement_model.type             'experimental model' 
_pdbx_initial_refinement_model.source_name      PDB 
_pdbx_initial_refinement_model.accession_code   4AWM 
_pdbx_initial_refinement_model.details          'PDB entry 4AWM' 
# 
_pdbx_struct_assembly_auth_evidence.id                     1 
_pdbx_struct_assembly_auth_evidence.assembly_id            1 
_pdbx_struct_assembly_auth_evidence.experimental_support   none 
_pdbx_struct_assembly_auth_evidence.details                ? 
# 
